data_6YA4
#
_entry.id   6YA4
#
_cell.length_a   78.612
_cell.length_b   304.386
_cell.length_c   128.383
_cell.angle_alpha   90.000
_cell.angle_beta   90.000
_cell.angle_gamma   90.000
#
_symmetry.space_group_name_H-M   'C 2 2 21'
#
loop_
_entity.id
_entity.type
_entity.pdbx_description
1 polymer Lipoprotein
2 non-polymer 4-AMINO-1-BETA-D-RIBOFURANOSYL-2(1H)-PYRIMIDINONE
3 non-polymer 'NICKEL (II) ION'
4 non-polymer 'ACETATE ION'
5 non-polymer DI(HYDROXYETHYL)ETHER
6 water water
#
_entity_poly.entity_id   1
_entity_poly.type   'polypeptide(L)'
_entity_poly.pdbx_seq_one_letter_code
;GSSHHHHHHMSGENLYFQGASAAIVTDTGGVDDKSFNQSAWEGLQAWGKEHNLSKDNGFTYFQSTSEADYANNLQQAAGS
YNLIFGVGFALNNAVKDAAKEHTDLNYVLIDDVIKDQKNVASVTFADNESGYLAGVAAAKTTKTKQVGFVGGIESEVISR
FEAGFKAGVASVDPSIKVQVDYAGSFGDAAKGKTIAAAQYAAGADIVYQVAGGTGAGVFAEAKSLNESRPENEKVWVIGV
DRDQEAEGKYTSKDGKESNFVLVSTLKQVGTTVKDISNKAERGEFPGGQVIVYSLKDKGVDLAVTNLSEEGKKAVEDAKA
KILDGSVKVPEK
;
_entity_poly.pdbx_strand_id   C,A,B,D
#
# COMPACT_ATOMS: atom_id res chain seq x y z
N GLY A 1 -55.72 -13.85 11.10
CA GLY A 1 -56.85 -14.69 11.53
C GLY A 1 -56.34 -15.87 12.36
N SER A 2 -57.24 -16.45 13.14
CA SER A 2 -57.04 -17.60 14.05
C SER A 2 -56.57 -18.80 13.24
N SER A 3 -57.19 -19.01 12.08
CA SER A 3 -56.72 -20.08 11.15
C SER A 3 -56.86 -19.64 9.70
N HIS A 4 -56.19 -20.34 8.81
CA HIS A 4 -56.11 -20.00 7.37
C HIS A 4 -56.07 -21.27 6.53
N HIS A 5 -57.14 -22.08 6.62
CA HIS A 5 -57.17 -23.44 6.04
C HIS A 5 -57.11 -23.36 4.50
N HIS A 6 -57.82 -22.41 3.87
CA HIS A 6 -57.80 -22.19 2.39
C HIS A 6 -56.60 -21.31 2.06
N HIS A 7 -55.45 -21.92 1.80
CA HIS A 7 -54.18 -21.19 1.61
C HIS A 7 -53.44 -21.77 0.42
N HIS A 8 -52.57 -20.98 -0.20
CA HIS A 8 -51.68 -21.44 -1.29
C HIS A 8 -50.28 -20.89 -1.06
N HIS A 9 -49.30 -21.73 -1.34
CA HIS A 9 -47.87 -21.39 -1.22
C HIS A 9 -47.46 -20.47 -2.38
N MET A 10 -46.72 -19.42 -2.07
CA MET A 10 -46.04 -18.60 -3.08
C MET A 10 -44.53 -18.74 -2.94
N SER A 11 -43.92 -19.31 -3.96
CA SER A 11 -42.44 -19.46 -4.07
C SER A 11 -41.80 -18.08 -4.09
N GLY A 12 -40.70 -17.90 -3.35
CA GLY A 12 -39.86 -16.69 -3.33
C GLY A 12 -39.39 -16.26 -4.70
N GLU A 13 -39.23 -17.19 -5.64
CA GLU A 13 -38.77 -16.86 -7.01
C GLU A 13 -39.86 -16.10 -7.77
N ASN A 14 -41.13 -16.23 -7.41
CA ASN A 14 -42.25 -15.57 -8.14
C ASN A 14 -42.64 -14.24 -7.49
N LEU A 15 -42.15 -13.94 -6.31
CA LEU A 15 -42.62 -12.80 -5.50
C LEU A 15 -41.79 -11.58 -5.83
N TYR A 16 -42.40 -10.41 -5.86
CA TYR A 16 -41.60 -9.17 -5.90
C TYR A 16 -42.36 -8.05 -5.17
N PHE A 17 -41.59 -7.12 -4.63
CA PHE A 17 -42.09 -5.83 -4.10
C PHE A 17 -42.01 -4.74 -5.17
N GLN A 18 -43.13 -4.08 -5.48
CA GLN A 18 -43.17 -2.96 -6.44
C GLN A 18 -42.58 -1.72 -5.76
N GLY A 19 -41.54 -1.15 -6.37
CA GLY A 19 -40.91 0.07 -5.86
C GLY A 19 -41.66 1.31 -6.32
N ALA A 20 -41.31 2.45 -5.75
CA ALA A 20 -41.79 3.81 -6.09
C ALA A 20 -40.56 4.63 -6.54
N SER A 21 -40.78 5.78 -7.12
CA SER A 21 -39.73 6.77 -7.47
C SER A 21 -40.10 8.08 -6.78
N ALA A 22 -39.17 8.66 -6.04
CA ALA A 22 -39.40 9.87 -5.21
C ALA A 22 -38.53 11.04 -5.66
N ALA A 23 -39.09 12.23 -5.66
CA ALA A 23 -38.38 13.48 -6.02
C ALA A 23 -38.71 14.54 -4.99
N ILE A 24 -37.73 15.38 -4.69
CA ILE A 24 -37.96 16.65 -3.97
C ILE A 24 -37.96 17.82 -4.98
N VAL A 25 -38.89 18.75 -4.78
CA VAL A 25 -38.95 20.09 -5.42
C VAL A 25 -38.61 21.11 -4.35
N THR A 26 -37.58 21.88 -4.61
CA THR A 26 -37.03 22.93 -3.73
C THR A 26 -37.93 24.18 -3.83
N ASP A 27 -38.00 25.03 -2.80
CA ASP A 27 -38.72 26.32 -2.84
C ASP A 27 -37.78 27.42 -3.36
N THR A 28 -36.48 27.20 -3.25
CA THR A 28 -35.40 28.11 -3.69
C THR A 28 -34.05 27.47 -3.40
N GLY A 29 -33.10 27.68 -4.30
CA GLY A 29 -31.70 27.26 -4.12
C GLY A 29 -31.54 25.76 -4.32
N GLY A 30 -30.31 25.31 -4.09
CA GLY A 30 -29.96 23.90 -4.34
C GLY A 30 -30.03 23.10 -3.06
N VAL A 31 -29.31 22.01 -3.13
CA VAL A 31 -29.30 20.91 -2.16
C VAL A 31 -27.99 20.97 -1.36
N ASP A 32 -27.31 22.13 -1.42
CA ASP A 32 -26.04 22.45 -0.70
C ASP A 32 -26.18 23.66 0.24
N ASP A 33 -27.37 23.94 0.79
CA ASP A 33 -27.66 25.09 1.70
C ASP A 33 -27.17 24.81 3.13
N LYS A 34 -26.56 23.64 3.36
CA LYS A 34 -26.06 23.21 4.69
C LYS A 34 -27.18 23.15 5.74
N SER A 35 -28.44 23.20 5.30
CA SER A 35 -29.56 23.21 6.26
C SER A 35 -30.78 22.42 5.75
N PHE A 36 -31.86 23.13 5.51
CA PHE A 36 -33.19 22.60 5.15
C PHE A 36 -33.17 21.69 3.92
N ASN A 37 -32.81 22.25 2.78
CA ASN A 37 -32.76 21.54 1.49
C ASN A 37 -31.77 20.37 1.56
N GLN A 38 -30.62 20.57 2.18
CA GLN A 38 -29.56 19.54 2.25
C GLN A 38 -30.08 18.38 3.09
N SER A 39 -30.75 18.65 4.21
CA SER A 39 -31.27 17.60 5.12
C SER A 39 -32.26 16.72 4.32
N ALA A 40 -33.15 17.36 3.57
CA ALA A 40 -34.18 16.69 2.73
C ALA A 40 -33.48 15.77 1.71
N TRP A 41 -32.50 16.32 1.03
CA TRP A 41 -31.74 15.62 -0.04
C TRP A 41 -30.94 14.45 0.52
N GLU A 42 -30.24 14.60 1.65
CA GLU A 42 -29.45 13.49 2.23
C GLU A 42 -30.41 12.37 2.61
N GLY A 43 -31.61 12.74 3.04
CA GLY A 43 -32.70 11.80 3.32
C GLY A 43 -33.03 10.99 2.10
N LEU A 44 -33.25 11.68 0.99
CA LEU A 44 -33.73 11.06 -0.24
C LEU A 44 -32.62 10.16 -0.79
N GLN A 45 -31.35 10.60 -0.66
CA GLN A 45 -30.16 9.83 -1.09
C GLN A 45 -30.04 8.55 -0.27
N ALA A 46 -30.30 8.64 1.04
CA ALA A 46 -30.23 7.47 1.94
C ALA A 46 -31.30 6.48 1.53
N TRP A 47 -32.50 7.00 1.23
CA TRP A 47 -33.62 6.15 0.76
C TRP A 47 -33.20 5.44 -0.53
N GLY A 48 -32.67 6.19 -1.49
CA GLY A 48 -32.18 5.65 -2.77
C GLY A 48 -31.17 4.53 -2.55
N LYS A 49 -30.20 4.72 -1.65
CA LYS A 49 -29.16 3.69 -1.35
C LYS A 49 -29.82 2.42 -0.80
N GLU A 50 -30.77 2.58 0.11
CA GLU A 50 -31.50 1.42 0.69
C GLU A 50 -32.22 0.67 -0.44
N HIS A 51 -32.67 1.34 -1.50
CA HIS A 51 -33.53 0.73 -2.55
C HIS A 51 -32.71 0.40 -3.81
N ASN A 52 -31.39 0.52 -3.76
CA ASN A 52 -30.46 0.19 -4.87
C ASN A 52 -30.65 1.14 -6.06
N LEU A 53 -30.98 2.40 -5.81
CA LEU A 53 -31.31 3.40 -6.86
C LEU A 53 -30.13 4.37 -7.05
N SER A 54 -30.22 5.26 -8.03
CA SER A 54 -29.24 6.35 -8.19
C SER A 54 -29.94 7.60 -8.72
N LYS A 55 -29.25 8.74 -8.65
CA LYS A 55 -29.80 10.05 -9.08
C LYS A 55 -30.29 9.91 -10.51
N ASP A 56 -31.52 10.34 -10.76
CA ASP A 56 -32.23 10.29 -12.06
C ASP A 56 -32.54 8.86 -12.47
N ASN A 57 -32.27 7.87 -11.60
CA ASN A 57 -32.75 6.46 -11.75
C ASN A 57 -33.42 5.99 -10.45
N GLY A 58 -34.48 6.69 -10.04
CA GLY A 58 -35.33 6.31 -8.89
C GLY A 58 -35.55 7.46 -7.93
N PHE A 59 -34.64 8.42 -7.88
CA PHE A 59 -34.82 9.67 -7.08
C PHE A 59 -34.06 10.85 -7.73
N THR A 60 -34.51 12.06 -7.46
CA THR A 60 -33.86 13.30 -7.95
C THR A 60 -34.40 14.53 -7.22
N TYR A 61 -33.79 15.68 -7.45
CA TYR A 61 -34.29 16.98 -6.96
C TYR A 61 -34.52 17.88 -8.17
N PHE A 62 -35.53 18.74 -8.11
CA PHE A 62 -35.81 19.82 -9.08
C PHE A 62 -35.61 21.14 -8.33
N GLN A 63 -34.58 21.86 -8.71
CA GLN A 63 -34.31 23.20 -8.13
C GLN A 63 -35.30 24.17 -8.77
N SER A 64 -36.07 24.89 -7.95
CA SER A 64 -36.98 25.98 -8.38
C SER A 64 -36.19 27.30 -8.51
N THR A 65 -36.35 28.01 -9.63
CA THR A 65 -35.69 29.31 -9.96
C THR A 65 -36.47 30.47 -9.33
N SER A 66 -37.79 30.33 -9.17
CA SER A 66 -38.71 31.34 -8.57
C SER A 66 -40.02 30.65 -8.23
N GLU A 67 -40.98 31.38 -7.65
CA GLU A 67 -42.34 30.87 -7.33
C GLU A 67 -43.01 30.40 -8.63
N ALA A 68 -42.78 31.12 -9.73
CA ALA A 68 -43.36 30.81 -11.05
C ALA A 68 -42.88 29.43 -11.51
N ASP A 69 -41.70 28.97 -11.09
CA ASP A 69 -41.14 27.67 -11.55
C ASP A 69 -41.74 26.45 -10.77
N TYR A 70 -42.40 26.65 -9.64
CA TYR A 70 -42.94 25.57 -8.77
C TYR A 70 -43.84 24.66 -9.61
N ALA A 71 -44.85 25.22 -10.26
CA ALA A 71 -45.83 24.45 -11.06
C ALA A 71 -45.10 23.63 -12.12
N ASN A 72 -44.10 24.21 -12.77
CA ASN A 72 -43.41 23.57 -13.91
C ASN A 72 -42.56 22.42 -13.36
N ASN A 73 -41.86 22.65 -12.24
CA ASN A 73 -41.06 21.58 -11.58
C ASN A 73 -42.00 20.44 -11.17
N LEU A 74 -43.16 20.71 -10.57
CA LEU A 74 -44.07 19.63 -10.11
C LEU A 74 -44.59 18.83 -11.32
N GLN A 75 -44.97 19.50 -12.40
CA GLN A 75 -45.46 18.85 -13.65
C GLN A 75 -44.35 18.00 -14.26
N GLN A 76 -43.11 18.49 -14.29
CA GLN A 76 -41.95 17.70 -14.78
C GLN A 76 -41.78 16.44 -13.91
N ALA A 77 -41.85 16.59 -12.59
CA ALA A 77 -41.67 15.49 -11.62
C ALA A 77 -42.69 14.39 -11.90
N ALA A 78 -43.92 14.75 -12.28
CA ALA A 78 -45.07 13.85 -12.51
C ALA A 78 -44.84 12.97 -13.74
N GLY A 79 -43.83 13.30 -14.56
CA GLY A 79 -43.42 12.46 -15.69
C GLY A 79 -42.83 11.12 -15.24
N SER A 80 -42.03 11.09 -14.17
CA SER A 80 -41.23 9.88 -13.80
C SER A 80 -41.41 9.50 -12.32
N TYR A 81 -41.92 10.38 -11.46
CA TYR A 81 -41.93 10.20 -9.99
C TYR A 81 -43.39 10.05 -9.55
N ASN A 82 -43.66 9.11 -8.64
CA ASN A 82 -45.03 8.89 -8.11
C ASN A 82 -45.08 9.27 -6.64
N LEU A 83 -43.98 9.75 -6.07
CA LEU A 83 -44.00 10.43 -4.78
C LEU A 83 -43.24 11.75 -4.93
N ILE A 84 -43.88 12.87 -4.68
CA ILE A 84 -43.25 14.20 -4.94
C ILE A 84 -43.37 15.04 -3.68
N PHE A 85 -42.24 15.46 -3.14
CA PHE A 85 -42.11 16.31 -1.94
C PHE A 85 -41.93 17.77 -2.38
N GLY A 86 -42.84 18.63 -1.93
CA GLY A 86 -42.64 20.08 -1.93
C GLY A 86 -41.99 20.49 -0.63
N VAL A 87 -40.73 20.86 -0.68
CA VAL A 87 -39.93 21.12 0.52
C VAL A 87 -39.97 22.63 0.77
N GLY A 88 -40.88 23.05 1.65
CA GLY A 88 -40.99 24.44 2.11
C GLY A 88 -42.41 24.90 2.01
N PHE A 89 -42.83 25.74 2.95
CA PHE A 89 -44.24 26.22 3.03
C PHE A 89 -44.62 26.93 1.72
N ALA A 90 -43.67 27.60 1.06
CA ALA A 90 -43.95 28.41 -0.16
C ALA A 90 -44.57 27.54 -1.26
N LEU A 91 -44.34 26.23 -1.25
CA LEU A 91 -44.89 25.29 -2.29
C LEU A 91 -46.36 24.92 -2.05
N ASN A 92 -46.98 25.43 -0.99
CA ASN A 92 -48.36 25.04 -0.61
C ASN A 92 -49.32 25.03 -1.83
N ASN A 93 -49.57 26.19 -2.42
CA ASN A 93 -50.60 26.35 -3.48
C ASN A 93 -50.24 25.49 -4.69
N ALA A 94 -48.99 25.50 -5.11
CA ALA A 94 -48.57 24.72 -6.28
C ALA A 94 -48.75 23.21 -6.00
N VAL A 95 -48.45 22.74 -4.79
CA VAL A 95 -48.61 21.27 -4.50
C VAL A 95 -50.09 20.92 -4.53
N LYS A 96 -50.94 21.79 -4.00
CA LYS A 96 -52.42 21.62 -3.98
C LYS A 96 -52.93 21.45 -5.41
N ASP A 97 -52.52 22.34 -6.33
CA ASP A 97 -52.98 22.28 -7.74
C ASP A 97 -52.43 21.01 -8.42
N ALA A 98 -51.17 20.66 -8.19
CA ALA A 98 -50.54 19.46 -8.77
C ALA A 98 -51.29 18.19 -8.28
N ALA A 99 -51.56 18.08 -6.98
CA ALA A 99 -52.27 16.89 -6.42
C ALA A 99 -53.64 16.72 -7.10
N LYS A 100 -54.35 17.83 -7.38
CA LYS A 100 -55.69 17.82 -8.04
C LYS A 100 -55.60 17.37 -9.51
N GLU A 101 -54.56 17.79 -10.24
CA GLU A 101 -54.27 17.35 -11.63
C GLU A 101 -53.93 15.86 -11.65
N HIS A 102 -53.13 15.37 -10.69
CA HIS A 102 -52.56 13.99 -10.69
C HIS A 102 -52.99 13.18 -9.45
N THR A 103 -54.23 12.70 -9.43
CA THR A 103 -54.88 12.04 -8.26
C THR A 103 -54.27 10.64 -8.07
N ASP A 104 -53.57 10.13 -9.09
CA ASP A 104 -52.90 8.81 -9.05
C ASP A 104 -51.48 8.94 -8.47
N LEU A 105 -50.98 10.14 -8.19
CA LEU A 105 -49.63 10.31 -7.61
C LEU A 105 -49.78 10.79 -6.17
N ASN A 106 -48.75 10.62 -5.35
CA ASN A 106 -48.74 11.07 -3.94
C ASN A 106 -47.81 12.28 -3.78
N TYR A 107 -48.27 13.28 -3.03
CA TYR A 107 -47.53 14.51 -2.73
C TYR A 107 -47.35 14.69 -1.23
N VAL A 108 -46.22 15.26 -0.84
CA VAL A 108 -45.95 15.64 0.56
C VAL A 108 -45.59 17.11 0.58
N LEU A 109 -46.23 17.88 1.47
CA LEU A 109 -45.84 19.28 1.74
C LEU A 109 -45.08 19.28 3.07
N ILE A 110 -43.84 19.72 3.02
CA ILE A 110 -43.00 19.88 4.23
C ILE A 110 -43.14 21.31 4.71
N ASP A 111 -43.43 21.45 6.01
CA ASP A 111 -43.59 22.70 6.81
C ASP A 111 -44.95 23.38 6.62
N ASP A 112 -45.95 22.74 6.03
CA ASP A 112 -47.27 23.42 5.90
C ASP A 112 -48.38 22.39 5.80
N VAL A 113 -49.64 22.82 5.91
CA VAL A 113 -50.81 21.91 5.88
C VAL A 113 -51.66 22.17 4.64
N ILE A 114 -51.98 21.10 3.92
CA ILE A 114 -53.07 21.06 2.90
C ILE A 114 -54.16 20.16 3.47
N LYS A 115 -55.40 20.65 3.54
CA LYS A 115 -56.56 19.88 4.04
C LYS A 115 -57.38 19.29 2.89
N ASP A 116 -57.99 18.12 3.14
CA ASP A 116 -59.11 17.54 2.33
C ASP A 116 -58.57 17.07 0.98
N GLN A 117 -57.31 16.63 0.91
CA GLN A 117 -56.72 16.11 -0.35
C GLN A 117 -56.11 14.75 -0.03
N LYS A 118 -56.73 13.69 -0.54
CA LYS A 118 -56.45 12.29 -0.15
C LYS A 118 -55.03 11.88 -0.56
N ASN A 119 -54.46 12.51 -1.60
CA ASN A 119 -53.12 12.14 -2.16
C ASN A 119 -52.08 13.16 -1.67
N VAL A 120 -52.39 13.92 -0.64
CA VAL A 120 -51.41 14.87 -0.03
C VAL A 120 -51.23 14.61 1.45
N ALA A 121 -49.99 14.48 1.88
CA ALA A 121 -49.65 14.38 3.33
C ALA A 121 -48.91 15.65 3.67
N SER A 122 -49.11 16.15 4.87
CA SER A 122 -48.53 17.41 5.36
C SER A 122 -47.64 17.05 6.53
N VAL A 123 -46.51 17.73 6.63
CA VAL A 123 -45.53 17.48 7.72
C VAL A 123 -45.19 18.82 8.34
N THR A 124 -45.34 18.93 9.64
CA THR A 124 -44.96 20.11 10.42
C THR A 124 -43.98 19.69 11.49
N PHE A 125 -43.17 20.64 11.91
CA PHE A 125 -42.19 20.49 13.00
C PHE A 125 -42.47 21.55 14.07
N ALA A 126 -42.42 21.15 15.35
CA ALA A 126 -42.49 22.07 16.50
C ALA A 126 -41.13 22.78 16.67
N ASP A 127 -40.76 23.62 15.71
CA ASP A 127 -39.51 24.42 15.72
C ASP A 127 -39.54 25.43 16.87
N ASN A 128 -40.72 25.76 17.42
CA ASN A 128 -40.83 26.58 18.66
C ASN A 128 -40.13 25.87 19.84
N GLU A 129 -40.24 24.53 19.91
CA GLU A 129 -39.69 23.72 21.02
C GLU A 129 -38.17 23.67 20.91
N SER A 130 -37.64 23.43 19.71
CA SER A 130 -36.20 23.43 19.45
C SER A 130 -35.67 24.86 19.61
N GLY A 131 -36.42 25.86 19.14
CA GLY A 131 -36.05 27.29 19.30
C GLY A 131 -35.91 27.66 20.76
N TYR A 132 -36.83 27.20 21.60
CA TYR A 132 -36.84 27.45 23.06
C TYR A 132 -35.53 26.95 23.64
N LEU A 133 -35.15 25.72 23.32
CA LEU A 133 -33.90 25.14 23.85
C LEU A 133 -32.71 25.99 23.36
N ALA A 134 -32.69 26.42 22.10
CA ALA A 134 -31.63 27.31 21.57
C ALA A 134 -31.59 28.63 22.35
N GLY A 135 -32.75 29.17 22.73
CA GLY A 135 -32.84 30.37 23.56
C GLY A 135 -32.26 30.16 24.95
N VAL A 136 -32.56 29.03 25.60
CA VAL A 136 -32.02 28.68 26.96
C VAL A 136 -30.49 28.64 26.86
N ALA A 137 -29.99 27.99 25.84
CA ALA A 137 -28.53 27.89 25.57
C ALA A 137 -27.96 29.30 25.39
N ALA A 138 -28.60 30.14 24.55
CA ALA A 138 -28.06 31.48 24.22
C ALA A 138 -27.98 32.31 25.50
N ALA A 139 -29.04 32.27 26.32
CA ALA A 139 -29.20 33.07 27.56
C ALA A 139 -28.14 32.65 28.57
N LYS A 140 -27.73 31.38 28.59
CA LYS A 140 -26.73 30.83 29.55
C LYS A 140 -25.31 31.09 29.05
N THR A 141 -25.10 31.63 27.84
CA THR A 141 -23.71 31.86 27.38
C THR A 141 -23.44 33.35 27.08
N THR A 142 -24.44 34.18 26.79
CA THR A 142 -24.20 35.59 26.36
C THR A 142 -23.50 36.39 27.48
N LYS A 143 -22.41 37.09 27.16
CA LYS A 143 -21.73 38.02 28.13
C LYS A 143 -22.24 39.45 27.91
N THR A 144 -22.57 39.84 26.68
CA THR A 144 -23.11 41.19 26.36
C THR A 144 -24.58 41.31 26.77
N LYS A 145 -25.25 40.21 27.13
CA LYS A 145 -26.71 40.16 27.42
C LYS A 145 -27.50 40.65 26.19
N GLN A 146 -26.93 40.45 25.00
CA GLN A 146 -27.59 40.83 23.72
C GLN A 146 -27.37 39.71 22.71
N VAL A 147 -28.45 39.21 22.10
CA VAL A 147 -28.40 38.11 21.11
C VAL A 147 -29.19 38.55 19.88
N GLY A 148 -28.90 37.92 18.73
CA GLY A 148 -29.56 38.19 17.44
C GLY A 148 -30.34 36.97 16.94
N PHE A 149 -31.37 37.24 16.17
CA PHE A 149 -32.17 36.28 15.38
C PHE A 149 -32.30 36.84 13.96
N VAL A 150 -31.82 36.09 12.97
CA VAL A 150 -31.85 36.43 11.53
C VAL A 150 -32.82 35.46 10.85
N GLY A 151 -34.03 35.93 10.54
CA GLY A 151 -35.08 35.11 9.91
C GLY A 151 -34.93 35.17 8.42
N GLY A 152 -35.41 34.15 7.71
CA GLY A 152 -35.45 34.22 6.25
C GLY A 152 -36.64 35.07 5.81
N ILE A 153 -37.80 34.44 5.75
CA ILE A 153 -39.06 35.07 5.28
C ILE A 153 -40.06 35.08 6.41
N GLU A 154 -40.61 36.26 6.70
CA GLU A 154 -41.68 36.46 7.69
C GLU A 154 -42.78 35.47 7.34
N SER A 155 -43.23 34.65 8.31
CA SER A 155 -44.13 33.51 8.08
C SER A 155 -44.48 32.84 9.39
N GLU A 156 -45.54 32.04 9.37
CA GLU A 156 -46.01 31.21 10.50
C GLU A 156 -44.82 30.33 10.95
N VAL A 157 -44.09 29.77 9.98
CA VAL A 157 -43.00 28.78 10.21
C VAL A 157 -41.85 29.47 10.96
N ILE A 158 -41.35 30.58 10.46
CA ILE A 158 -40.19 31.26 11.09
C ILE A 158 -40.62 31.93 12.39
N SER A 159 -41.89 32.33 12.52
CA SER A 159 -42.48 32.88 13.75
C SER A 159 -42.48 31.84 14.87
N ARG A 160 -42.70 30.56 14.54
CA ARG A 160 -42.55 29.48 15.55
C ARG A 160 -41.14 29.52 16.11
N PHE A 161 -40.10 29.50 15.27
CA PHE A 161 -38.70 29.52 15.72
C PHE A 161 -38.49 30.75 16.59
N GLU A 162 -38.95 31.92 16.12
CA GLU A 162 -38.69 33.24 16.76
C GLU A 162 -39.40 33.30 18.13
N ALA A 163 -40.67 32.90 18.18
CA ALA A 163 -41.47 32.90 19.43
C ALA A 163 -40.84 31.93 20.44
N GLY A 164 -40.53 30.71 20.01
CA GLY A 164 -39.78 29.73 20.82
C GLY A 164 -38.46 30.30 21.33
N PHE A 165 -37.63 30.87 20.45
CA PHE A 165 -36.32 31.45 20.82
C PHE A 165 -36.47 32.54 21.89
N LYS A 166 -37.39 33.49 21.71
CA LYS A 166 -37.60 34.60 22.66
C LYS A 166 -38.03 34.02 24.02
N ALA A 167 -38.96 33.06 24.03
CA ALA A 167 -39.53 32.48 25.27
C ALA A 167 -38.42 31.77 26.02
N GLY A 168 -37.56 31.04 25.32
CA GLY A 168 -36.40 30.34 25.90
C GLY A 168 -35.41 31.30 26.51
N VAL A 169 -35.11 32.40 25.83
CA VAL A 169 -34.17 33.43 26.37
C VAL A 169 -34.78 34.03 27.64
N ALA A 170 -36.07 34.38 27.63
CA ALA A 170 -36.78 35.04 28.75
C ALA A 170 -36.95 34.07 29.94
N SER A 171 -37.04 32.76 29.67
CA SER A 171 -37.17 31.71 30.72
C SER A 171 -35.94 31.73 31.64
N VAL A 172 -34.78 32.16 31.13
CA VAL A 172 -33.49 32.21 31.86
C VAL A 172 -33.24 33.62 32.42
N ASP A 173 -33.52 34.67 31.64
CA ASP A 173 -33.16 36.07 31.95
C ASP A 173 -33.91 37.02 31.02
N PRO A 174 -35.05 37.58 31.44
CA PRO A 174 -35.83 38.49 30.59
C PRO A 174 -35.13 39.80 30.22
N SER A 175 -34.03 40.14 30.92
CA SER A 175 -33.23 41.37 30.71
C SER A 175 -32.56 41.33 29.34
N ILE A 176 -32.25 40.11 28.88
CA ILE A 176 -31.49 39.87 27.61
C ILE A 176 -32.29 40.42 26.43
N LYS A 177 -31.66 41.26 25.61
CA LYS A 177 -32.29 41.85 24.42
C LYS A 177 -32.06 40.87 23.26
N VAL A 178 -33.14 40.53 22.58
CA VAL A 178 -33.11 39.79 21.30
C VAL A 178 -33.34 40.79 20.16
N GLN A 179 -32.33 41.03 19.34
CA GLN A 179 -32.50 41.81 18.10
C GLN A 179 -33.00 40.88 16.99
N VAL A 180 -34.17 41.16 16.42
CA VAL A 180 -34.80 40.36 15.33
C VAL A 180 -34.72 41.15 14.03
N ASP A 181 -34.16 40.52 12.97
CA ASP A 181 -34.12 41.02 11.58
C ASP A 181 -34.40 39.86 10.63
N TYR A 182 -35.17 40.14 9.58
CA TYR A 182 -35.53 39.21 8.50
C TYR A 182 -34.83 39.66 7.21
N ALA A 183 -34.34 38.69 6.43
CA ALA A 183 -33.64 38.91 5.16
C ALA A 183 -34.68 39.07 4.04
N GLY A 184 -35.89 38.56 4.22
CA GLY A 184 -36.88 38.53 3.14
C GLY A 184 -36.55 37.48 2.08
N SER A 185 -35.67 36.52 2.38
CA SER A 185 -35.29 35.41 1.47
C SER A 185 -34.51 34.29 2.22
N PHE A 186 -34.64 33.06 1.73
CA PHE A 186 -33.90 31.85 2.12
C PHE A 186 -32.69 31.64 1.20
N GLY A 187 -32.51 32.45 0.15
CA GLY A 187 -31.34 32.29 -0.75
C GLY A 187 -30.65 33.62 -1.02
N ASP A 188 -30.30 34.39 0.02
CA ASP A 188 -29.67 35.73 -0.08
C ASP A 188 -28.53 35.88 0.96
N ALA A 189 -27.42 35.18 0.75
CA ALA A 189 -26.27 35.16 1.70
C ALA A 189 -25.75 36.58 1.97
N ALA A 190 -25.76 37.44 0.94
CA ALA A 190 -25.21 38.81 1.01
C ALA A 190 -26.00 39.57 2.07
N LYS A 191 -27.32 39.41 2.08
CA LYS A 191 -28.22 40.04 3.07
C LYS A 191 -28.01 39.44 4.47
N GLY A 192 -27.78 38.13 4.56
CA GLY A 192 -27.43 37.47 5.84
C GLY A 192 -26.17 38.08 6.45
N LYS A 193 -25.18 38.36 5.62
CA LYS A 193 -23.88 38.96 6.03
C LYS A 193 -24.12 40.37 6.57
N THR A 194 -24.85 41.23 5.85
CA THR A 194 -25.06 42.65 6.28
C THR A 194 -25.90 42.65 7.56
N ILE A 195 -26.93 41.81 7.68
CA ILE A 195 -27.77 41.79 8.92
C ILE A 195 -26.90 41.37 10.11
N ALA A 196 -26.08 40.35 9.93
CA ALA A 196 -25.24 39.76 11.01
C ALA A 196 -24.18 40.80 11.42
N ALA A 197 -23.60 41.49 10.44
CA ALA A 197 -22.59 42.56 10.64
C ALA A 197 -23.18 43.62 11.57
N ALA A 198 -24.42 44.03 11.33
CA ALA A 198 -25.13 45.08 12.09
C ALA A 198 -25.53 44.55 13.46
N GLN A 199 -26.00 43.29 13.55
CA GLN A 199 -26.43 42.69 14.83
C GLN A 199 -25.21 42.61 15.75
N TYR A 200 -24.06 42.19 15.22
CA TYR A 200 -22.82 42.01 16.00
C TYR A 200 -22.29 43.41 16.38
N ALA A 201 -22.23 44.35 15.43
CA ALA A 201 -21.81 45.77 15.66
C ALA A 201 -22.67 46.40 16.76
N ALA A 202 -23.97 46.10 16.81
CA ALA A 202 -24.88 46.62 17.84
C ALA A 202 -24.72 45.86 19.18
N GLY A 203 -23.80 44.89 19.25
CA GLY A 203 -23.34 44.26 20.51
C GLY A 203 -23.93 42.87 20.79
N ALA A 204 -24.56 42.21 19.81
CA ALA A 204 -24.95 40.79 19.97
C ALA A 204 -23.66 39.97 20.06
N ASP A 205 -23.55 39.02 20.98
CA ASP A 205 -22.40 38.07 20.95
C ASP A 205 -22.86 36.72 20.37
N ILE A 206 -24.15 36.50 20.12
CA ILE A 206 -24.69 35.24 19.55
C ILE A 206 -25.74 35.60 18.51
N VAL A 207 -25.66 35.03 17.31
CA VAL A 207 -26.76 35.10 16.32
C VAL A 207 -27.27 33.70 15.96
N TYR A 208 -28.57 33.47 16.15
CA TYR A 208 -29.33 32.32 15.63
C TYR A 208 -29.82 32.66 14.22
N GLN A 209 -29.31 31.95 13.23
CA GLN A 209 -29.68 32.16 11.82
C GLN A 209 -30.72 31.11 11.44
N VAL A 210 -31.93 31.57 11.12
CA VAL A 210 -33.04 30.68 10.73
C VAL A 210 -33.52 31.22 9.37
N ALA A 211 -32.70 30.99 8.35
CA ALA A 211 -32.93 31.58 7.01
C ALA A 211 -32.35 30.71 5.90
N GLY A 212 -32.21 29.41 6.14
CA GLY A 212 -31.70 28.48 5.12
C GLY A 212 -30.34 28.94 4.62
N GLY A 213 -30.20 29.04 3.31
CA GLY A 213 -28.93 29.37 2.63
C GLY A 213 -28.51 30.82 2.87
N THR A 214 -29.45 31.71 3.18
CA THR A 214 -29.17 33.10 3.64
C THR A 214 -28.19 33.04 4.81
N GLY A 215 -28.29 31.99 5.64
CA GLY A 215 -27.43 31.77 6.82
C GLY A 215 -25.96 31.63 6.49
N ALA A 216 -25.59 31.21 5.28
CA ALA A 216 -24.17 31.13 4.85
C ALA A 216 -23.49 32.50 5.10
N GLY A 217 -24.21 33.61 4.87
CA GLY A 217 -23.72 34.98 5.13
C GLY A 217 -23.44 35.22 6.60
N VAL A 218 -24.28 34.70 7.50
CA VAL A 218 -24.09 34.88 8.96
C VAL A 218 -22.81 34.13 9.37
N PHE A 219 -22.58 32.93 8.85
CA PHE A 219 -21.34 32.15 9.13
C PHE A 219 -20.13 32.93 8.60
N ALA A 220 -20.21 33.47 7.38
CA ALA A 220 -19.15 34.28 6.75
C ALA A 220 -18.78 35.47 7.65
N GLU A 221 -19.77 36.24 8.12
CA GLU A 221 -19.54 37.44 8.98
C GLU A 221 -18.88 37.03 10.31
N ALA A 222 -19.43 36.05 11.02
CA ALA A 222 -18.90 35.59 12.33
C ALA A 222 -17.46 35.07 12.17
N LYS A 223 -17.15 34.41 11.06
CA LYS A 223 -15.81 33.86 10.78
C LYS A 223 -14.83 35.04 10.65
N SER A 224 -15.12 36.00 9.77
CA SER A 224 -14.32 37.24 9.54
C SER A 224 -14.05 38.01 10.85
N LEU A 225 -15.09 38.28 11.65
CA LEU A 225 -14.92 38.96 12.98
C LEU A 225 -14.00 38.13 13.88
N ASN A 226 -14.21 36.81 13.92
CA ASN A 226 -13.58 35.95 14.95
C ASN A 226 -12.09 35.73 14.63
N GLU A 227 -11.74 35.77 13.33
CA GLU A 227 -10.37 35.56 12.78
C GLU A 227 -9.49 36.78 13.08
N SER A 228 -10.12 37.93 13.31
CA SER A 228 -9.47 39.24 13.55
C SER A 228 -9.57 39.63 15.02
N ARG A 229 -9.79 38.65 15.91
CA ARG A 229 -9.88 38.82 17.38
C ARG A 229 -9.24 37.63 18.10
N PRO A 230 -8.91 37.79 19.40
CA PRO A 230 -8.58 36.66 20.25
C PRO A 230 -9.77 35.71 20.52
N GLU A 231 -9.44 34.43 20.74
CA GLU A 231 -10.38 33.29 20.90
C GLU A 231 -11.42 33.68 21.96
N ASN A 232 -11.00 34.29 23.07
CA ASN A 232 -11.87 34.55 24.25
C ASN A 232 -12.85 35.70 23.97
N GLU A 233 -12.71 36.42 22.85
CA GLU A 233 -13.65 37.49 22.44
C GLU A 233 -14.45 37.06 21.19
N LYS A 234 -14.55 35.75 20.90
CA LYS A 234 -15.26 35.28 19.68
C LYS A 234 -16.73 35.63 19.87
N VAL A 235 -17.44 35.83 18.76
CA VAL A 235 -18.92 35.84 18.74
C VAL A 235 -19.41 34.48 18.19
N TRP A 236 -20.60 34.07 18.61
CA TRP A 236 -21.19 32.74 18.35
C TRP A 236 -22.26 32.82 17.26
N VAL A 237 -22.44 31.71 16.57
CA VAL A 237 -23.63 31.41 15.71
C VAL A 237 -24.32 30.18 16.31
N ILE A 238 -25.65 30.14 16.26
CA ILE A 238 -26.45 28.91 16.52
C ILE A 238 -26.86 28.33 15.16
N GLY A 239 -26.57 27.03 15.00
CA GLY A 239 -26.88 26.28 13.78
C GLY A 239 -28.35 25.99 13.66
N VAL A 240 -28.78 25.64 12.46
CA VAL A 240 -30.22 25.37 12.22
C VAL A 240 -30.37 24.19 11.26
N ASP A 241 -31.42 23.40 11.48
CA ASP A 241 -31.86 22.24 10.64
C ASP A 241 -30.92 21.02 10.81
N ARG A 242 -29.65 21.17 10.44
CA ARG A 242 -28.59 20.16 10.58
C ARG A 242 -27.66 20.59 11.72
N ASP A 243 -26.97 19.64 12.34
CA ASP A 243 -25.88 19.93 13.30
C ASP A 243 -24.77 20.57 12.46
N GLN A 244 -24.56 21.89 12.59
CA GLN A 244 -23.61 22.66 11.75
C GLN A 244 -22.29 22.86 12.55
N GLU A 245 -22.02 22.09 13.62
CA GLU A 245 -20.74 22.20 14.38
C GLU A 245 -19.52 22.34 13.44
N ALA A 246 -19.43 21.54 12.39
CA ALA A 246 -18.24 21.50 11.50
C ALA A 246 -18.13 22.81 10.67
N GLU A 247 -19.18 23.63 10.59
CA GLU A 247 -19.15 24.88 9.81
C GLU A 247 -18.53 26.02 10.64
N GLY A 248 -18.30 25.82 11.94
CA GLY A 248 -17.86 26.90 12.84
C GLY A 248 -16.38 26.85 13.18
N LYS A 249 -15.61 26.01 12.49
CA LYS A 249 -14.14 25.90 12.69
C LYS A 249 -13.45 27.15 12.14
N TYR A 250 -12.51 27.70 12.93
CA TYR A 250 -11.68 28.88 12.53
C TYR A 250 -10.42 28.90 13.38
N THR A 251 -9.49 29.79 12.99
CA THR A 251 -8.25 30.13 13.75
C THR A 251 -8.34 31.60 14.16
N SER A 252 -8.28 31.86 15.47
CA SER A 252 -8.32 33.21 16.10
C SER A 252 -7.08 34.01 15.68
N LYS A 253 -7.02 35.30 16.07
CA LYS A 253 -5.89 36.22 15.77
C LYS A 253 -4.61 35.70 16.45
N ASP A 254 -4.73 35.24 17.70
CA ASP A 254 -3.64 34.68 18.55
C ASP A 254 -3.47 33.17 18.30
N GLY A 255 -3.66 32.70 17.06
CA GLY A 255 -3.22 31.38 16.54
C GLY A 255 -3.89 30.17 17.19
N LYS A 256 -4.99 30.34 17.93
CA LYS A 256 -5.71 29.20 18.58
C LYS A 256 -6.84 28.70 17.66
N GLU A 257 -6.85 27.40 17.33
CA GLU A 257 -7.92 26.76 16.54
C GLU A 257 -9.11 26.53 17.47
N SER A 258 -10.29 26.97 17.04
CA SER A 258 -11.53 27.01 17.87
C SER A 258 -12.76 26.81 16.98
N ASN A 259 -13.93 27.02 17.59
CA ASN A 259 -15.24 26.76 16.93
C ASN A 259 -16.26 27.77 17.46
N PHE A 260 -16.96 28.44 16.56
CA PHE A 260 -17.91 29.52 16.94
C PHE A 260 -19.37 29.04 16.81
N VAL A 261 -19.62 27.75 16.57
CA VAL A 261 -20.99 27.21 16.71
C VAL A 261 -21.23 26.86 18.18
N LEU A 262 -22.23 27.50 18.80
CA LEU A 262 -22.56 27.23 20.22
C LEU A 262 -23.38 25.92 20.33
N VAL A 263 -24.32 25.75 19.42
CA VAL A 263 -25.45 24.79 19.60
C VAL A 263 -26.14 24.78 18.23
N SER A 264 -26.96 23.77 17.89
CA SER A 264 -27.69 23.71 16.60
C SER A 264 -29.07 23.16 16.87
N THR A 265 -30.11 23.80 16.34
CA THR A 265 -31.47 23.21 16.35
C THR A 265 -31.46 22.15 15.23
N LEU A 266 -32.08 21.00 15.48
CA LEU A 266 -32.16 19.91 14.48
C LEU A 266 -33.60 19.83 14.01
N LYS A 267 -33.76 19.57 12.74
CA LYS A 267 -35.07 19.39 12.08
C LYS A 267 -34.90 18.20 11.15
N GLN A 268 -35.44 17.03 11.49
CA GLN A 268 -35.06 15.75 10.83
C GLN A 268 -35.86 15.64 9.52
N VAL A 269 -35.61 16.55 8.59
CA VAL A 269 -36.33 16.57 7.30
C VAL A 269 -35.94 15.31 6.51
N GLY A 270 -34.65 15.02 6.39
CA GLY A 270 -34.13 13.80 5.74
C GLY A 270 -34.83 12.55 6.23
N THR A 271 -34.86 12.35 7.54
CA THR A 271 -35.50 11.18 8.17
C THR A 271 -36.97 11.06 7.76
N THR A 272 -37.72 12.18 7.70
CA THR A 272 -39.14 12.21 7.29
C THR A 272 -39.27 11.82 5.82
N VAL A 273 -38.36 12.31 4.98
CA VAL A 273 -38.39 12.02 3.53
C VAL A 273 -38.22 10.50 3.35
N LYS A 274 -37.24 9.92 4.04
CA LYS A 274 -36.92 8.47 3.94
C LYS A 274 -38.11 7.67 4.48
N ASP A 275 -38.64 8.04 5.65
CA ASP A 275 -39.75 7.30 6.31
C ASP A 275 -41.01 7.35 5.43
N ILE A 276 -41.39 8.51 4.89
CA ILE A 276 -42.62 8.62 4.07
C ILE A 276 -42.42 7.92 2.72
N SER A 277 -41.21 7.99 2.15
CA SER A 277 -40.89 7.26 0.90
C SER A 277 -41.07 5.76 1.11
N ASN A 278 -40.58 5.21 2.23
CA ASN A 278 -40.78 3.78 2.57
C ASN A 278 -42.27 3.48 2.71
N LYS A 279 -43.05 4.37 3.32
CA LYS A 279 -44.51 4.15 3.50
C LYS A 279 -45.22 4.21 2.13
N ALA A 280 -44.84 5.16 1.27
CA ALA A 280 -45.40 5.26 -0.10
C ALA A 280 -45.08 3.98 -0.85
N GLU A 281 -43.85 3.49 -0.77
CA GLU A 281 -43.49 2.29 -1.57
C GLU A 281 -44.30 1.08 -1.07
N ARG A 282 -44.54 0.96 0.25
CA ARG A 282 -45.31 -0.18 0.83
C ARG A 282 -46.82 0.01 0.63
N GLY A 283 -47.31 1.09 0.00
CA GLY A 283 -48.75 1.25 -0.30
C GLY A 283 -49.49 1.69 0.96
N GLU A 284 -48.80 2.38 1.85
CA GLU A 284 -49.31 2.87 3.16
C GLU A 284 -49.05 4.37 3.25
N PHE A 285 -49.17 5.07 2.13
CA PHE A 285 -48.96 6.54 2.10
C PHE A 285 -49.99 7.19 3.01
N PRO A 286 -49.58 8.00 4.01
CA PRO A 286 -50.53 8.69 4.89
C PRO A 286 -51.26 9.90 4.27
N GLY A 287 -52.01 9.65 3.20
CA GLY A 287 -52.80 10.66 2.48
C GLY A 287 -53.81 11.33 3.38
N GLY A 288 -53.92 12.66 3.30
CA GLY A 288 -54.91 13.43 4.07
C GLY A 288 -54.50 13.65 5.51
N GLN A 289 -53.35 13.14 5.97
CA GLN A 289 -52.94 13.28 7.39
C GLN A 289 -51.99 14.46 7.55
N VAL A 290 -51.93 15.00 8.76
CA VAL A 290 -50.90 15.97 9.23
C VAL A 290 -50.00 15.23 10.21
N ILE A 291 -48.73 15.09 9.86
CA ILE A 291 -47.71 14.45 10.72
C ILE A 291 -46.99 15.59 11.44
N VAL A 292 -47.05 15.56 12.76
CA VAL A 292 -46.43 16.57 13.66
C VAL A 292 -45.23 15.92 14.34
N TYR A 293 -44.05 16.41 14.04
CA TYR A 293 -42.79 16.06 14.73
C TYR A 293 -42.54 17.11 15.80
N SER A 294 -42.06 16.67 16.95
CA SER A 294 -41.82 17.52 18.13
C SER A 294 -40.60 17.00 18.88
N LEU A 295 -40.26 17.66 19.98
CA LEU A 295 -39.18 17.22 20.88
C LEU A 295 -39.44 15.76 21.33
N LYS A 296 -40.69 15.40 21.65
CA LYS A 296 -41.08 14.07 22.21
C LYS A 296 -40.56 12.94 21.31
N ASP A 297 -40.77 13.04 19.99
CA ASP A 297 -40.44 11.95 19.02
C ASP A 297 -39.07 12.24 18.38
N LYS A 298 -38.37 13.29 18.81
CA LYS A 298 -37.01 13.68 18.33
C LYS A 298 -37.05 14.07 16.84
N GLY A 299 -38.20 14.53 16.33
CA GLY A 299 -38.28 15.17 15.00
C GLY A 299 -37.56 16.52 14.99
N VAL A 300 -37.56 17.21 16.13
CA VAL A 300 -36.68 18.38 16.40
C VAL A 300 -35.87 18.08 17.65
N ASP A 301 -34.71 18.72 17.79
CA ASP A 301 -33.84 18.57 18.98
C ASP A 301 -32.89 19.77 19.07
N LEU A 302 -32.09 19.83 20.12
CA LEU A 302 -30.88 20.67 20.19
C LEU A 302 -29.61 19.82 20.32
N ALA A 303 -28.66 20.04 19.42
CA ALA A 303 -27.31 19.47 19.48
C ALA A 303 -26.54 20.40 20.43
N VAL A 304 -26.18 19.94 21.64
CA VAL A 304 -25.54 20.77 22.70
C VAL A 304 -24.13 21.26 22.38
N THR A 305 -23.36 20.51 21.62
CA THR A 305 -22.04 20.94 21.11
C THR A 305 -21.08 21.65 22.10
N ASN A 306 -21.04 22.99 22.07
CA ASN A 306 -19.99 23.77 22.77
C ASN A 306 -20.58 24.47 23.99
N LEU A 307 -21.84 24.19 24.31
CA LEU A 307 -22.51 24.74 25.50
C LEU A 307 -21.77 24.37 26.81
N SER A 308 -21.69 25.31 27.75
CA SER A 308 -21.19 25.12 29.13
C SER A 308 -22.06 24.09 29.88
N GLU A 309 -21.48 23.42 30.87
CA GLU A 309 -22.17 22.37 31.68
C GLU A 309 -23.45 22.97 32.27
N GLU A 310 -23.38 24.19 32.82
CA GLU A 310 -24.56 24.87 33.42
C GLU A 310 -25.61 25.06 32.31
N GLY A 311 -25.19 25.45 31.09
CA GLY A 311 -26.04 25.53 29.89
C GLY A 311 -26.77 24.22 29.61
N LYS A 312 -26.02 23.12 29.48
CA LYS A 312 -26.58 21.76 29.20
C LYS A 312 -27.62 21.39 30.26
N LYS A 313 -27.38 21.74 31.53
CA LYS A 313 -28.32 21.39 32.64
C LYS A 313 -29.62 22.17 32.48
N ALA A 314 -29.55 23.48 32.18
CA ALA A 314 -30.74 24.32 31.89
C ALA A 314 -31.48 23.81 30.65
N VAL A 315 -30.77 23.23 29.66
CA VAL A 315 -31.40 22.71 28.43
C VAL A 315 -32.17 21.43 28.77
N GLU A 316 -31.51 20.46 29.42
CA GLU A 316 -32.09 19.19 29.93
C GLU A 316 -33.35 19.51 30.75
N ASP A 317 -33.29 20.52 31.64
CA ASP A 317 -34.41 20.90 32.54
C ASP A 317 -35.57 21.47 31.72
N ALA A 318 -35.29 22.37 30.77
CA ALA A 318 -36.29 22.98 29.87
C ALA A 318 -36.92 21.88 29.01
N LYS A 319 -36.12 20.98 28.45
CA LYS A 319 -36.65 19.87 27.64
C LYS A 319 -37.69 19.08 28.46
N ALA A 320 -37.32 18.64 29.67
CA ALA A 320 -38.17 17.84 30.59
C ALA A 320 -39.49 18.57 30.82
N LYS A 321 -39.44 19.88 31.04
CA LYS A 321 -40.65 20.71 31.32
C LYS A 321 -41.51 20.84 30.06
N ILE A 322 -40.92 20.75 28.86
CA ILE A 322 -41.67 20.83 27.56
C ILE A 322 -42.39 19.48 27.36
N LEU A 323 -41.67 18.37 27.53
CA LEU A 323 -42.21 17.00 27.39
C LEU A 323 -43.37 16.73 28.38
N ASP A 324 -43.30 17.22 29.63
CA ASP A 324 -44.27 16.83 30.69
C ASP A 324 -45.48 17.77 30.64
N GLY A 325 -45.38 18.90 29.92
CA GLY A 325 -46.48 19.87 29.77
C GLY A 325 -46.41 20.99 30.80
N SER A 326 -45.38 21.00 31.62
CA SER A 326 -45.12 22.03 32.66
C SER A 326 -44.92 23.39 31.99
N VAL A 327 -44.11 23.44 30.91
CA VAL A 327 -43.89 24.65 30.06
C VAL A 327 -44.61 24.46 28.72
N LYS A 328 -45.46 25.42 28.35
CA LYS A 328 -46.09 25.49 27.01
C LYS A 328 -45.35 26.58 26.23
N VAL A 329 -44.64 26.17 25.18
CA VAL A 329 -43.86 27.10 24.31
C VAL A 329 -44.84 27.75 23.35
N PRO A 330 -44.87 29.10 23.27
CA PRO A 330 -45.71 29.78 22.30
C PRO A 330 -45.25 29.50 20.85
N GLU A 331 -46.20 29.40 19.94
CA GLU A 331 -45.99 29.18 18.49
C GLU A 331 -45.95 30.54 17.79
N LYS A 332 -46.28 31.62 18.52
CA LYS A 332 -46.28 32.99 17.95
C LYS A 332 -46.08 34.00 19.08
N GLY B 1 -9.39 -3.83 34.77
CA GLY B 1 -8.90 -4.62 35.92
C GLY B 1 -10.00 -5.06 36.86
N SER B 2 -9.67 -6.10 37.62
CA SER B 2 -10.61 -6.80 38.54
C SER B 2 -11.04 -5.87 39.67
N SER B 3 -10.21 -4.87 40.03
CA SER B 3 -10.56 -3.80 41.00
C SER B 3 -9.79 -2.50 40.70
N HIS B 4 -10.30 -1.38 41.21
CA HIS B 4 -9.82 0.01 40.96
C HIS B 4 -10.07 0.88 42.20
N HIS B 5 -9.40 0.58 43.33
CA HIS B 5 -9.72 1.17 44.66
C HIS B 5 -9.21 2.61 44.73
N HIS B 6 -8.06 2.91 44.11
CA HIS B 6 -7.58 4.31 43.93
C HIS B 6 -8.26 4.85 42.67
N HIS B 7 -9.28 5.67 42.85
CA HIS B 7 -10.05 6.24 41.72
C HIS B 7 -10.41 7.68 42.04
N HIS B 8 -10.64 8.46 40.99
CA HIS B 8 -11.19 9.84 41.04
C HIS B 8 -12.38 9.93 40.08
N HIS B 9 -13.46 10.56 40.52
CA HIS B 9 -14.63 10.94 39.69
C HIS B 9 -14.23 12.03 38.70
N MET B 10 -14.62 11.91 37.43
CA MET B 10 -14.37 12.94 36.40
C MET B 10 -15.69 13.32 35.74
N SER B 11 -15.81 14.58 35.31
CA SER B 11 -16.91 15.06 34.46
C SER B 11 -16.73 14.49 33.04
N GLY B 12 -17.81 13.99 32.46
CA GLY B 12 -17.91 13.72 31.02
C GLY B 12 -17.51 14.93 30.19
N GLU B 13 -17.61 16.15 30.74
CA GLU B 13 -17.25 17.36 29.97
C GLU B 13 -15.73 17.55 29.90
N ASN B 14 -14.95 16.77 30.65
CA ASN B 14 -13.46 16.88 30.64
C ASN B 14 -12.88 15.74 29.79
N LEU B 15 -13.59 14.62 29.65
CA LEU B 15 -13.18 13.55 28.72
C LEU B 15 -13.52 13.95 27.27
N TYR B 16 -12.59 13.80 26.33
CA TYR B 16 -12.91 13.91 24.89
C TYR B 16 -12.09 12.92 24.06
N PHE B 17 -12.69 12.48 22.95
CA PHE B 17 -12.09 11.64 21.87
C PHE B 17 -11.63 12.60 20.78
N GLN B 18 -10.32 12.57 20.49
CA GLN B 18 -9.70 13.36 19.40
C GLN B 18 -10.15 12.71 18.09
N GLY B 19 -10.80 13.49 17.24
CA GLY B 19 -11.19 13.05 15.89
C GLY B 19 -10.04 13.14 14.90
N ALA B 20 -10.20 12.45 13.77
CA ALA B 20 -9.29 12.48 12.60
C ALA B 20 -9.99 13.23 11.46
N SER B 21 -9.25 13.64 10.45
CA SER B 21 -9.77 14.15 9.17
C SER B 21 -9.28 13.22 8.05
N ALA B 22 -10.21 12.64 7.28
CA ALA B 22 -9.93 11.65 6.19
C ALA B 22 -10.29 12.23 4.82
N ALA B 23 -9.39 12.03 3.86
CA ALA B 23 -9.53 12.47 2.46
C ALA B 23 -9.27 11.28 1.55
N ILE B 24 -9.93 11.26 0.41
CA ILE B 24 -9.61 10.33 -0.69
C ILE B 24 -9.00 11.16 -1.80
N VAL B 25 -7.95 10.61 -2.40
CA VAL B 25 -7.38 11.09 -3.68
C VAL B 25 -7.72 10.08 -4.76
N THR B 26 -8.33 10.58 -5.79
CA THR B 26 -8.80 9.82 -6.96
C THR B 26 -7.61 9.62 -7.90
N ASP B 27 -7.57 8.52 -8.67
CA ASP B 27 -6.52 8.32 -9.70
C ASP B 27 -6.98 9.00 -11.00
N THR B 28 -8.27 9.25 -11.13
CA THR B 28 -8.90 9.95 -12.28
C THR B 28 -10.39 10.08 -11.99
N GLY B 29 -10.99 11.16 -12.48
CA GLY B 29 -12.45 11.29 -12.49
C GLY B 29 -12.94 11.67 -11.12
N GLY B 30 -14.23 11.91 -10.99
CA GLY B 30 -14.79 12.36 -9.72
C GLY B 30 -15.35 11.19 -8.95
N VAL B 31 -16.30 11.51 -8.10
CA VAL B 31 -16.94 10.52 -7.18
C VAL B 31 -18.34 10.16 -7.71
N ASP B 32 -18.55 10.26 -9.02
CA ASP B 32 -19.84 10.02 -9.73
C ASP B 32 -19.63 9.02 -10.87
N ASP B 33 -18.59 8.17 -10.79
CA ASP B 33 -18.25 7.11 -11.78
C ASP B 33 -19.21 5.90 -11.65
N LYS B 34 -20.14 5.90 -10.70
CA LYS B 34 -21.17 4.83 -10.49
C LYS B 34 -20.51 3.51 -10.06
N SER B 35 -19.22 3.52 -9.72
CA SER B 35 -18.43 2.29 -9.53
C SER B 35 -17.40 2.54 -8.43
N PHE B 36 -16.13 2.53 -8.77
CA PHE B 36 -14.98 2.43 -7.82
C PHE B 36 -14.89 3.67 -6.93
N ASN B 37 -14.72 4.83 -7.53
CA ASN B 37 -14.60 6.10 -6.78
C ASN B 37 -15.88 6.41 -6.00
N GLN B 38 -17.03 6.15 -6.62
CA GLN B 38 -18.34 6.42 -5.98
C GLN B 38 -18.43 5.57 -4.71
N SER B 39 -18.09 4.27 -4.78
CA SER B 39 -18.10 3.34 -3.63
C SER B 39 -17.22 3.91 -2.49
N ALA B 40 -15.98 4.29 -2.81
CA ALA B 40 -15.02 4.89 -1.86
C ALA B 40 -15.67 6.15 -1.23
N TRP B 41 -16.13 7.08 -2.06
CA TRP B 41 -16.71 8.38 -1.65
C TRP B 41 -17.97 8.22 -0.79
N GLU B 42 -18.87 7.27 -1.10
CA GLU B 42 -20.07 6.98 -0.28
C GLU B 42 -19.64 6.46 1.10
N GLY B 43 -18.59 5.65 1.16
CA GLY B 43 -18.01 5.14 2.41
C GLY B 43 -17.44 6.28 3.25
N LEU B 44 -16.71 7.21 2.64
CA LEU B 44 -16.12 8.37 3.34
C LEU B 44 -17.25 9.29 3.83
N GLN B 45 -18.24 9.58 2.98
CA GLN B 45 -19.45 10.35 3.35
C GLN B 45 -20.14 9.72 4.56
N ALA B 46 -20.29 8.39 4.57
CA ALA B 46 -20.97 7.68 5.69
C ALA B 46 -20.15 7.89 6.95
N TRP B 47 -18.83 7.71 6.85
CA TRP B 47 -17.92 7.95 8.00
C TRP B 47 -18.06 9.40 8.48
N GLY B 48 -18.07 10.38 7.56
CA GLY B 48 -18.25 11.81 7.84
C GLY B 48 -19.52 12.08 8.65
N LYS B 49 -20.63 11.45 8.23
CA LYS B 49 -21.97 11.55 8.84
C LYS B 49 -21.89 10.99 10.27
N GLU B 50 -21.34 9.80 10.44
CA GLU B 50 -21.20 9.16 11.76
C GLU B 50 -20.38 10.10 12.69
N HIS B 51 -19.48 10.92 12.16
CA HIS B 51 -18.57 11.76 12.99
C HIS B 51 -19.02 13.22 13.03
N ASN B 52 -20.24 13.51 12.56
CA ASN B 52 -20.82 14.88 12.58
C ASN B 52 -19.99 15.85 11.70
N LEU B 53 -19.40 15.38 10.60
CA LEU B 53 -18.54 16.19 9.70
C LEU B 53 -19.28 16.51 8.41
N SER B 54 -18.70 17.36 7.57
CA SER B 54 -19.21 17.69 6.21
C SER B 54 -18.03 17.90 5.26
N LYS B 55 -18.32 17.90 3.96
CA LYS B 55 -17.34 18.03 2.88
C LYS B 55 -16.53 19.33 3.11
N ASP B 56 -15.21 19.20 3.07
CA ASP B 56 -14.20 20.25 3.33
C ASP B 56 -14.23 20.68 4.79
N ASN B 57 -14.96 19.96 5.66
CA ASN B 57 -14.95 20.19 7.14
C ASN B 57 -14.87 18.84 7.86
N GLY B 58 -13.81 18.07 7.59
CA GLY B 58 -13.56 16.76 8.23
C GLY B 58 -13.32 15.63 7.24
N PHE B 59 -13.83 15.77 6.02
CA PHE B 59 -13.58 14.83 4.90
C PHE B 59 -13.71 15.58 3.60
N THR B 60 -13.08 15.06 2.57
CA THR B 60 -13.19 15.58 1.20
C THR B 60 -12.61 14.57 0.22
N TYR B 61 -12.68 14.90 -1.05
CA TYR B 61 -12.05 14.15 -2.14
C TYR B 61 -11.27 15.18 -2.93
N PHE B 62 -10.14 14.74 -3.47
CA PHE B 62 -9.30 15.49 -4.41
C PHE B 62 -9.35 14.74 -5.72
N GLN B 63 -10.02 15.33 -6.69
CA GLN B 63 -10.06 14.80 -8.06
C GLN B 63 -8.67 15.04 -8.69
N SER B 64 -8.03 13.98 -9.17
CA SER B 64 -6.74 14.04 -9.91
C SER B 64 -7.03 14.22 -11.40
N THR B 65 -6.43 15.24 -12.02
CA THR B 65 -6.61 15.66 -13.44
C THR B 65 -5.67 14.85 -14.35
N SER B 66 -4.54 14.40 -13.79
CA SER B 66 -3.50 13.56 -14.46
C SER B 66 -2.64 12.93 -13.36
N GLU B 67 -1.72 12.04 -13.74
CA GLU B 67 -0.70 11.44 -12.85
C GLU B 67 0.07 12.58 -12.17
N ALA B 68 0.41 13.66 -12.87
CA ALA B 68 1.19 14.78 -12.32
C ALA B 68 0.42 15.44 -11.17
N ASP B 69 -0.92 15.32 -11.15
CA ASP B 69 -1.76 15.92 -10.08
C ASP B 69 -1.74 15.06 -8.78
N TYR B 70 -1.31 13.80 -8.83
CA TYR B 70 -1.33 12.90 -7.65
C TYR B 70 -0.56 13.54 -6.48
N ALA B 71 0.71 13.86 -6.70
CA ALA B 71 1.65 14.36 -5.67
C ALA B 71 1.14 15.70 -5.17
N ASN B 72 0.59 16.52 -6.06
CA ASN B 72 0.05 17.84 -5.70
C ASN B 72 -1.17 17.65 -4.78
N ASN B 73 -2.10 16.75 -5.15
CA ASN B 73 -3.34 16.45 -4.35
C ASN B 73 -2.95 15.86 -2.99
N LEU B 74 -1.98 14.95 -2.95
CA LEU B 74 -1.56 14.33 -1.67
C LEU B 74 -0.94 15.42 -0.78
N GLN B 75 -0.10 16.28 -1.34
CA GLN B 75 0.55 17.37 -0.55
C GLN B 75 -0.54 18.29 0.00
N GLN B 76 -1.50 18.70 -0.84
CA GLN B 76 -2.65 19.55 -0.43
C GLN B 76 -3.40 18.89 0.72
N ALA B 77 -3.70 17.60 0.58
CA ALA B 77 -4.47 16.81 1.57
C ALA B 77 -3.72 16.80 2.91
N ALA B 78 -2.38 16.73 2.92
CA ALA B 78 -1.55 16.70 4.16
C ALA B 78 -1.68 18.02 4.95
N GLY B 79 -2.12 19.10 4.32
CA GLY B 79 -2.39 20.37 5.01
C GLY B 79 -3.40 20.19 6.12
N SER B 80 -4.49 19.47 5.86
CA SER B 80 -5.71 19.43 6.72
C SER B 80 -6.07 18.01 7.16
N TYR B 81 -5.61 16.96 6.45
CA TYR B 81 -6.08 15.55 6.67
C TYR B 81 -4.94 14.70 7.25
N ASN B 82 -5.23 13.83 8.20
CA ASN B 82 -4.19 12.96 8.80
C ASN B 82 -4.45 11.49 8.48
N LEU B 83 -5.46 11.22 7.64
CA LEU B 83 -5.65 9.90 6.99
C LEU B 83 -5.92 10.14 5.51
N ILE B 84 -5.05 9.66 4.64
CA ILE B 84 -5.14 9.95 3.19
C ILE B 84 -5.18 8.62 2.41
N PHE B 85 -6.27 8.42 1.69
CA PHE B 85 -6.52 7.22 0.85
C PHE B 85 -6.15 7.58 -0.59
N GLY B 86 -5.20 6.84 -1.14
CA GLY B 86 -4.97 6.76 -2.59
C GLY B 86 -5.85 5.69 -3.18
N VAL B 87 -6.86 6.08 -3.92
CA VAL B 87 -7.90 5.13 -4.43
C VAL B 87 -7.52 4.72 -5.85
N GLY B 88 -6.80 3.63 -5.99
CA GLY B 88 -6.40 3.07 -7.28
C GLY B 88 -4.92 2.75 -7.29
N PHE B 89 -4.54 1.67 -7.96
CA PHE B 89 -3.16 1.17 -8.03
C PHE B 89 -2.22 2.29 -8.54
N ALA B 90 -2.71 3.17 -9.41
CA ALA B 90 -1.91 4.20 -10.10
C ALA B 90 -1.29 5.15 -9.07
N LEU B 91 -1.86 5.26 -7.88
CA LEU B 91 -1.36 6.18 -6.83
C LEU B 91 -0.18 5.59 -6.04
N ASN B 92 0.25 4.36 -6.33
CA ASN B 92 1.32 3.66 -5.57
C ASN B 92 2.56 4.55 -5.34
N ASN B 93 3.23 5.03 -6.40
CA ASN B 93 4.50 5.79 -6.29
C ASN B 93 4.28 7.08 -5.49
N ALA B 94 3.22 7.81 -5.81
CA ALA B 94 2.96 9.12 -5.18
C ALA B 94 2.64 8.91 -3.69
N VAL B 95 1.90 7.86 -3.35
CA VAL B 95 1.59 7.60 -1.91
C VAL B 95 2.89 7.25 -1.19
N LYS B 96 3.76 6.47 -1.81
CA LYS B 96 5.05 6.01 -1.22
C LYS B 96 5.89 7.26 -0.85
N ASP B 97 5.98 8.22 -1.76
CA ASP B 97 6.80 9.45 -1.57
C ASP B 97 6.15 10.32 -0.49
N ALA B 98 4.82 10.42 -0.47
CA ALA B 98 4.07 11.28 0.48
C ALA B 98 4.24 10.70 1.88
N ALA B 99 4.13 9.38 2.02
CA ALA B 99 4.23 8.70 3.33
C ALA B 99 5.63 8.93 3.95
N LYS B 100 6.68 9.02 3.12
CA LYS B 100 8.06 9.25 3.60
C LYS B 100 8.21 10.72 4.03
N GLU B 101 7.62 11.66 3.29
CA GLU B 101 7.66 13.12 3.60
C GLU B 101 6.91 13.37 4.92
N HIS B 102 5.82 12.65 5.19
CA HIS B 102 4.88 12.93 6.31
C HIS B 102 4.67 11.67 7.16
N THR B 103 5.68 11.30 7.96
CA THR B 103 5.71 10.04 8.76
C THR B 103 4.72 10.16 9.92
N ASP B 104 4.24 11.36 10.21
CA ASP B 104 3.22 11.64 11.26
C ASP B 104 1.79 11.45 10.72
N LEU B 105 1.59 11.31 9.40
CA LEU B 105 0.24 11.07 8.83
C LEU B 105 0.14 9.61 8.39
N ASN B 106 -1.09 9.11 8.24
CA ASN B 106 -1.36 7.72 7.83
C ASN B 106 -1.94 7.71 6.42
N TYR B 107 -1.52 6.74 5.62
CA TYR B 107 -1.89 6.63 4.20
C TYR B 107 -2.40 5.22 3.93
N VAL B 108 -3.34 5.11 3.02
CA VAL B 108 -3.90 3.80 2.60
C VAL B 108 -3.84 3.75 1.09
N LEU B 109 -3.33 2.66 0.55
CA LEU B 109 -3.37 2.44 -0.92
C LEU B 109 -4.42 1.36 -1.20
N ILE B 110 -5.43 1.72 -1.95
CA ILE B 110 -6.44 0.71 -2.36
C ILE B 110 -6.04 0.14 -3.71
N ASP B 111 -6.06 -1.19 -3.79
CA ASP B 111 -5.80 -2.07 -4.97
C ASP B 111 -4.31 -2.34 -5.22
N ASP B 112 -3.42 -1.99 -4.31
CA ASP B 112 -1.98 -2.29 -4.52
C ASP B 112 -1.24 -2.36 -3.18
N VAL B 113 -0.06 -2.97 -3.18
CA VAL B 113 0.77 -3.11 -1.94
C VAL B 113 1.97 -2.15 -1.97
N ILE B 114 2.12 -1.36 -0.92
CA ILE B 114 3.39 -0.68 -0.55
C ILE B 114 4.00 -1.44 0.63
N LYS B 115 5.26 -1.85 0.53
CA LYS B 115 5.95 -2.64 1.58
C LYS B 115 6.88 -1.74 2.40
N ASP B 116 7.06 -2.06 3.68
CA ASP B 116 8.16 -1.54 4.54
C ASP B 116 7.94 -0.05 4.83
N GLN B 117 6.68 0.38 4.96
CA GLN B 117 6.32 1.76 5.40
C GLN B 117 5.23 1.64 6.46
N LYS B 118 5.58 1.93 7.71
CA LYS B 118 4.73 1.66 8.89
C LYS B 118 3.56 2.64 8.94
N ASN B 119 3.59 3.74 8.18
CA ASN B 119 2.44 4.68 8.12
C ASN B 119 1.60 4.43 6.85
N VAL B 120 1.73 3.25 6.23
CA VAL B 120 0.99 2.90 5.00
C VAL B 120 0.36 1.53 5.18
N ALA B 121 -0.93 1.45 4.92
CA ALA B 121 -1.69 0.19 4.88
C ALA B 121 -2.07 0.00 3.42
N SER B 122 -2.14 -1.24 2.98
CA SER B 122 -2.48 -1.64 1.60
C SER B 122 -3.73 -2.49 1.68
N VAL B 123 -4.59 -2.39 0.68
CA VAL B 123 -5.88 -3.12 0.60
C VAL B 123 -5.99 -3.74 -0.77
N THR B 124 -6.28 -5.03 -0.82
CA THR B 124 -6.47 -5.78 -2.09
C THR B 124 -7.81 -6.48 -2.01
N PHE B 125 -8.39 -6.73 -3.17
CA PHE B 125 -9.67 -7.44 -3.36
C PHE B 125 -9.41 -8.58 -4.33
N ALA B 126 -9.94 -9.77 -4.01
CA ALA B 126 -9.92 -10.96 -4.90
C ALA B 126 -10.98 -10.78 -6.00
N ASP B 127 -10.74 -9.84 -6.92
CA ASP B 127 -11.67 -9.52 -8.03
C ASP B 127 -11.74 -10.68 -9.02
N ASN B 128 -10.73 -11.54 -9.03
CA ASN B 128 -10.76 -12.80 -9.82
C ASN B 128 -11.96 -13.65 -9.37
N GLU B 129 -12.26 -13.70 -8.07
CA GLU B 129 -13.30 -14.60 -7.48
C GLU B 129 -14.67 -14.07 -7.89
N SER B 130 -14.87 -12.77 -7.81
CA SER B 130 -16.14 -12.14 -8.24
C SER B 130 -16.24 -12.22 -9.77
N GLY B 131 -15.14 -12.00 -10.49
CA GLY B 131 -15.11 -12.15 -11.94
C GLY B 131 -15.53 -13.53 -12.38
N TYR B 132 -15.06 -14.56 -11.66
CA TYR B 132 -15.40 -15.98 -11.93
C TYR B 132 -16.92 -16.16 -11.86
N LEU B 133 -17.53 -15.64 -10.80
CA LEU B 133 -18.98 -15.74 -10.60
C LEU B 133 -19.70 -15.02 -11.72
N ALA B 134 -19.19 -13.83 -12.14
CA ALA B 134 -19.78 -13.10 -13.29
C ALA B 134 -19.67 -13.96 -14.57
N GLY B 135 -18.56 -14.68 -14.74
CA GLY B 135 -18.34 -15.59 -15.89
C GLY B 135 -19.33 -16.73 -15.93
N VAL B 136 -19.56 -17.39 -14.80
CA VAL B 136 -20.58 -18.47 -14.65
C VAL B 136 -21.92 -17.91 -15.05
N ALA B 137 -22.25 -16.71 -14.57
CA ALA B 137 -23.56 -16.07 -14.86
C ALA B 137 -23.65 -15.78 -16.37
N ALA B 138 -22.62 -15.21 -16.96
CA ALA B 138 -22.56 -14.88 -18.40
C ALA B 138 -22.76 -16.15 -19.25
N ALA B 139 -22.07 -17.23 -18.88
CA ALA B 139 -22.05 -18.52 -19.61
C ALA B 139 -23.43 -19.19 -19.54
N LYS B 140 -24.18 -18.94 -18.47
CA LYS B 140 -25.53 -19.52 -18.29
C LYS B 140 -26.59 -18.65 -18.97
N THR B 141 -26.24 -17.48 -19.53
CA THR B 141 -27.30 -16.65 -20.16
C THR B 141 -26.99 -16.41 -21.65
N THR B 142 -25.73 -16.38 -22.11
CA THR B 142 -25.42 -16.06 -23.52
C THR B 142 -26.16 -17.04 -24.46
N LYS B 143 -26.84 -16.51 -25.48
CA LYS B 143 -27.47 -17.29 -26.58
C LYS B 143 -26.55 -17.33 -27.80
N THR B 144 -25.77 -16.28 -28.07
CA THR B 144 -24.79 -16.20 -29.18
C THR B 144 -23.52 -16.99 -28.87
N LYS B 145 -23.36 -17.42 -27.61
CA LYS B 145 -22.15 -18.16 -27.17
C LYS B 145 -20.94 -17.25 -27.34
N GLN B 146 -21.12 -15.94 -27.31
CA GLN B 146 -20.02 -14.94 -27.40
C GLN B 146 -20.27 -13.83 -26.36
N VAL B 147 -19.25 -13.45 -25.61
CA VAL B 147 -19.34 -12.42 -24.54
C VAL B 147 -18.13 -11.50 -24.63
N GLY B 148 -18.28 -10.27 -24.16
CA GLY B 148 -17.24 -9.23 -24.21
C GLY B 148 -16.72 -8.89 -22.83
N PHE B 149 -15.45 -8.49 -22.77
CA PHE B 149 -14.79 -7.88 -21.60
C PHE B 149 -14.18 -6.57 -22.10
N VAL B 150 -14.50 -5.45 -21.42
CA VAL B 150 -13.91 -4.10 -21.66
C VAL B 150 -13.15 -3.68 -20.40
N GLY B 151 -11.83 -3.76 -20.47
CA GLY B 151 -10.94 -3.35 -19.38
C GLY B 151 -10.60 -1.88 -19.48
N GLY B 152 -10.27 -1.25 -18.36
CA GLY B 152 -9.87 0.16 -18.45
C GLY B 152 -8.41 0.26 -18.80
N ILE B 153 -7.54 -0.09 -17.87
CA ILE B 153 -6.08 -0.01 -18.11
C ILE B 153 -5.45 -1.38 -17.82
N GLU B 154 -4.63 -1.83 -18.75
CA GLU B 154 -3.88 -3.11 -18.66
C GLU B 154 -3.03 -3.08 -17.39
N SER B 155 -3.14 -4.12 -16.55
CA SER B 155 -2.61 -4.08 -15.17
C SER B 155 -2.80 -5.42 -14.50
N GLU B 156 -2.04 -5.68 -13.45
CA GLU B 156 -2.24 -6.82 -12.54
C GLU B 156 -3.70 -6.80 -12.01
N VAL B 157 -4.25 -5.63 -11.70
CA VAL B 157 -5.60 -5.48 -11.08
C VAL B 157 -6.68 -5.89 -12.08
N ILE B 158 -6.65 -5.38 -13.29
CA ILE B 158 -7.72 -5.67 -14.25
C ILE B 158 -7.52 -7.08 -14.78
N SER B 159 -6.28 -7.56 -14.82
CA SER B 159 -5.95 -8.95 -15.25
C SER B 159 -6.58 -9.96 -14.29
N ARG B 160 -6.66 -9.63 -13.00
CA ARG B 160 -7.38 -10.49 -12.03
C ARG B 160 -8.81 -10.66 -12.51
N PHE B 161 -9.52 -9.55 -12.74
CA PHE B 161 -10.93 -9.61 -13.17
C PHE B 161 -11.03 -10.46 -14.44
N GLU B 162 -10.13 -10.20 -15.40
CA GLU B 162 -10.16 -10.82 -16.76
C GLU B 162 -9.92 -12.33 -16.64
N ALA B 163 -8.89 -12.73 -15.89
CA ALA B 163 -8.53 -14.14 -15.71
C ALA B 163 -9.71 -14.86 -15.06
N GLY B 164 -10.23 -14.28 -13.96
CA GLY B 164 -11.38 -14.82 -13.21
C GLY B 164 -12.57 -15.00 -14.14
N PHE B 165 -12.86 -13.97 -14.93
CA PHE B 165 -14.05 -13.96 -15.83
C PHE B 165 -13.94 -15.12 -16.82
N LYS B 166 -12.78 -15.27 -17.45
CA LYS B 166 -12.52 -16.29 -18.50
C LYS B 166 -12.64 -17.68 -17.89
N ALA B 167 -12.11 -17.87 -16.68
CA ALA B 167 -12.14 -19.19 -16.01
C ALA B 167 -13.60 -19.56 -15.70
N GLY B 168 -14.39 -18.58 -15.27
CA GLY B 168 -15.79 -18.83 -14.91
C GLY B 168 -16.58 -19.18 -16.14
N VAL B 169 -16.33 -18.47 -17.24
CA VAL B 169 -17.04 -18.78 -18.50
C VAL B 169 -16.71 -20.22 -18.92
N ALA B 170 -15.43 -20.61 -18.87
CA ALA B 170 -14.90 -21.93 -19.30
C ALA B 170 -15.46 -23.03 -18.40
N SER B 171 -15.70 -22.74 -17.12
CA SER B 171 -16.16 -23.74 -16.12
C SER B 171 -17.54 -24.28 -16.51
N VAL B 172 -18.28 -23.50 -17.30
CA VAL B 172 -19.66 -23.84 -17.73
C VAL B 172 -19.62 -24.40 -19.16
N ASP B 173 -18.82 -23.79 -20.04
CA ASP B 173 -18.77 -24.10 -21.50
C ASP B 173 -17.53 -23.44 -22.13
N PRO B 174 -16.46 -24.22 -22.42
CA PRO B 174 -15.26 -23.69 -23.08
C PRO B 174 -15.41 -23.27 -24.55
N SER B 175 -16.52 -23.66 -25.21
CA SER B 175 -16.89 -23.25 -26.59
C SER B 175 -17.18 -21.75 -26.67
N ILE B 176 -17.57 -21.11 -25.56
CA ILE B 176 -17.97 -19.67 -25.52
C ILE B 176 -16.73 -18.81 -25.77
N LYS B 177 -16.79 -17.90 -26.74
CA LYS B 177 -15.67 -16.99 -27.06
C LYS B 177 -15.77 -15.74 -26.18
N VAL B 178 -14.66 -15.32 -25.59
CA VAL B 178 -14.56 -14.08 -24.78
C VAL B 178 -13.68 -13.10 -25.56
N GLN B 179 -14.28 -12.02 -26.06
CA GLN B 179 -13.58 -10.93 -26.78
C GLN B 179 -13.12 -9.94 -25.72
N VAL B 180 -11.82 -9.67 -25.66
CA VAL B 180 -11.20 -8.76 -24.66
C VAL B 180 -10.67 -7.54 -25.40
N ASP B 181 -11.03 -6.33 -24.95
CA ASP B 181 -10.46 -5.05 -25.39
C ASP B 181 -10.24 -4.16 -24.18
N TYR B 182 -9.16 -3.38 -24.20
CA TYR B 182 -8.80 -2.36 -23.18
C TYR B 182 -8.97 -0.96 -23.78
N ALA B 183 -9.55 -0.05 -22.99
CA ALA B 183 -9.83 1.33 -23.37
C ALA B 183 -8.57 2.17 -23.23
N GLY B 184 -7.63 1.76 -22.38
CA GLY B 184 -6.47 2.58 -21.98
C GLY B 184 -6.81 3.70 -21.00
N SER B 185 -7.99 3.69 -20.38
CA SER B 185 -8.42 4.73 -19.40
C SER B 185 -9.61 4.26 -18.53
N PHE B 186 -9.68 4.80 -17.31
CA PHE B 186 -10.82 4.65 -16.37
C PHE B 186 -11.77 5.86 -16.46
N GLY B 187 -11.45 6.92 -17.22
CA GLY B 187 -12.38 8.06 -17.38
C GLY B 187 -12.57 8.50 -18.84
N ASP B 188 -12.90 7.56 -19.74
CA ASP B 188 -13.04 7.80 -21.20
C ASP B 188 -14.29 7.08 -21.70
N ALA B 189 -15.48 7.62 -21.41
CA ALA B 189 -16.80 7.02 -21.76
C ALA B 189 -16.92 6.81 -23.27
N ALA B 190 -16.43 7.74 -24.08
CA ALA B 190 -16.56 7.72 -25.56
C ALA B 190 -15.88 6.47 -26.09
N LYS B 191 -14.72 6.12 -25.53
CA LYS B 191 -13.97 4.90 -25.92
C LYS B 191 -14.73 3.65 -25.48
N GLY B 192 -15.30 3.65 -24.28
CA GLY B 192 -16.15 2.54 -23.81
C GLY B 192 -17.30 2.26 -24.77
N LYS B 193 -17.95 3.31 -25.26
CA LYS B 193 -19.08 3.20 -26.24
C LYS B 193 -18.55 2.57 -27.53
N THR B 194 -17.40 3.01 -28.08
CA THR B 194 -16.93 2.51 -29.40
C THR B 194 -16.51 1.05 -29.25
N ILE B 195 -15.82 0.69 -28.18
CA ILE B 195 -15.42 -0.75 -27.98
C ILE B 195 -16.68 -1.61 -27.86
N ALA B 196 -17.65 -1.17 -27.07
CA ALA B 196 -18.89 -1.95 -26.80
C ALA B 196 -19.68 -2.10 -28.11
N ALA B 197 -19.77 -1.03 -28.90
CA ALA B 197 -20.46 -1.05 -30.22
C ALA B 197 -19.86 -2.20 -31.04
N ALA B 198 -18.52 -2.26 -31.12
CA ALA B 198 -17.78 -3.28 -31.91
C ALA B 198 -17.98 -4.66 -31.32
N GLN B 199 -17.88 -4.81 -29.99
CA GLN B 199 -18.03 -6.14 -29.35
C GLN B 199 -19.42 -6.69 -29.64
N TYR B 200 -20.47 -5.85 -29.51
CA TYR B 200 -21.90 -6.24 -29.75
C TYR B 200 -22.10 -6.55 -31.26
N ALA B 201 -21.60 -5.69 -32.16
CA ALA B 201 -21.67 -5.87 -33.64
C ALA B 201 -21.02 -7.20 -34.03
N ALA B 202 -19.92 -7.59 -33.37
CA ALA B 202 -19.22 -8.86 -33.65
C ALA B 202 -19.99 -10.04 -33.05
N GLY B 203 -21.05 -9.78 -32.30
CA GLY B 203 -22.02 -10.81 -31.87
C GLY B 203 -21.93 -11.20 -30.39
N ALA B 204 -21.25 -10.41 -29.57
CA ALA B 204 -21.34 -10.58 -28.10
C ALA B 204 -22.78 -10.23 -27.67
N ASP B 205 -23.42 -11.04 -26.84
CA ASP B 205 -24.75 -10.63 -26.30
C ASP B 205 -24.62 -10.16 -24.84
N ILE B 206 -23.43 -10.17 -24.27
CA ILE B 206 -23.15 -9.73 -22.87
C ILE B 206 -21.79 -9.04 -22.84
N VAL B 207 -21.71 -7.84 -22.28
CA VAL B 207 -20.39 -7.20 -22.03
C VAL B 207 -20.23 -6.93 -20.54
N TYR B 208 -19.14 -7.43 -19.97
CA TYR B 208 -18.62 -7.08 -18.62
C TYR B 208 -17.68 -5.89 -18.79
N GLN B 209 -18.06 -4.78 -18.17
CA GLN B 209 -17.25 -3.55 -18.19
C GLN B 209 -16.50 -3.41 -16.87
N VAL B 210 -15.17 -3.42 -16.94
CA VAL B 210 -14.25 -3.32 -15.77
C VAL B 210 -13.31 -2.15 -16.10
N ALA B 211 -13.87 -0.96 -16.09
CA ALA B 211 -13.14 0.22 -16.57
C ALA B 211 -13.62 1.50 -15.88
N GLY B 212 -14.18 1.38 -14.67
CA GLY B 212 -14.66 2.54 -13.90
C GLY B 212 -15.63 3.40 -14.71
N GLY B 213 -15.36 4.70 -14.78
CA GLY B 213 -16.19 5.70 -15.47
C GLY B 213 -16.26 5.48 -16.98
N THR B 214 -15.24 4.84 -17.57
CA THR B 214 -15.25 4.44 -19.00
C THR B 214 -16.50 3.59 -19.25
N GLY B 215 -16.92 2.81 -18.26
CA GLY B 215 -18.08 1.92 -18.40
C GLY B 215 -19.37 2.65 -18.70
N ALA B 216 -19.50 3.93 -18.34
CA ALA B 216 -20.70 4.74 -18.67
C ALA B 216 -20.99 4.64 -20.19
N GLY B 217 -19.95 4.55 -21.03
CA GLY B 217 -20.09 4.37 -22.48
C GLY B 217 -20.64 3.01 -22.84
N VAL B 218 -20.30 1.99 -22.07
CA VAL B 218 -20.79 0.62 -22.39
C VAL B 218 -22.29 0.60 -22.13
N PHE B 219 -22.73 1.25 -21.06
CA PHE B 219 -24.19 1.34 -20.71
C PHE B 219 -24.90 2.11 -21.83
N ALA B 220 -24.31 3.23 -22.26
CA ALA B 220 -24.88 4.11 -23.32
C ALA B 220 -25.09 3.30 -24.60
N GLU B 221 -24.12 2.49 -25.00
CA GLU B 221 -24.21 1.69 -26.24
C GLU B 221 -25.29 0.60 -26.09
N ALA B 222 -25.28 -0.17 -25.02
CA ALA B 222 -26.31 -1.21 -24.77
C ALA B 222 -27.70 -0.57 -24.76
N LYS B 223 -27.85 0.58 -24.12
CA LYS B 223 -29.16 1.26 -24.01
C LYS B 223 -29.68 1.59 -25.43
N SER B 224 -28.86 2.26 -26.25
CA SER B 224 -29.12 2.60 -27.68
C SER B 224 -29.51 1.36 -28.51
N LEU B 225 -28.73 0.28 -28.47
CA LEU B 225 -29.08 -0.98 -29.17
C LEU B 225 -30.41 -1.54 -28.67
N ASN B 226 -30.67 -1.46 -27.37
CA ASN B 226 -31.80 -2.21 -26.74
C ASN B 226 -33.10 -1.45 -27.00
N GLU B 227 -33.03 -0.12 -27.07
CA GLU B 227 -34.17 0.78 -27.37
C GLU B 227 -34.67 0.59 -28.81
N SER B 228 -33.83 0.10 -29.72
CA SER B 228 -34.15 -0.07 -31.17
C SER B 228 -34.37 -1.56 -31.46
N ARG B 229 -34.69 -2.35 -30.44
CA ARG B 229 -34.96 -3.79 -30.59
C ARG B 229 -36.10 -4.19 -29.66
N PRO B 230 -36.74 -5.35 -29.90
CA PRO B 230 -37.65 -5.93 -28.94
C PRO B 230 -36.96 -6.39 -27.64
N GLU B 231 -37.73 -6.42 -26.56
CA GLU B 231 -37.25 -6.75 -25.20
C GLU B 231 -36.51 -8.08 -25.23
N ASN B 232 -37.05 -9.11 -25.90
CA ASN B 232 -36.50 -10.49 -25.80
C ASN B 232 -35.21 -10.65 -26.63
N GLU B 233 -34.80 -9.64 -27.41
CA GLU B 233 -33.51 -9.59 -28.17
C GLU B 233 -32.54 -8.57 -27.54
N LYS B 234 -32.69 -8.25 -26.26
CA LYS B 234 -31.82 -7.24 -25.61
C LYS B 234 -30.44 -7.89 -25.51
N VAL B 235 -29.41 -7.05 -25.50
CA VAL B 235 -28.03 -7.42 -25.08
C VAL B 235 -27.85 -6.94 -23.64
N TRP B 236 -26.95 -7.58 -22.92
CA TRP B 236 -26.75 -7.39 -21.47
C TRP B 236 -25.43 -6.65 -21.21
N VAL B 237 -25.40 -5.91 -20.11
CA VAL B 237 -24.17 -5.45 -19.42
C VAL B 237 -24.08 -6.14 -18.05
N ILE B 238 -22.86 -6.46 -17.62
CA ILE B 238 -22.54 -6.82 -16.22
C ILE B 238 -21.92 -5.60 -15.55
N GLY B 239 -22.51 -5.20 -14.43
CA GLY B 239 -22.02 -4.09 -13.60
C GLY B 239 -20.79 -4.47 -12.81
N VAL B 240 -20.17 -3.45 -12.25
CA VAL B 240 -18.85 -3.60 -11.59
C VAL B 240 -18.79 -2.69 -10.38
N ASP B 241 -18.15 -3.16 -9.31
CA ASP B 241 -17.83 -2.45 -8.05
C ASP B 241 -19.10 -2.21 -7.21
N ARG B 242 -20.12 -1.58 -7.78
CA ARG B 242 -21.44 -1.31 -7.15
C ARG B 242 -22.48 -2.17 -7.83
N ASP B 243 -23.63 -2.37 -7.19
CA ASP B 243 -24.83 -2.91 -7.87
C ASP B 243 -25.32 -1.83 -8.87
N GLN B 244 -25.19 -2.06 -10.17
CA GLN B 244 -25.50 -1.02 -11.18
C GLN B 244 -26.85 -1.30 -11.83
N GLU B 245 -27.73 -2.08 -11.20
CA GLU B 245 -29.09 -2.36 -11.73
C GLU B 245 -29.77 -1.06 -12.20
N ALA B 246 -29.76 0.01 -11.43
CA ALA B 246 -30.55 1.22 -11.73
C ALA B 246 -30.02 1.91 -13.03
N GLU B 247 -28.79 1.62 -13.46
CA GLU B 247 -28.23 2.18 -14.72
C GLU B 247 -28.72 1.38 -15.93
N GLY B 248 -29.43 0.25 -15.73
CA GLY B 248 -29.83 -0.66 -16.82
C GLY B 248 -31.26 -0.48 -17.26
N LYS B 249 -31.96 0.52 -16.74
CA LYS B 249 -33.40 0.76 -17.05
C LYS B 249 -33.54 1.29 -18.49
N TYR B 250 -34.51 0.77 -19.24
CA TYR B 250 -34.81 1.27 -20.62
C TYR B 250 -36.21 0.83 -21.05
N THR B 251 -36.66 1.37 -22.18
CA THR B 251 -37.91 0.98 -22.88
C THR B 251 -37.54 0.38 -24.25
N SER B 252 -37.96 -0.84 -24.52
CA SER B 252 -37.70 -1.53 -25.80
C SER B 252 -38.43 -0.84 -26.98
N LYS B 253 -38.26 -1.37 -28.19
CA LYS B 253 -38.93 -0.92 -29.45
C LYS B 253 -40.44 -1.12 -29.30
N ASP B 254 -40.85 -2.30 -28.81
CA ASP B 254 -42.26 -2.75 -28.64
C ASP B 254 -42.83 -2.28 -27.29
N GLY B 255 -42.38 -1.14 -26.75
CA GLY B 255 -42.96 -0.43 -25.60
C GLY B 255 -42.85 -1.11 -24.22
N LYS B 256 -42.02 -2.15 -24.04
CA LYS B 256 -41.85 -2.84 -22.73
C LYS B 256 -40.74 -2.18 -21.91
N GLU B 257 -41.05 -1.78 -20.68
CA GLU B 257 -40.09 -1.27 -19.67
C GLU B 257 -39.27 -2.45 -19.14
N SER B 258 -37.95 -2.37 -19.22
CA SER B 258 -37.08 -3.53 -18.92
C SER B 258 -35.74 -3.07 -18.34
N ASN B 259 -34.83 -4.02 -18.18
CA ASN B 259 -33.51 -3.77 -17.55
C ASN B 259 -32.49 -4.63 -18.27
N PHE B 260 -31.35 -4.06 -18.68
CA PHE B 260 -30.31 -4.84 -19.39
C PHE B 260 -29.11 -5.14 -18.49
N VAL B 261 -29.16 -4.86 -17.19
CA VAL B 261 -28.08 -5.32 -16.29
C VAL B 261 -28.38 -6.75 -15.86
N LEU B 262 -27.48 -7.68 -16.15
CA LEU B 262 -27.68 -9.13 -15.88
C LEU B 262 -27.38 -9.39 -14.40
N VAL B 263 -26.28 -8.82 -13.93
CA VAL B 263 -25.57 -9.21 -12.69
C VAL B 263 -24.55 -8.08 -12.44
N SER B 264 -24.07 -7.86 -11.22
CA SER B 264 -22.97 -6.89 -10.98
C SER B 264 -21.96 -7.55 -10.06
N THR B 265 -20.65 -7.38 -10.31
CA THR B 265 -19.63 -7.75 -9.32
C THR B 265 -19.61 -6.61 -8.28
N LEU B 266 -19.43 -6.93 -7.02
CA LEU B 266 -19.40 -5.95 -5.91
C LEU B 266 -17.97 -5.94 -5.38
N LYS B 267 -17.51 -4.77 -4.97
CA LYS B 267 -16.18 -4.53 -4.38
C LYS B 267 -16.40 -3.49 -3.29
N GLN B 268 -16.29 -3.87 -2.01
CA GLN B 268 -16.85 -3.03 -0.92
C GLN B 268 -15.81 -1.99 -0.51
N VAL B 269 -15.43 -1.12 -1.43
CA VAL B 269 -14.39 -0.08 -1.20
C VAL B 269 -14.85 0.88 -0.11
N GLY B 270 -16.09 1.36 -0.17
CA GLY B 270 -16.66 2.28 0.84
C GLY B 270 -16.59 1.70 2.23
N THR B 271 -16.92 0.43 2.38
CA THR B 271 -16.86 -0.24 3.70
C THR B 271 -15.44 -0.16 4.25
N THR B 272 -14.43 -0.45 3.43
CA THR B 272 -13.02 -0.47 3.85
CA THR B 272 -13.00 -0.47 3.83
C THR B 272 -12.60 0.95 4.25
N VAL B 273 -13.07 1.96 3.52
CA VAL B 273 -12.70 3.39 3.81
C VAL B 273 -13.29 3.77 5.18
N LYS B 274 -14.55 3.42 5.43
CA LYS B 274 -15.22 3.74 6.71
C LYS B 274 -14.53 2.98 7.85
N ASP B 275 -14.33 1.66 7.72
CA ASP B 275 -13.74 0.80 8.77
C ASP B 275 -12.31 1.26 9.09
N ILE B 276 -11.48 1.57 8.09
CA ILE B 276 -10.08 1.99 8.36
C ILE B 276 -10.08 3.39 8.97
N SER B 277 -10.96 4.29 8.52
CA SER B 277 -11.06 5.66 9.07
C SER B 277 -11.40 5.56 10.57
N ASN B 278 -12.28 4.63 10.94
CA ASN B 278 -12.65 4.43 12.36
C ASN B 278 -11.41 3.95 13.13
N LYS B 279 -10.67 3.02 12.59
CA LYS B 279 -9.45 2.46 13.23
C LYS B 279 -8.40 3.57 13.37
N ALA B 280 -8.20 4.37 12.33
CA ALA B 280 -7.23 5.49 12.36
C ALA B 280 -7.65 6.48 13.46
N GLU B 281 -8.93 6.85 13.53
CA GLU B 281 -9.40 7.82 14.55
C GLU B 281 -9.13 7.27 15.96
N ARG B 282 -9.23 5.95 16.17
CA ARG B 282 -9.03 5.30 17.50
C ARG B 282 -7.55 5.08 17.83
N GLY B 283 -6.65 5.51 16.95
CA GLY B 283 -5.19 5.33 17.12
C GLY B 283 -4.79 3.87 16.98
N GLU B 284 -5.53 3.09 16.18
CA GLU B 284 -5.25 1.65 15.87
C GLU B 284 -5.05 1.44 14.36
N PHE B 285 -4.48 2.43 13.68
CA PHE B 285 -4.24 2.35 12.21
C PHE B 285 -3.42 1.11 11.91
N PRO B 286 -3.82 0.23 10.96
CA PRO B 286 -3.05 -0.97 10.62
C PRO B 286 -1.87 -0.70 9.65
N GLY B 287 -0.92 0.13 10.09
CA GLY B 287 0.32 0.50 9.36
C GLY B 287 1.14 -0.73 9.04
N GLY B 288 1.67 -0.79 7.81
CA GLY B 288 2.56 -1.86 7.30
C GLY B 288 1.82 -3.15 6.97
N GLN B 289 0.51 -3.22 7.13
CA GLN B 289 -0.24 -4.49 6.91
C GLN B 289 -0.90 -4.45 5.53
N VAL B 290 -1.21 -5.64 5.02
CA VAL B 290 -1.87 -5.87 3.73
C VAL B 290 -3.21 -6.49 4.07
N ILE B 291 -4.30 -5.78 3.81
CA ILE B 291 -5.66 -6.27 4.13
C ILE B 291 -6.23 -6.87 2.84
N VAL B 292 -6.57 -8.15 2.86
CA VAL B 292 -7.07 -8.93 1.70
C VAL B 292 -8.56 -9.18 1.91
N TYR B 293 -9.40 -8.63 1.04
CA TYR B 293 -10.85 -8.94 0.98
C TYR B 293 -11.09 -9.97 -0.11
N SER B 294 -11.97 -10.93 0.17
CA SER B 294 -12.27 -12.03 -0.77
C SER B 294 -13.76 -12.34 -0.71
N LEU B 295 -14.19 -13.32 -1.48
CA LEU B 295 -15.56 -13.88 -1.42
C LEU B 295 -15.90 -14.29 0.03
N LYS B 296 -14.96 -14.90 0.77
CA LYS B 296 -15.19 -15.47 2.14
C LYS B 296 -15.76 -14.40 3.06
N ASP B 297 -15.19 -13.19 3.08
CA ASP B 297 -15.56 -12.09 4.01
C ASP B 297 -16.53 -11.12 3.32
N LYS B 298 -17.00 -11.46 2.12
CA LYS B 298 -17.94 -10.63 1.29
C LYS B 298 -17.38 -9.23 1.01
N GLY B 299 -16.06 -9.08 0.98
CA GLY B 299 -15.36 -7.90 0.42
C GLY B 299 -15.60 -7.79 -1.08
N VAL B 300 -15.78 -8.93 -1.74
CA VAL B 300 -16.29 -8.98 -3.15
C VAL B 300 -17.47 -9.92 -3.13
N ASP B 301 -18.37 -9.78 -4.10
CA ASP B 301 -19.58 -10.62 -4.24
C ASP B 301 -20.16 -10.46 -5.65
N LEU B 302 -21.22 -11.19 -5.95
CA LEU B 302 -22.03 -10.98 -7.16
C LEU B 302 -23.47 -10.69 -6.75
N ALA B 303 -24.02 -9.56 -7.20
CA ALA B 303 -25.46 -9.27 -7.12
C ALA B 303 -26.15 -9.99 -8.28
N VAL B 304 -27.10 -10.90 -8.02
CA VAL B 304 -27.66 -11.83 -9.06
C VAL B 304 -28.88 -11.22 -9.78
N THR B 305 -29.23 -9.97 -9.49
CA THR B 305 -30.24 -9.08 -10.15
C THR B 305 -31.18 -9.83 -11.11
N ASN B 306 -30.86 -9.94 -12.40
CA ASN B 306 -31.85 -10.39 -13.41
C ASN B 306 -31.44 -11.76 -13.97
N LEU B 307 -30.58 -12.46 -13.25
CA LEU B 307 -30.09 -13.81 -13.66
C LEU B 307 -31.28 -14.77 -13.57
N SER B 308 -31.36 -15.74 -14.47
CA SER B 308 -32.30 -16.90 -14.38
C SER B 308 -32.02 -17.74 -13.13
N GLU B 309 -33.04 -18.49 -12.68
CA GLU B 309 -32.93 -19.39 -11.50
C GLU B 309 -31.83 -20.44 -11.72
N GLU B 310 -31.67 -20.94 -12.94
CA GLU B 310 -30.60 -21.94 -13.23
C GLU B 310 -29.25 -21.21 -13.18
N GLY B 311 -29.19 -19.97 -13.65
CA GLY B 311 -28.01 -19.10 -13.47
C GLY B 311 -27.64 -18.94 -12.00
N LYS B 312 -28.61 -18.65 -11.14
CA LYS B 312 -28.38 -18.38 -9.69
C LYS B 312 -27.87 -19.64 -8.98
N LYS B 313 -28.34 -20.82 -9.41
CA LYS B 313 -27.91 -22.14 -8.88
C LYS B 313 -26.45 -22.39 -9.26
N ALA B 314 -26.07 -22.18 -10.52
CA ALA B 314 -24.66 -22.30 -10.99
C ALA B 314 -23.74 -21.32 -10.24
N VAL B 315 -24.21 -20.12 -9.93
CA VAL B 315 -23.36 -19.13 -9.19
C VAL B 315 -23.22 -19.61 -7.75
N GLU B 316 -24.32 -19.97 -7.08
CA GLU B 316 -24.31 -20.48 -5.67
C GLU B 316 -23.35 -21.67 -5.57
N ASP B 317 -23.35 -22.56 -6.56
CA ASP B 317 -22.49 -23.79 -6.59
C ASP B 317 -21.02 -23.38 -6.74
N ALA B 318 -20.69 -22.53 -7.73
CA ALA B 318 -19.32 -22.05 -7.97
C ALA B 318 -18.84 -21.29 -6.74
N LYS B 319 -19.72 -20.53 -6.09
CA LYS B 319 -19.31 -19.76 -4.88
C LYS B 319 -18.83 -20.75 -3.80
N ALA B 320 -19.64 -21.78 -3.54
CA ALA B 320 -19.35 -22.85 -2.54
C ALA B 320 -18.00 -23.52 -2.88
N LYS B 321 -17.79 -23.85 -4.15
CA LYS B 321 -16.53 -24.47 -4.61
C LYS B 321 -15.32 -23.53 -4.40
N ILE B 322 -15.49 -22.22 -4.49
CA ILE B 322 -14.37 -21.26 -4.29
C ILE B 322 -14.06 -21.20 -2.78
N LEU B 323 -15.10 -21.08 -1.95
CA LEU B 323 -14.96 -20.95 -0.47
C LEU B 323 -14.33 -22.21 0.13
N ASP B 324 -14.60 -23.40 -0.42
CA ASP B 324 -14.11 -24.68 0.19
C ASP B 324 -12.68 -24.98 -0.31
N GLY B 325 -12.28 -24.39 -1.45
CA GLY B 325 -10.95 -24.57 -2.06
C GLY B 325 -10.98 -25.58 -3.19
N SER B 326 -12.16 -26.16 -3.48
CA SER B 326 -12.41 -27.14 -4.56
C SER B 326 -11.99 -26.58 -5.93
N VAL B 327 -12.33 -25.30 -6.19
CA VAL B 327 -11.90 -24.52 -7.39
C VAL B 327 -10.93 -23.44 -6.92
N LYS B 328 -9.77 -23.37 -7.57
CA LYS B 328 -8.77 -22.28 -7.40
C LYS B 328 -8.83 -21.38 -8.64
N VAL B 329 -9.28 -20.15 -8.44
CA VAL B 329 -9.48 -19.17 -9.54
C VAL B 329 -8.11 -18.58 -9.85
N PRO B 330 -7.65 -18.60 -11.13
CA PRO B 330 -6.41 -17.93 -11.50
C PRO B 330 -6.45 -16.40 -11.33
N GLU B 331 -5.31 -15.78 -11.09
CA GLU B 331 -5.24 -14.32 -10.90
C GLU B 331 -4.70 -13.69 -12.18
N LYS B 332 -4.18 -14.51 -13.10
CA LYS B 332 -3.63 -14.01 -14.38
C LYS B 332 -4.30 -14.74 -15.55
N SER C 3 -0.80 -37.66 -34.91
CA SER C 3 -1.02 -39.05 -35.42
C SER C 3 -0.12 -39.31 -36.63
N HIS C 4 -0.08 -40.57 -37.07
CA HIS C 4 0.72 -41.01 -38.24
C HIS C 4 -0.16 -41.02 -39.50
N HIS C 5 -0.12 -39.94 -40.27
CA HIS C 5 -0.74 -39.88 -41.61
C HIS C 5 0.38 -40.07 -42.63
N HIS C 6 -0.03 -40.32 -43.84
CA HIS C 6 0.79 -40.54 -45.04
C HIS C 6 1.35 -39.23 -45.61
N HIS C 7 2.25 -39.32 -46.58
CA HIS C 7 2.85 -38.15 -47.26
C HIS C 7 3.18 -38.56 -48.66
N HIS C 8 3.18 -37.58 -49.57
CA HIS C 8 3.47 -37.73 -51.03
C HIS C 8 4.71 -36.89 -51.40
N HIS C 9 5.59 -37.43 -52.21
CA HIS C 9 6.72 -36.68 -52.83
C HIS C 9 6.30 -36.39 -54.27
N MET C 10 6.87 -35.37 -54.90
CA MET C 10 6.70 -35.06 -56.35
C MET C 10 8.09 -35.06 -57.01
N SER C 11 8.18 -35.35 -58.31
CA SER C 11 9.46 -35.33 -59.05
C SER C 11 9.86 -33.87 -59.43
N GLY C 12 8.90 -32.94 -59.59
CA GLY C 12 9.11 -31.59 -60.20
C GLY C 12 10.25 -30.78 -59.61
N GLU C 13 10.92 -29.95 -60.42
CA GLU C 13 12.13 -29.20 -60.01
C GLU C 13 11.93 -27.69 -60.23
N ASN C 14 10.74 -27.22 -60.52
CA ASN C 14 10.52 -25.78 -60.85
C ASN C 14 9.73 -25.10 -59.72
N LEU C 15 9.71 -25.66 -58.50
CA LEU C 15 9.06 -25.01 -57.33
C LEU C 15 10.03 -24.05 -56.62
N TYR C 16 9.57 -22.83 -56.35
CA TYR C 16 10.29 -21.72 -55.68
C TYR C 16 9.39 -21.20 -54.57
N PHE C 17 9.97 -20.56 -53.58
CA PHE C 17 9.17 -19.79 -52.60
C PHE C 17 9.69 -18.37 -52.53
N GLN C 18 8.71 -17.48 -52.44
CA GLN C 18 8.83 -16.05 -52.14
C GLN C 18 9.33 -15.95 -50.70
N GLY C 19 10.44 -15.23 -50.52
CA GLY C 19 10.97 -14.92 -49.18
C GLY C 19 10.19 -13.80 -48.53
N ALA C 20 10.40 -13.59 -47.25
CA ALA C 20 9.74 -12.50 -46.50
C ALA C 20 10.29 -11.13 -46.97
N SER C 21 9.54 -10.04 -46.78
CA SER C 21 10.05 -8.65 -46.86
C SER C 21 9.87 -8.01 -45.48
N ALA C 22 10.94 -7.58 -44.85
CA ALA C 22 10.91 -7.17 -43.43
C ALA C 22 11.31 -5.71 -43.31
N ALA C 23 10.55 -4.99 -42.50
CA ALA C 23 10.81 -3.57 -42.17
C ALA C 23 10.80 -3.38 -40.65
N ILE C 24 11.63 -2.49 -40.15
CA ILE C 24 11.51 -1.95 -38.79
C ILE C 24 10.91 -0.53 -38.85
N VAL C 25 9.98 -0.27 -37.95
CA VAL C 25 9.45 1.07 -37.60
C VAL C 25 10.02 1.44 -36.24
N THR C 26 10.73 2.54 -36.23
CA THR C 26 11.32 3.20 -35.05
C THR C 26 10.23 3.92 -34.21
N ASP C 27 10.42 4.07 -32.90
CA ASP C 27 9.49 4.81 -32.01
C ASP C 27 9.94 6.28 -31.94
N THR C 28 11.21 6.54 -32.28
CA THR C 28 11.86 7.87 -32.35
C THR C 28 13.28 7.67 -32.87
N GLY C 29 13.80 8.60 -33.66
CA GLY C 29 15.22 8.64 -34.05
C GLY C 29 15.47 7.74 -35.25
N GLY C 30 16.67 7.81 -35.82
CA GLY C 30 17.12 6.90 -36.88
C GLY C 30 17.83 5.68 -36.31
N VAL C 31 18.56 5.02 -37.19
CA VAL C 31 19.20 3.71 -36.94
C VAL C 31 20.66 3.97 -36.57
N ASP C 32 20.95 5.16 -36.04
CA ASP C 32 22.33 5.61 -35.69
C ASP C 32 22.32 6.15 -34.25
N ASP C 33 21.41 5.65 -33.40
CA ASP C 33 21.36 5.94 -31.93
C ASP C 33 22.47 5.21 -31.15
N LYS C 34 23.32 4.40 -31.79
CA LYS C 34 24.43 3.64 -31.17
C LYS C 34 23.94 2.61 -30.16
N SER C 35 22.63 2.35 -30.10
CA SER C 35 22.02 1.52 -29.05
C SER C 35 20.87 0.69 -29.62
N PHE C 36 19.64 0.98 -29.22
CA PHE C 36 18.45 0.13 -29.43
C PHE C 36 18.08 0.02 -30.91
N ASN C 37 17.87 1.15 -31.58
CA ASN C 37 17.47 1.15 -33.00
C ASN C 37 18.61 0.66 -33.87
N GLN C 38 19.84 1.03 -33.53
CA GLN C 38 21.02 0.59 -34.32
C GLN C 38 21.17 -0.93 -34.22
N SER C 39 20.96 -1.54 -33.05
CA SER C 39 21.05 -3.01 -32.87
C SER C 39 20.02 -3.67 -33.81
N ALA C 40 18.76 -3.27 -33.71
CA ALA C 40 17.66 -3.72 -34.57
C ALA C 40 18.07 -3.62 -36.05
N TRP C 41 18.62 -2.49 -36.46
CA TRP C 41 18.90 -2.21 -37.90
C TRP C 41 20.09 -3.06 -38.38
N GLU C 42 21.15 -3.20 -37.58
CA GLU C 42 22.30 -4.07 -37.92
C GLU C 42 21.82 -5.52 -38.07
N GLY C 43 20.86 -5.92 -37.25
CA GLY C 43 20.22 -7.24 -37.34
C GLY C 43 19.48 -7.40 -38.65
N LEU C 44 18.67 -6.42 -39.04
CA LEU C 44 17.87 -6.49 -40.28
C LEU C 44 18.81 -6.46 -41.49
N GLN C 45 19.90 -5.70 -41.41
CA GLN C 45 20.92 -5.61 -42.49
C GLN C 45 21.62 -6.96 -42.64
N ALA C 46 21.88 -7.65 -41.53
CA ALA C 46 22.58 -8.95 -41.55
C ALA C 46 21.64 -9.97 -42.15
N TRP C 47 20.35 -9.87 -41.83
CA TRP C 47 19.33 -10.78 -42.41
C TRP C 47 19.24 -10.53 -43.92
N GLY C 48 19.20 -9.28 -44.34
CA GLY C 48 19.17 -8.87 -45.76
C GLY C 48 20.36 -9.41 -46.53
N LYS C 49 21.57 -9.27 -45.99
CA LYS C 49 22.81 -9.83 -46.59
C LYS C 49 22.69 -11.35 -46.77
N GLU C 50 22.18 -12.05 -45.76
CA GLU C 50 22.02 -13.53 -45.78
C GLU C 50 21.06 -13.91 -46.93
N HIS C 51 20.06 -13.08 -47.24
CA HIS C 51 19.03 -13.35 -48.30
C HIS C 51 19.33 -12.61 -49.62
N ASN C 52 20.52 -11.99 -49.79
CA ASN C 52 20.93 -11.31 -51.04
C ASN C 52 19.99 -10.15 -51.36
N LEU C 53 19.64 -9.37 -50.35
CA LEU C 53 18.69 -8.26 -50.46
C LEU C 53 19.51 -6.98 -50.32
N SER C 54 18.91 -5.83 -50.57
CA SER C 54 19.51 -4.51 -50.18
C SER C 54 18.40 -3.60 -49.65
N LYS C 55 18.78 -2.46 -49.09
CA LYS C 55 17.83 -1.47 -48.52
C LYS C 55 16.84 -1.09 -49.62
N ASP C 56 15.54 -1.14 -49.30
CA ASP C 56 14.39 -0.79 -50.20
C ASP C 56 14.27 -1.85 -51.30
N ASN C 57 15.01 -2.97 -51.20
CA ASN C 57 14.82 -4.16 -52.08
C ASN C 57 14.80 -5.42 -51.21
N GLY C 58 13.86 -5.48 -50.25
CA GLY C 58 13.63 -6.66 -49.39
C GLY C 58 13.59 -6.28 -47.92
N PHE C 59 14.23 -5.17 -47.54
CA PHE C 59 14.20 -4.66 -46.15
C PHE C 59 14.38 -3.15 -46.14
N THR C 60 13.88 -2.51 -45.10
CA THR C 60 14.07 -1.05 -44.88
C THR C 60 13.65 -0.68 -43.46
N TYR C 61 13.89 0.57 -43.10
CA TYR C 61 13.42 1.15 -41.83
C TYR C 61 12.55 2.37 -42.16
N PHE C 62 11.53 2.61 -41.34
CA PHE C 62 10.73 3.86 -41.27
C PHE C 62 11.04 4.56 -39.94
N GLN C 63 11.67 5.73 -40.03
CA GLN C 63 11.91 6.61 -38.87
C GLN C 63 10.60 7.32 -38.49
N SER C 64 10.17 7.15 -37.25
CA SER C 64 9.09 7.94 -36.62
C SER C 64 9.73 9.15 -35.93
N THR C 65 9.14 10.34 -36.07
CA THR C 65 9.59 11.60 -35.41
C THR C 65 8.62 11.93 -34.25
N SER C 66 7.41 11.36 -34.25
CA SER C 66 6.37 11.59 -33.20
C SER C 66 5.37 10.41 -33.17
N GLU C 67 4.51 10.36 -32.17
CA GLU C 67 3.47 9.31 -31.98
C GLU C 67 2.52 9.34 -33.17
N ALA C 68 2.30 10.52 -33.75
CA ALA C 68 1.42 10.68 -34.92
C ALA C 68 2.03 9.98 -36.16
N ASP C 69 3.34 9.76 -36.19
CA ASP C 69 3.99 9.04 -37.33
C ASP C 69 3.77 7.53 -37.24
N TYR C 70 3.46 6.97 -36.07
CA TYR C 70 3.49 5.50 -35.84
C TYR C 70 2.54 4.83 -36.83
N ALA C 71 1.27 5.25 -36.82
CA ALA C 71 0.20 4.64 -37.64
C ALA C 71 0.52 4.84 -39.12
N ASN C 72 1.05 6.00 -39.50
CA ASN C 72 1.36 6.34 -40.92
C ASN C 72 2.52 5.45 -41.41
N ASN C 73 3.59 5.34 -40.62
CA ASN C 73 4.76 4.49 -40.93
C ASN C 73 4.33 3.02 -41.03
N LEU C 74 3.45 2.53 -40.15
CA LEU C 74 2.99 1.12 -40.21
C LEU C 74 2.22 0.92 -41.51
N GLN C 75 1.36 1.87 -41.90
CA GLN C 75 0.48 1.74 -43.09
C GLN C 75 1.36 1.78 -44.34
N GLN C 76 2.38 2.65 -44.37
CA GLN C 76 3.36 2.72 -45.48
C GLN C 76 4.12 1.39 -45.59
N ALA C 77 4.62 0.86 -44.48
CA ALA C 77 5.31 -0.45 -44.39
C ALA C 77 4.44 -1.56 -44.99
N ALA C 78 3.13 -1.54 -44.75
CA ALA C 78 2.18 -2.57 -45.24
C ALA C 78 2.05 -2.53 -46.78
N GLY C 79 2.57 -1.50 -47.45
CA GLY C 79 2.57 -1.44 -48.91
C GLY C 79 3.46 -2.53 -49.52
N SER C 80 4.67 -2.72 -48.96
CA SER C 80 5.76 -3.54 -49.56
C SER C 80 6.30 -4.63 -48.62
N TYR C 81 5.95 -4.65 -47.34
CA TYR C 81 6.60 -5.51 -46.31
C TYR C 81 5.54 -6.39 -45.67
N ASN C 82 5.86 -7.67 -45.43
CA ASN C 82 4.86 -8.61 -44.87
C ASN C 82 5.32 -9.04 -43.48
N LEU C 83 6.44 -8.50 -43.02
CA LEU C 83 6.92 -8.76 -41.64
C LEU C 83 7.37 -7.43 -41.08
N ILE C 84 6.59 -6.89 -40.13
CA ILE C 84 6.80 -5.49 -39.69
C ILE C 84 7.15 -5.49 -38.20
N PHE C 85 8.31 -4.95 -37.86
CA PHE C 85 8.82 -4.82 -36.47
C PHE C 85 8.56 -3.40 -35.95
N GLY C 86 7.71 -3.29 -34.93
CA GLY C 86 7.60 -2.12 -34.07
C GLY C 86 8.64 -2.16 -32.98
N VAL C 87 9.71 -1.39 -33.14
CA VAL C 87 10.87 -1.36 -32.20
C VAL C 87 10.62 -0.32 -31.09
N GLY C 88 10.03 -0.76 -29.99
CA GLY C 88 9.83 0.08 -28.79
C GLY C 88 8.45 -0.14 -28.25
N PHE C 89 8.33 -0.09 -26.92
CA PHE C 89 7.04 -0.31 -26.20
C PHE C 89 6.01 0.72 -26.66
N ALA C 90 6.45 1.93 -27.02
CA ALA C 90 5.58 3.06 -27.41
C ALA C 90 4.70 2.69 -28.63
N LEU C 91 5.13 1.72 -29.45
CA LEU C 91 4.39 1.35 -30.68
C LEU C 91 3.27 0.35 -30.38
N ASN C 92 3.06 -0.04 -29.13
CA ASN C 92 2.08 -1.10 -28.73
C ASN C 92 0.71 -0.86 -29.42
N ASN C 93 0.07 0.28 -29.17
CA ASN C 93 -1.33 0.55 -29.63
C ASN C 93 -1.35 0.63 -31.16
N ALA C 94 -0.39 1.32 -31.77
CA ALA C 94 -0.31 1.44 -33.24
C ALA C 94 -0.13 0.07 -33.89
N VAL C 95 0.74 -0.79 -33.32
CA VAL C 95 0.96 -2.17 -33.87
C VAL C 95 -0.30 -3.00 -33.70
N LYS C 96 -0.98 -2.89 -32.56
CA LYS C 96 -2.27 -3.60 -32.35
C LYS C 96 -3.27 -3.23 -33.45
N ASP C 97 -3.47 -1.93 -33.72
CA ASP C 97 -4.45 -1.46 -34.72
C ASP C 97 -4.03 -1.91 -36.13
N ALA C 98 -2.74 -1.82 -36.46
CA ALA C 98 -2.23 -2.20 -37.81
C ALA C 98 -2.45 -3.70 -38.01
N ALA C 99 -2.21 -4.51 -36.98
CA ALA C 99 -2.34 -5.98 -37.07
C ALA C 99 -3.79 -6.36 -37.35
N LYS C 100 -4.74 -5.64 -36.75
CA LYS C 100 -6.20 -5.84 -36.93
C LYS C 100 -6.66 -5.43 -38.33
N GLU C 101 -6.11 -4.35 -38.90
CA GLU C 101 -6.36 -3.89 -40.30
C GLU C 101 -5.75 -4.87 -41.33
N HIS C 102 -4.57 -5.43 -41.06
CA HIS C 102 -3.83 -6.29 -42.02
C HIS C 102 -3.56 -7.68 -41.40
N THR C 103 -4.58 -8.52 -41.31
CA THR C 103 -4.52 -9.88 -40.75
C THR C 103 -3.64 -10.80 -41.61
N ASP C 104 -3.38 -10.46 -42.88
CA ASP C 104 -2.50 -11.27 -43.77
C ASP C 104 -1.02 -10.89 -43.57
N LEU C 105 -0.71 -9.82 -42.85
CA LEU C 105 0.72 -9.47 -42.56
C LEU C 105 1.03 -9.84 -41.11
N ASN C 106 2.31 -9.94 -40.82
CA ASN C 106 2.84 -10.42 -39.52
C ASN C 106 3.58 -9.26 -38.88
N TYR C 107 3.36 -9.07 -37.57
CA TYR C 107 3.89 -7.93 -36.80
C TYR C 107 4.64 -8.46 -35.60
N VAL C 108 5.72 -7.78 -35.22
CA VAL C 108 6.48 -8.08 -33.99
C VAL C 108 6.53 -6.78 -33.19
N LEU C 109 6.20 -6.87 -31.91
CA LEU C 109 6.38 -5.75 -30.98
C LEU C 109 7.61 -6.06 -30.11
N ILE C 110 8.57 -5.17 -30.11
CA ILE C 110 9.77 -5.37 -29.27
C ILE C 110 9.63 -4.53 -27.99
N ASP C 111 9.85 -5.19 -26.86
CA ASP C 111 9.83 -4.70 -25.45
C ASP C 111 8.41 -4.59 -24.88
N ASP C 112 7.41 -5.18 -25.51
CA ASP C 112 6.04 -5.13 -24.93
C ASP C 112 5.22 -6.31 -25.43
N VAL C 113 4.12 -6.59 -24.75
CA VAL C 113 3.25 -7.77 -25.03
C VAL C 113 1.92 -7.30 -25.59
N ILE C 114 1.54 -7.85 -26.75
CA ILE C 114 0.17 -7.80 -27.32
C ILE C 114 -0.44 -9.19 -27.20
N LYS C 115 -1.66 -9.29 -26.65
CA LYS C 115 -2.29 -10.61 -26.39
C LYS C 115 -3.42 -10.84 -27.40
N ASP C 116 -3.72 -12.11 -27.69
CA ASP C 116 -4.93 -12.55 -28.42
C ASP C 116 -4.89 -12.06 -29.88
N GLN C 117 -3.71 -11.87 -30.48
CA GLN C 117 -3.62 -11.42 -31.90
C GLN C 117 -2.67 -12.37 -32.62
N LYS C 118 -3.24 -13.28 -33.40
CA LYS C 118 -2.56 -14.42 -34.06
C LYS C 118 -1.42 -13.93 -34.96
N ASN C 119 -1.49 -12.71 -35.50
CA ASN C 119 -0.49 -12.23 -36.48
C ASN C 119 0.49 -11.28 -35.80
N VAL C 120 0.58 -11.31 -34.46
CA VAL C 120 1.52 -10.46 -33.68
C VAL C 120 2.31 -11.35 -32.73
N ALA C 121 3.64 -11.22 -32.77
CA ALA C 121 4.56 -11.81 -31.79
C ALA C 121 5.08 -10.68 -30.91
N SER C 122 5.36 -10.98 -29.65
CA SER C 122 5.88 -10.03 -28.66
C SER C 122 7.21 -10.53 -28.16
N VAL C 123 8.15 -9.62 -27.95
CA VAL C 123 9.52 -9.95 -27.53
C VAL C 123 9.83 -9.09 -26.32
N THR C 124 10.29 -9.71 -25.24
CA THR C 124 10.70 -8.99 -24.01
C THR C 124 12.08 -9.49 -23.63
N PHE C 125 12.84 -8.63 -22.97
CA PHE C 125 14.23 -8.87 -22.52
C PHE C 125 14.26 -8.65 -21.00
N ALA C 126 14.95 -9.54 -20.28
CA ALA C 126 15.12 -9.43 -18.81
C ALA C 126 16.24 -8.41 -18.55
N ASP C 127 15.95 -7.14 -18.85
CA ASP C 127 16.92 -6.02 -18.72
C ASP C 127 17.27 -5.80 -17.23
N ASN C 128 16.43 -6.27 -16.31
CA ASN C 128 16.73 -6.28 -14.86
C ASN C 128 17.98 -7.12 -14.59
N GLU C 129 18.12 -8.26 -15.25
CA GLU C 129 19.26 -9.21 -15.06
C GLU C 129 20.55 -8.57 -15.55
N SER C 130 20.55 -7.94 -16.74
CA SER C 130 21.75 -7.24 -17.28
C SER C 130 22.05 -6.00 -16.43
N GLY C 131 21.01 -5.27 -16.03
CA GLY C 131 21.15 -4.08 -15.16
C GLY C 131 21.81 -4.45 -13.84
N TYR C 132 21.40 -5.57 -13.23
CA TYR C 132 22.02 -6.12 -12.00
C TYR C 132 23.52 -6.26 -12.23
N LEU C 133 23.92 -6.93 -13.30
CA LEU C 133 25.36 -7.16 -13.59
C LEU C 133 26.05 -5.81 -13.71
N ALA C 134 25.44 -4.84 -14.40
CA ALA C 134 26.03 -3.49 -14.53
C ALA C 134 26.15 -2.83 -13.14
N GLY C 135 25.18 -3.07 -12.25
CA GLY C 135 25.23 -2.57 -10.86
C GLY C 135 26.43 -3.14 -10.10
N VAL C 136 26.65 -4.44 -10.20
CA VAL C 136 27.79 -5.15 -9.54
C VAL C 136 29.10 -4.53 -10.04
N ALA C 137 29.23 -4.41 -11.36
CA ALA C 137 30.40 -3.77 -11.99
C ALA C 137 30.58 -2.35 -11.43
N ALA C 138 29.52 -1.54 -11.38
CA ALA C 138 29.60 -0.12 -11.00
C ALA C 138 30.09 -0.01 -9.54
N ALA C 139 29.53 -0.85 -8.67
CA ALA C 139 29.77 -0.91 -7.22
C ALA C 139 31.24 -1.32 -6.96
N LYS C 140 31.81 -2.17 -7.80
CA LYS C 140 33.19 -2.68 -7.64
C LYS C 140 34.21 -1.72 -8.26
N THR C 141 33.80 -0.62 -8.89
CA THR C 141 34.81 0.33 -9.45
C THR C 141 34.64 1.75 -8.89
N THR C 142 33.50 2.11 -8.29
CA THR C 142 33.26 3.51 -7.81
C THR C 142 34.20 3.80 -6.63
N LYS C 143 34.91 4.93 -6.69
CA LYS C 143 35.80 5.43 -5.61
C LYS C 143 35.03 6.46 -4.76
N THR C 144 34.21 7.31 -5.39
CA THR C 144 33.36 8.32 -4.69
C THR C 144 32.21 7.66 -3.93
N LYS C 145 31.93 6.37 -4.17
CA LYS C 145 30.77 5.63 -3.59
C LYS C 145 29.45 6.32 -4.01
N GLN C 146 29.45 6.92 -5.21
CA GLN C 146 28.24 7.57 -5.79
C GLN C 146 28.16 7.28 -7.29
N VAL C 147 27.03 6.72 -7.73
CA VAL C 147 26.78 6.37 -9.16
C VAL C 147 25.46 6.96 -9.65
N GLY C 148 25.42 7.28 -10.95
CA GLY C 148 24.26 7.87 -11.66
C GLY C 148 23.55 6.89 -12.56
N PHE C 149 22.23 7.02 -12.62
CA PHE C 149 21.33 6.33 -13.58
C PHE C 149 20.53 7.40 -14.31
N VAL C 150 20.67 7.46 -15.63
CA VAL C 150 19.91 8.36 -16.54
C VAL C 150 18.93 7.51 -17.34
N GLY C 151 17.66 7.50 -16.94
CA GLY C 151 16.56 6.81 -17.63
C GLY C 151 16.06 7.64 -18.79
N GLY C 152 15.42 7.01 -19.78
CA GLY C 152 14.87 7.74 -20.93
C GLY C 152 13.47 8.24 -20.57
N ILE C 153 12.50 7.34 -20.68
CA ILE C 153 11.06 7.58 -20.36
C ILE C 153 10.66 6.66 -19.21
N GLU C 154 9.96 7.22 -18.23
CA GLU C 154 9.48 6.45 -17.05
C GLU C 154 8.50 5.40 -17.59
N SER C 155 8.74 4.12 -17.30
CA SER C 155 8.05 2.98 -17.95
C SER C 155 8.37 1.67 -17.23
N GLU C 156 7.54 0.66 -17.43
CA GLU C 156 7.76 -0.75 -17.01
C GLU C 156 9.14 -1.22 -17.51
N VAL C 157 9.53 -0.84 -18.73
CA VAL C 157 10.77 -1.31 -19.40
C VAL C 157 11.98 -0.65 -18.70
N ILE C 158 12.00 0.66 -18.53
CA ILE C 158 13.18 1.36 -17.93
C ILE C 158 13.22 1.08 -16.42
N SER C 159 12.08 0.77 -15.78
CA SER C 159 11.97 0.37 -14.34
C SER C 159 12.66 -0.98 -14.12
N ARG C 160 12.58 -1.91 -15.07
CA ARG C 160 13.36 -3.16 -15.02
C ARG C 160 14.85 -2.84 -14.92
N PHE C 161 15.38 -2.03 -15.84
CA PHE C 161 16.81 -1.69 -15.85
C PHE C 161 17.19 -1.04 -14.51
N GLU C 162 16.34 -0.15 -14.01
CA GLU C 162 16.60 0.70 -12.81
C GLU C 162 16.62 -0.21 -11.60
N ALA C 163 15.59 -1.05 -11.45
CA ALA C 163 15.41 -1.96 -10.30
C ALA C 163 16.60 -2.92 -10.23
N GLY C 164 16.95 -3.47 -11.39
CA GLY C 164 18.10 -4.39 -11.55
C GLY C 164 19.37 -3.68 -11.15
N PHE C 165 19.61 -2.50 -11.71
CA PHE C 165 20.85 -1.74 -11.44
C PHE C 165 20.97 -1.44 -9.93
N LYS C 166 19.88 -1.03 -9.29
CA LYS C 166 19.88 -0.66 -7.84
C LYS C 166 20.19 -1.90 -7.01
N ALA C 167 19.51 -3.02 -7.27
CA ALA C 167 19.71 -4.29 -6.56
C ALA C 167 21.17 -4.76 -6.71
N GLY C 168 21.76 -4.59 -7.89
CA GLY C 168 23.15 -5.03 -8.16
C GLY C 168 24.13 -4.21 -7.36
N VAL C 169 23.91 -2.89 -7.29
CA VAL C 169 24.82 -1.96 -6.56
C VAL C 169 24.73 -2.29 -5.06
N ALA C 170 23.52 -2.52 -4.55
CA ALA C 170 23.25 -2.85 -3.12
C ALA C 170 23.86 -4.22 -2.76
N SER C 171 23.93 -5.13 -3.72
CA SER C 171 24.45 -6.48 -3.47
C SER C 171 25.94 -6.42 -3.19
N VAL C 172 26.59 -5.34 -3.59
CA VAL C 172 28.06 -5.21 -3.36
C VAL C 172 28.25 -4.34 -2.13
N ASP C 173 27.67 -3.14 -2.13
CA ASP C 173 27.81 -2.23 -0.98
C ASP C 173 26.57 -1.37 -0.88
N PRO C 174 25.70 -1.58 0.13
CA PRO C 174 24.49 -0.78 0.30
C PRO C 174 24.72 0.72 0.52
N SER C 175 25.87 1.09 1.08
CA SER C 175 26.16 2.53 1.33
C SER C 175 26.17 3.32 0.03
N ILE C 176 26.68 2.75 -1.07
CA ILE C 176 26.74 3.49 -2.37
C ILE C 176 25.40 4.15 -2.71
N LYS C 177 25.44 5.44 -3.00
CA LYS C 177 24.25 6.26 -3.33
C LYS C 177 24.01 6.21 -4.85
N VAL C 178 22.79 5.89 -5.24
CA VAL C 178 22.39 5.80 -6.67
C VAL C 178 21.49 7.00 -6.96
N GLN C 179 22.00 8.03 -7.65
CA GLN C 179 21.17 9.18 -8.09
C GLN C 179 20.44 8.80 -9.38
N VAL C 180 19.10 8.78 -9.34
CA VAL C 180 18.22 8.44 -10.50
C VAL C 180 17.57 9.73 -11.03
N ASP C 181 17.72 9.99 -12.34
CA ASP C 181 17.06 11.09 -13.09
C ASP C 181 16.56 10.56 -14.44
N TYR C 182 15.42 11.06 -14.92
CA TYR C 182 14.78 10.68 -16.20
C TYR C 182 14.80 11.90 -17.15
N ALA C 183 15.21 11.70 -18.39
CA ALA C 183 15.22 12.72 -19.45
C ALA C 183 13.82 12.98 -20.01
N GLY C 184 12.87 12.04 -19.84
CA GLY C 184 11.53 12.06 -20.45
C GLY C 184 11.56 11.86 -21.95
N SER C 185 12.68 11.43 -22.52
CA SER C 185 12.85 11.22 -23.99
C SER C 185 13.99 10.22 -24.26
N PHE C 186 13.87 9.48 -25.38
CA PHE C 186 14.93 8.62 -25.99
C PHE C 186 15.63 9.35 -27.13
N GLY C 187 15.24 10.59 -27.49
CA GLY C 187 15.88 11.31 -28.60
C GLY C 187 16.24 12.76 -28.30
N ASP C 188 16.79 13.09 -27.12
CA ASP C 188 17.29 14.47 -26.83
C ASP C 188 18.61 14.40 -26.04
N ALA C 189 19.69 14.42 -26.80
CA ALA C 189 21.08 14.33 -26.33
C ALA C 189 21.40 15.50 -25.37
N ALA C 190 20.97 16.71 -25.73
CA ALA C 190 21.20 17.94 -24.93
C ALA C 190 20.74 17.70 -23.49
N LYS C 191 19.55 17.10 -23.28
CA LYS C 191 19.02 16.80 -21.92
C LYS C 191 19.88 15.74 -21.22
N GLY C 192 20.43 14.77 -21.99
CA GLY C 192 21.32 13.73 -21.44
C GLY C 192 22.59 14.37 -20.91
N LYS C 193 23.12 15.32 -21.66
CA LYS C 193 24.34 16.10 -21.29
C LYS C 193 24.10 16.86 -19.97
N THR C 194 22.99 17.59 -19.83
CA THR C 194 22.73 18.42 -18.61
C THR C 194 22.50 17.48 -17.42
N ILE C 195 21.79 16.37 -17.57
CA ILE C 195 21.52 15.45 -16.41
C ILE C 195 22.84 14.83 -15.94
N ALA C 196 23.69 14.44 -16.89
CA ALA C 196 25.01 13.82 -16.63
C ALA C 196 25.91 14.85 -15.96
N ALA C 197 25.98 16.07 -16.49
CA ALA C 197 26.77 17.19 -15.93
C ALA C 197 26.42 17.34 -14.45
N ALA C 198 25.13 17.34 -14.12
CA ALA C 198 24.60 17.49 -12.74
C ALA C 198 24.98 16.25 -11.89
N GLN C 199 24.85 15.05 -12.44
CA GLN C 199 25.10 13.80 -11.66
C GLN C 199 26.59 13.71 -11.31
N TYR C 200 27.47 14.06 -12.26
CA TYR C 200 28.95 14.08 -12.10
C TYR C 200 29.33 15.19 -11.10
N ALA C 201 28.88 16.44 -11.34
CA ALA C 201 29.10 17.60 -10.42
C ALA C 201 28.69 17.25 -8.98
N ALA C 202 27.59 16.51 -8.79
CA ALA C 202 27.10 16.07 -7.46
C ALA C 202 27.95 14.92 -6.92
N GLY C 203 28.96 14.45 -7.67
CA GLY C 203 30.03 13.55 -7.20
C GLY C 203 29.90 12.10 -7.66
N ALA C 204 29.04 11.79 -8.64
CA ALA C 204 29.01 10.46 -9.30
C ALA C 204 30.33 10.30 -10.06
N ASP C 205 30.95 9.11 -10.04
CA ASP C 205 32.15 8.81 -10.88
C ASP C 205 31.77 7.79 -11.99
N ILE C 206 30.54 7.27 -11.97
CA ILE C 206 29.99 6.36 -13.00
C ILE C 206 28.52 6.73 -13.29
N VAL C 207 28.16 6.90 -14.57
CA VAL C 207 26.73 7.03 -14.97
C VAL C 207 26.36 5.90 -15.94
N TYR C 208 25.31 5.15 -15.59
CA TYR C 208 24.62 4.19 -16.48
C TYR C 208 23.52 4.97 -17.24
N GLN C 209 23.67 5.04 -18.56
CA GLN C 209 22.66 5.70 -19.41
C GLN C 209 21.77 4.64 -20.07
N VAL C 210 20.48 4.71 -19.77
CA VAL C 210 19.48 3.78 -20.34
C VAL C 210 18.43 4.70 -20.97
N ALA C 211 18.80 5.35 -22.06
CA ALA C 211 17.92 6.38 -22.64
C ALA C 211 18.13 6.48 -24.15
N GLY C 212 18.56 5.40 -24.78
CA GLY C 212 18.74 5.36 -26.24
C GLY C 212 19.64 6.48 -26.71
N GLY C 213 19.21 7.22 -27.74
CA GLY C 213 19.95 8.34 -28.35
C GLY C 213 20.25 9.48 -27.38
N THR C 214 19.37 9.70 -26.39
CA THR C 214 19.57 10.69 -25.31
C THR C 214 20.94 10.45 -24.65
N GLY C 215 21.37 9.18 -24.61
CA GLY C 215 22.63 8.75 -24.00
C GLY C 215 23.82 9.38 -24.69
N ALA C 216 23.75 9.72 -25.99
CA ALA C 216 24.83 10.42 -26.72
C ALA C 216 25.34 11.61 -25.89
N GLY C 217 24.42 12.32 -25.23
CA GLY C 217 24.74 13.49 -24.38
C GLY C 217 25.56 13.09 -23.17
N VAL C 218 25.26 11.94 -22.56
CA VAL C 218 26.00 11.42 -21.38
C VAL C 218 27.44 11.11 -21.78
N PHE C 219 27.64 10.56 -22.98
CA PHE C 219 28.99 10.32 -23.57
C PHE C 219 29.68 11.68 -23.79
N ALA C 220 28.95 12.67 -24.31
CA ALA C 220 29.50 14.00 -24.66
C ALA C 220 30.05 14.68 -23.40
N GLU C 221 29.29 14.63 -22.31
CA GLU C 221 29.64 15.26 -21.02
C GLU C 221 30.88 14.61 -20.42
N ALA C 222 30.89 13.28 -20.26
CA ALA C 222 32.02 12.49 -19.71
C ALA C 222 33.28 12.70 -20.58
N LYS C 223 33.16 12.75 -21.90
CA LYS C 223 34.32 13.02 -22.78
C LYS C 223 34.92 14.40 -22.45
N SER C 224 34.09 15.45 -22.43
CA SER C 224 34.45 16.86 -22.09
C SER C 224 35.15 16.93 -20.72
N LEU C 225 34.56 16.36 -19.66
CA LEU C 225 35.20 16.27 -18.31
C LEU C 225 36.55 15.55 -18.37
N ASN C 226 36.64 14.44 -19.11
CA ASN C 226 37.81 13.50 -19.08
C ASN C 226 38.97 14.07 -19.91
N GLU C 227 38.67 14.84 -20.96
CA GLU C 227 39.67 15.49 -21.84
C GLU C 227 40.37 16.64 -21.10
N SER C 228 39.78 17.14 -20.01
CA SER C 228 40.28 18.27 -19.19
C SER C 228 40.75 17.75 -17.83
N ARG C 229 41.10 16.47 -17.75
CA ARG C 229 41.64 15.84 -16.51
C ARG C 229 42.76 14.85 -16.87
N PRO C 230 43.61 14.44 -15.90
CA PRO C 230 44.48 13.28 -16.09
C PRO C 230 43.70 11.96 -16.23
N GLU C 231 44.28 10.99 -16.94
CA GLU C 231 43.68 9.67 -17.26
C GLU C 231 43.14 9.02 -15.98
N ASN C 232 43.91 9.01 -14.89
CA ASN C 232 43.64 8.21 -13.66
C ASN C 232 42.56 8.86 -12.81
N GLU C 233 42.02 10.02 -13.24
CA GLU C 233 40.91 10.73 -12.52
C GLU C 233 39.65 10.74 -13.40
N LYS C 234 39.59 9.88 -14.43
CA LYS C 234 38.46 9.86 -15.42
C LYS C 234 37.18 9.45 -14.70
N VAL C 235 36.05 9.93 -15.21
CA VAL C 235 34.70 9.40 -14.83
C VAL C 235 34.26 8.43 -15.93
N TRP C 236 33.43 7.46 -15.54
CA TRP C 236 33.00 6.32 -16.37
C TRP C 236 31.54 6.50 -16.85
N VAL C 237 31.26 5.96 -18.03
CA VAL C 237 29.89 5.68 -18.53
CA VAL C 237 29.89 5.69 -18.54
C VAL C 237 29.73 4.17 -18.69
N ILE C 238 28.56 3.65 -18.37
CA ILE C 238 28.16 2.27 -18.68
C ILE C 238 27.25 2.31 -19.92
N GLY C 239 27.69 1.63 -20.98
CA GLY C 239 26.97 1.48 -22.25
C GLY C 239 25.70 0.68 -22.09
N VAL C 240 24.84 0.76 -23.10
CA VAL C 240 23.53 0.09 -23.10
C VAL C 240 23.24 -0.44 -24.51
N ASP C 241 22.56 -1.60 -24.57
CA ASP C 241 21.96 -2.26 -25.77
C ASP C 241 23.05 -2.88 -26.66
N ARG C 242 24.02 -2.08 -27.08
CA ARG C 242 25.19 -2.51 -27.88
C ARG C 242 26.45 -2.35 -27.02
N ASP C 243 27.54 -3.02 -27.41
CA ASP C 243 28.88 -2.76 -26.85
C ASP C 243 29.28 -1.36 -27.33
N GLN C 244 29.27 -0.37 -26.45
CA GLN C 244 29.52 1.05 -26.85
C GLN C 244 30.98 1.45 -26.59
N GLU C 245 31.89 0.48 -26.40
CA GLU C 245 33.34 0.72 -26.16
C GLU C 245 33.79 1.85 -27.08
N ALA C 246 33.44 1.80 -28.37
CA ALA C 246 34.04 2.67 -29.41
C ALA C 246 33.69 4.14 -29.13
N GLU C 247 32.61 4.40 -28.40
CA GLU C 247 32.11 5.77 -28.05
C GLU C 247 32.89 6.33 -26.84
N GLY C 248 33.71 5.51 -26.19
CA GLY C 248 34.40 5.87 -24.94
C GLY C 248 35.83 6.32 -25.15
N LYS C 249 36.26 6.47 -26.41
CA LYS C 249 37.66 6.81 -26.76
C LYS C 249 37.91 8.30 -26.55
N TYR C 250 39.02 8.62 -25.91
CA TYR C 250 39.47 10.02 -25.71
C TYR C 250 40.97 10.06 -25.41
N THR C 251 41.52 11.27 -25.49
CA THR C 251 42.88 11.65 -25.04
C THR C 251 42.75 12.53 -23.78
N SER C 252 43.38 12.11 -22.69
CA SER C 252 43.43 12.82 -21.38
C SER C 252 44.16 14.18 -21.52
N LYS C 253 44.20 14.97 -20.43
CA LYS C 253 44.90 16.28 -20.35
C LYS C 253 46.41 16.04 -20.51
N ASP C 254 46.92 15.00 -19.83
CA ASP C 254 48.34 14.54 -19.87
C ASP C 254 48.60 13.59 -21.04
N GLY C 255 47.93 13.78 -22.19
CA GLY C 255 48.29 13.22 -23.52
C GLY C 255 48.07 11.71 -23.67
N LYS C 256 47.48 11.01 -22.69
CA LYS C 256 47.31 9.53 -22.68
C LYS C 256 45.99 9.13 -23.35
N GLU C 257 46.06 8.37 -24.46
CA GLU C 257 44.88 7.78 -25.16
C GLU C 257 44.25 6.71 -24.25
N SER C 258 42.94 6.76 -24.06
CA SER C 258 42.23 5.93 -23.05
C SER C 258 40.76 5.71 -23.44
N ASN C 259 39.97 5.14 -22.52
CA ASN C 259 38.56 4.78 -22.74
C ASN C 259 37.79 4.94 -21.43
N PHE C 260 36.67 5.66 -21.46
CA PHE C 260 35.81 5.89 -20.26
C PHE C 260 34.56 5.00 -20.27
N VAL C 261 34.40 4.08 -21.23
CA VAL C 261 33.33 3.03 -21.10
C VAL C 261 33.83 1.93 -20.18
N LEU C 262 33.16 1.71 -19.05
CA LEU C 262 33.53 0.68 -18.04
C LEU C 262 33.06 -0.70 -18.52
N VAL C 263 31.83 -0.75 -19.02
CA VAL C 263 31.05 -2.00 -19.20
C VAL C 263 29.85 -1.62 -20.08
N SER C 264 29.23 -2.56 -20.81
CA SER C 264 27.99 -2.27 -21.59
C SER C 264 26.97 -3.36 -21.28
N THR C 265 25.71 -3.02 -21.02
CA THR C 265 24.64 -4.04 -21.03
C THR C 265 24.29 -4.32 -22.48
N LEU C 266 24.03 -5.58 -22.81
CA LEU C 266 23.78 -6.01 -24.20
C LEU C 266 22.33 -6.44 -24.24
N LYS C 267 21.67 -6.10 -25.34
CA LYS C 267 20.28 -6.49 -25.61
C LYS C 267 20.25 -6.82 -27.11
N GLN C 268 20.08 -8.10 -27.44
CA GLN C 268 20.38 -8.62 -28.79
C GLN C 268 19.11 -8.41 -29.65
N VAL C 269 18.74 -7.14 -29.85
CA VAL C 269 17.55 -6.78 -30.66
C VAL C 269 17.80 -7.24 -32.10
N GLY C 270 18.97 -6.94 -32.66
CA GLY C 270 19.39 -7.36 -34.02
C GLY C 270 19.26 -8.87 -34.23
N THR C 271 19.76 -9.64 -33.30
CA THR C 271 19.70 -11.13 -33.34
C THR C 271 18.25 -11.59 -33.40
N THR C 272 17.38 -11.02 -32.58
CA THR C 272 15.94 -11.34 -32.60
C THR C 272 15.33 -10.99 -33.96
N VAL C 273 15.69 -9.84 -34.51
CA VAL C 273 15.09 -9.41 -35.82
C VAL C 273 15.44 -10.44 -36.88
N LYS C 274 16.72 -10.80 -36.94
CA LYS C 274 17.25 -11.79 -37.92
C LYS C 274 16.62 -13.16 -37.69
N ASP C 275 16.55 -13.61 -36.42
CA ASP C 275 16.01 -14.95 -36.05
C ASP C 275 14.54 -15.01 -36.44
N ILE C 276 13.76 -13.99 -36.12
CA ILE C 276 12.29 -14.04 -36.37
C ILE C 276 12.01 -13.90 -37.87
N SER C 277 12.78 -13.08 -38.59
CA SER C 277 12.65 -12.97 -40.06
C SER C 277 12.92 -14.35 -40.70
N ASN C 278 13.97 -15.06 -40.26
CA ASN C 278 14.24 -16.44 -40.74
C ASN C 278 13.08 -17.38 -40.38
N LYS C 279 12.46 -17.25 -39.22
CA LYS C 279 11.36 -18.14 -38.84
C LYS C 279 10.17 -17.87 -39.75
N ALA C 280 9.88 -16.58 -39.99
CA ALA C 280 8.78 -16.17 -40.87
C ALA C 280 8.99 -16.76 -42.27
N GLU C 281 10.21 -16.74 -42.76
CA GLU C 281 10.48 -17.16 -44.14
C GLU C 281 10.29 -18.68 -44.26
N ARG C 282 10.50 -19.44 -43.19
CA ARG C 282 10.27 -20.92 -43.27
CA ARG C 282 10.32 -20.92 -43.12
C ARG C 282 8.89 -21.29 -42.70
N GLY C 283 7.95 -20.34 -42.68
CA GLY C 283 6.53 -20.57 -42.33
C GLY C 283 6.31 -20.90 -40.85
N GLU C 284 7.19 -20.45 -39.95
CA GLU C 284 7.06 -20.63 -38.48
C GLU C 284 7.02 -19.28 -37.75
N PHE C 285 6.39 -18.25 -38.29
CA PHE C 285 6.15 -16.99 -37.55
C PHE C 285 5.48 -17.32 -36.21
N PRO C 286 6.06 -16.91 -35.06
CA PRO C 286 5.48 -17.22 -33.75
C PRO C 286 4.31 -16.30 -33.32
N GLY C 287 3.26 -16.24 -34.15
CA GLY C 287 2.09 -15.39 -33.89
C GLY C 287 1.42 -15.76 -32.58
N GLY C 288 1.03 -14.76 -31.79
CA GLY C 288 0.30 -14.95 -30.52
C GLY C 288 1.22 -15.33 -29.38
N GLN C 289 2.53 -15.47 -29.61
CA GLN C 289 3.46 -15.95 -28.57
C GLN C 289 4.24 -14.77 -28.03
N VAL C 290 4.78 -14.97 -26.83
CA VAL C 290 5.67 -14.02 -26.11
C VAL C 290 7.02 -14.71 -26.04
N ILE C 291 8.03 -14.13 -26.64
CA ILE C 291 9.43 -14.63 -26.61
C ILE C 291 10.18 -13.80 -25.56
N VAL C 292 10.60 -14.47 -24.48
CA VAL C 292 11.36 -13.88 -23.34
C VAL C 292 12.83 -14.27 -23.48
N TYR C 293 13.68 -13.26 -23.65
CA TYR C 293 15.16 -13.39 -23.69
C TYR C 293 15.68 -12.96 -22.31
N SER C 294 16.68 -13.67 -21.82
CA SER C 294 17.24 -13.43 -20.47
C SER C 294 18.73 -13.74 -20.53
N LEU C 295 19.39 -13.65 -19.38
CA LEU C 295 20.82 -14.02 -19.24
C LEU C 295 21.03 -15.46 -19.73
N LYS C 296 20.08 -16.36 -19.47
CA LYS C 296 20.25 -17.83 -19.71
C LYS C 296 20.48 -18.10 -21.20
N ASP C 297 19.78 -17.39 -22.10
CA ASP C 297 19.88 -17.61 -23.57
C ASP C 297 20.77 -16.53 -24.19
N LYS C 298 21.37 -15.68 -23.37
CA LYS C 298 22.28 -14.59 -23.80
C LYS C 298 21.54 -13.58 -24.69
N GLY C 299 20.21 -13.50 -24.60
CA GLY C 299 19.44 -12.37 -25.15
C GLY C 299 19.87 -11.05 -24.52
N VAL C 300 20.21 -11.08 -23.23
CA VAL C 300 20.87 -9.93 -22.54
C VAL C 300 22.22 -10.42 -22.00
N ASP C 301 23.17 -9.52 -21.81
CA ASP C 301 24.49 -9.89 -21.25
C ASP C 301 25.20 -8.62 -20.76
N LEU C 302 26.45 -8.75 -20.37
CA LEU C 302 27.30 -7.61 -20.01
C LEU C 302 28.64 -7.77 -20.71
N ALA C 303 29.06 -6.75 -21.45
CA ALA C 303 30.37 -6.73 -22.12
C ALA C 303 31.35 -6.10 -21.13
N VAL C 304 32.29 -6.86 -20.59
CA VAL C 304 33.24 -6.32 -19.57
C VAL C 304 34.50 -5.76 -20.22
N THR C 305 34.38 -4.71 -21.02
CA THR C 305 35.50 -4.13 -21.78
C THR C 305 36.66 -3.63 -20.93
N ASN C 306 36.38 -2.84 -19.88
CA ASN C 306 37.46 -2.19 -19.11
C ASN C 306 37.24 -2.43 -17.62
N LEU C 307 36.47 -3.46 -17.25
CA LEU C 307 36.26 -3.79 -15.81
C LEU C 307 37.56 -4.40 -15.27
N SER C 308 37.88 -4.12 -14.00
CA SER C 308 38.99 -4.74 -13.23
C SER C 308 38.70 -6.24 -13.07
N GLU C 309 39.74 -7.05 -12.83
CA GLU C 309 39.62 -8.51 -12.66
C GLU C 309 38.72 -8.84 -11.46
N GLU C 310 38.81 -8.08 -10.38
CA GLU C 310 37.94 -8.24 -9.17
C GLU C 310 36.47 -8.03 -9.61
N GLY C 311 36.23 -6.97 -10.39
CA GLY C 311 34.93 -6.66 -11.02
C GLY C 311 34.40 -7.84 -11.83
N LYS C 312 35.21 -8.35 -12.78
CA LYS C 312 34.82 -9.49 -13.65
C LYS C 312 34.44 -10.69 -12.81
N LYS C 313 35.15 -10.94 -11.71
CA LYS C 313 34.88 -12.11 -10.82
C LYS C 313 33.51 -11.92 -10.17
N ALA C 314 33.26 -10.76 -9.55
CA ALA C 314 31.97 -10.42 -8.91
C ALA C 314 30.83 -10.55 -9.94
N VAL C 315 31.05 -10.10 -11.19
CA VAL C 315 30.00 -10.17 -12.27
C VAL C 315 29.72 -11.64 -12.54
N GLU C 316 30.76 -12.45 -12.83
CA GLU C 316 30.61 -13.90 -13.15
C GLU C 316 29.88 -14.59 -12.01
N ASP C 317 30.18 -14.21 -10.75
CA ASP C 317 29.55 -14.82 -9.53
C ASP C 317 28.06 -14.47 -9.55
N ALA C 318 27.74 -13.19 -9.69
CA ALA C 318 26.35 -12.67 -9.76
C ALA C 318 25.60 -13.35 -10.91
N LYS C 319 26.24 -13.51 -12.08
CA LYS C 319 25.61 -14.18 -13.25
C LYS C 319 25.19 -15.60 -12.86
N ALA C 320 26.13 -16.37 -12.32
CA ALA C 320 25.91 -17.76 -11.85
C ALA C 320 24.74 -17.81 -10.86
N LYS C 321 24.67 -16.86 -9.93
CA LYS C 321 23.59 -16.78 -8.90
C LYS C 321 22.23 -16.49 -9.57
N ILE C 322 22.19 -15.69 -10.64
CA ILE C 322 20.92 -15.35 -11.36
C ILE C 322 20.45 -16.59 -12.12
N LEU C 323 21.35 -17.25 -12.84
CA LEU C 323 21.02 -18.48 -13.62
C LEU C 323 20.51 -19.59 -12.68
N ASP C 324 21.11 -19.78 -11.50
CA ASP C 324 20.83 -20.92 -10.58
C ASP C 324 19.52 -20.68 -9.81
N GLY C 325 19.09 -19.42 -9.66
CA GLY C 325 17.87 -19.02 -8.94
C GLY C 325 18.18 -18.52 -7.53
N SER C 326 19.46 -18.55 -7.15
CA SER C 326 19.99 -18.11 -5.83
C SER C 326 19.66 -16.64 -5.56
N VAL C 327 19.75 -15.84 -6.62
CA VAL C 327 19.42 -14.38 -6.64
C VAL C 327 18.22 -14.18 -7.57
N LYS C 328 17.21 -13.47 -7.09
CA LYS C 328 16.02 -13.14 -7.90
C LYS C 328 16.05 -11.64 -8.13
N VAL C 329 16.37 -11.24 -9.35
CA VAL C 329 16.45 -9.78 -9.63
C VAL C 329 15.04 -9.22 -9.72
N PRO C 330 14.74 -8.15 -8.96
CA PRO C 330 13.44 -7.53 -9.00
C PRO C 330 13.20 -6.81 -10.34
N GLU C 331 11.95 -6.74 -10.76
CA GLU C 331 11.56 -6.05 -12.01
C GLU C 331 11.07 -4.64 -11.68
N LYS C 332 10.60 -4.45 -10.45
CA LYS C 332 10.04 -3.18 -9.89
C LYS C 332 8.69 -2.89 -10.56
N SER D 3 68.33 9.88 23.05
CA SER D 3 67.60 8.94 23.93
C SER D 3 68.48 7.71 24.25
N HIS D 4 67.89 6.73 24.96
CA HIS D 4 68.37 5.34 25.24
C HIS D 4 69.31 5.25 26.45
N HIS D 5 70.13 6.26 26.72
CA HIS D 5 70.87 6.40 28.00
C HIS D 5 71.90 5.28 28.15
N HIS D 6 71.97 4.68 29.35
CA HIS D 6 72.91 3.62 29.78
C HIS D 6 72.04 2.54 30.43
N HIS D 7 72.57 1.34 30.66
CA HIS D 7 71.88 0.26 31.41
C HIS D 7 72.93 -0.58 32.13
N HIS D 8 72.54 -1.31 33.17
CA HIS D 8 73.37 -2.19 34.01
C HIS D 8 72.85 -3.65 33.99
N HIS D 9 73.73 -4.65 34.10
CA HIS D 9 73.30 -6.06 34.30
C HIS D 9 73.72 -6.53 35.69
N MET D 10 73.12 -7.64 36.11
CA MET D 10 73.53 -8.44 37.28
C MET D 10 74.25 -9.71 36.81
N SER D 11 75.10 -10.31 37.66
CA SER D 11 76.01 -11.45 37.32
C SER D 11 75.54 -12.78 37.94
N GLY D 12 74.64 -12.72 38.93
CA GLY D 12 74.19 -13.92 39.70
C GLY D 12 73.63 -15.01 38.80
N GLU D 13 73.44 -16.20 39.37
CA GLU D 13 72.80 -17.42 38.79
C GLU D 13 71.68 -17.87 39.73
N ASN D 14 71.33 -17.07 40.75
CA ASN D 14 70.22 -17.40 41.67
C ASN D 14 69.04 -16.44 41.45
N LEU D 15 68.92 -15.85 40.26
CA LEU D 15 67.78 -14.95 39.90
C LEU D 15 66.56 -15.75 39.43
N TYR D 16 65.39 -15.47 40.00
CA TYR D 16 64.10 -16.13 39.68
C TYR D 16 63.03 -15.03 39.54
N PHE D 17 61.99 -15.27 38.72
CA PHE D 17 60.79 -14.39 38.73
C PHE D 17 59.55 -15.21 39.05
N GLN D 18 58.76 -14.61 39.94
CA GLN D 18 57.40 -15.03 40.35
C GLN D 18 56.51 -14.82 39.13
N GLY D 19 55.79 -15.86 38.73
CA GLY D 19 54.83 -15.76 37.63
C GLY D 19 53.48 -15.36 38.19
N ALA D 20 52.47 -15.23 37.33
CA ALA D 20 51.09 -14.95 37.76
C ALA D 20 50.48 -16.23 38.30
N SER D 21 49.47 -16.09 39.15
CA SER D 21 48.54 -17.17 39.52
C SER D 21 47.13 -16.73 39.08
N ALA D 22 46.48 -17.52 38.23
CA ALA D 22 45.26 -17.11 37.52
C ALA D 22 44.13 -18.07 37.87
N ALA D 23 42.96 -17.49 38.18
CA ALA D 23 41.72 -18.21 38.51
C ALA D 23 40.59 -17.62 37.67
N ILE D 24 39.61 -18.47 37.34
CA ILE D 24 38.32 -18.03 36.76
C ILE D 24 37.26 -18.19 37.87
N VAL D 25 36.38 -17.19 38.00
CA VAL D 25 35.11 -17.31 38.75
C VAL D 25 33.94 -17.38 37.75
N THR D 26 33.20 -18.49 37.75
CA THR D 26 32.01 -18.71 36.88
C THR D 26 30.85 -17.87 37.42
N ASP D 27 29.90 -17.52 36.55
CA ASP D 27 28.67 -16.74 36.90
C ASP D 27 27.55 -17.73 37.25
N THR D 28 27.68 -18.98 36.80
CA THR D 28 26.78 -20.14 37.08
C THR D 28 27.44 -21.37 36.49
N GLY D 29 27.21 -22.54 37.08
CA GLY D 29 27.61 -23.83 36.48
C GLY D 29 29.11 -24.07 36.56
N GLY D 30 29.51 -25.31 36.28
CA GLY D 30 30.91 -25.74 36.31
C GLY D 30 31.61 -25.42 35.00
N VAL D 31 32.69 -26.14 34.75
CA VAL D 31 33.60 -25.94 33.59
C VAL D 31 33.34 -27.06 32.58
N ASP D 32 32.12 -27.64 32.63
CA ASP D 32 31.64 -28.75 31.76
C ASP D 32 30.32 -28.38 31.06
N ASP D 33 30.07 -27.08 30.85
CA ASP D 33 28.89 -26.53 30.11
C ASP D 33 29.04 -26.70 28.58
N LYS D 34 30.13 -27.29 28.12
CA LYS D 34 30.44 -27.54 26.68
C LYS D 34 30.48 -26.24 25.89
N SER D 35 30.36 -25.12 26.59
CA SER D 35 30.29 -23.81 25.91
C SER D 35 31.19 -22.75 26.56
N PHE D 36 30.58 -21.74 27.14
CA PHE D 36 31.29 -20.56 27.67
C PHE D 36 32.29 -20.85 28.79
N ASN D 37 31.90 -21.58 29.82
CA ASN D 37 32.79 -21.81 30.98
C ASN D 37 33.88 -22.79 30.58
N GLN D 38 33.49 -23.77 29.79
CA GLN D 38 34.44 -24.80 29.34
C GLN D 38 35.53 -24.15 28.48
N SER D 39 35.17 -23.23 27.58
CA SER D 39 36.14 -22.51 26.72
C SER D 39 37.16 -21.77 27.62
N ALA D 40 36.68 -20.98 28.57
CA ALA D 40 37.49 -20.24 29.57
C ALA D 40 38.43 -21.23 30.28
N TRP D 41 37.88 -22.35 30.73
CA TRP D 41 38.61 -23.33 31.57
C TRP D 41 39.70 -24.01 30.74
N GLU D 42 39.38 -24.42 29.51
CA GLU D 42 40.34 -25.09 28.61
C GLU D 42 41.50 -24.13 28.36
N GLY D 43 41.21 -22.84 28.29
CA GLY D 43 42.24 -21.82 28.09
C GLY D 43 43.19 -21.74 29.27
N LEU D 44 42.60 -21.73 30.47
CA LEU D 44 43.36 -21.57 31.73
C LEU D 44 44.20 -22.81 31.93
N GLN D 45 43.68 -24.00 31.58
CA GLN D 45 44.41 -25.28 31.66
C GLN D 45 45.59 -25.24 30.68
N ALA D 46 45.40 -24.73 29.47
CA ALA D 46 46.49 -24.65 28.45
C ALA D 46 47.57 -23.66 28.93
N TRP D 47 47.17 -22.54 29.51
CA TRP D 47 48.11 -21.59 30.16
C TRP D 47 48.88 -22.30 31.29
N GLY D 48 48.18 -23.07 32.14
CA GLY D 48 48.76 -23.81 33.28
C GLY D 48 49.78 -24.83 32.82
N LYS D 49 49.46 -25.61 31.80
CA LYS D 49 50.38 -26.59 31.16
C LYS D 49 51.65 -25.88 30.67
N GLU D 50 51.51 -24.72 30.01
CA GLU D 50 52.63 -23.94 29.43
C GLU D 50 53.58 -23.51 30.56
N HIS D 51 53.04 -23.25 31.76
CA HIS D 51 53.77 -22.72 32.95
C HIS D 51 54.07 -23.82 33.98
N ASN D 52 53.84 -25.09 33.65
CA ASN D 52 54.21 -26.27 34.48
C ASN D 52 53.46 -26.20 35.80
N LEU D 53 52.18 -25.80 35.72
CA LEU D 53 51.24 -25.71 36.87
C LEU D 53 50.20 -26.83 36.77
N SER D 54 49.41 -27.03 37.82
CA SER D 54 48.29 -28.00 37.89
C SER D 54 47.14 -27.42 38.73
N LYS D 55 45.96 -28.01 38.63
CA LYS D 55 44.73 -27.47 39.29
C LYS D 55 45.01 -27.32 40.79
N ASP D 56 44.69 -26.14 41.34
CA ASP D 56 44.89 -25.74 42.77
C ASP D 56 46.38 -25.58 43.09
N ASN D 57 47.26 -25.61 42.08
CA ASN D 57 48.73 -25.35 42.21
C ASN D 57 49.19 -24.41 41.08
N GLY D 58 48.59 -23.21 41.01
CA GLY D 58 48.95 -22.17 40.03
C GLY D 58 47.73 -21.64 39.30
N PHE D 59 46.70 -22.47 39.13
CA PHE D 59 45.41 -22.09 38.49
C PHE D 59 44.28 -22.94 39.06
N THR D 60 43.07 -22.37 39.02
CA THR D 60 41.85 -23.09 39.45
C THR D 60 40.60 -22.30 39.03
N TYR D 61 39.44 -22.93 39.18
CA TYR D 61 38.11 -22.30 38.96
C TYR D 61 37.32 -22.34 40.26
N PHE D 62 36.53 -21.30 40.50
CA PHE D 62 35.51 -21.24 41.56
C PHE D 62 34.14 -21.23 40.89
N GLN D 63 33.39 -22.33 41.08
CA GLN D 63 32.00 -22.48 40.61
C GLN D 63 31.06 -21.64 41.47
N SER D 64 30.40 -20.63 40.90
CA SER D 64 29.25 -19.92 41.51
C SER D 64 27.98 -20.72 41.20
N THR D 65 27.08 -20.90 42.17
CA THR D 65 25.73 -21.50 41.99
C THR D 65 24.68 -20.38 41.88
N SER D 66 24.93 -19.21 42.48
CA SER D 66 24.00 -18.06 42.55
C SER D 66 24.78 -16.75 42.62
N GLU D 67 24.08 -15.62 42.53
CA GLU D 67 24.66 -14.25 42.65
C GLU D 67 25.26 -14.03 44.04
N ALA D 68 24.73 -14.71 45.07
CA ALA D 68 25.21 -14.64 46.48
C ALA D 68 26.61 -15.26 46.62
N ASP D 69 27.01 -16.15 45.70
CA ASP D 69 28.33 -16.85 45.74
C ASP D 69 29.45 -15.96 45.15
N TYR D 70 29.12 -14.94 44.35
CA TYR D 70 30.10 -14.16 43.55
C TYR D 70 31.17 -13.54 44.46
N ALA D 71 30.73 -12.71 45.41
CA ALA D 71 31.59 -11.98 46.38
C ALA D 71 32.44 -12.99 47.18
N ASN D 72 31.87 -14.12 47.60
CA ASN D 72 32.58 -15.16 48.40
C ASN D 72 33.67 -15.83 47.53
N ASN D 73 33.33 -16.16 46.28
CA ASN D 73 34.27 -16.80 45.33
C ASN D 73 35.40 -15.81 44.97
N LEU D 74 35.10 -14.53 44.74
CA LEU D 74 36.11 -13.51 44.42
C LEU D 74 37.04 -13.27 45.62
N GLN D 75 36.52 -13.28 46.84
CA GLN D 75 37.34 -13.07 48.08
C GLN D 75 38.26 -14.28 48.26
N GLN D 76 37.76 -15.50 48.10
CA GLN D 76 38.58 -16.73 48.16
C GLN D 76 39.72 -16.67 47.13
N ALA D 77 39.41 -16.30 45.88
CA ALA D 77 40.39 -16.21 44.77
C ALA D 77 41.52 -15.24 45.11
N ALA D 78 41.23 -14.09 45.74
CA ALA D 78 42.22 -13.04 46.11
C ALA D 78 43.21 -13.56 47.15
N GLY D 79 42.91 -14.68 47.83
CA GLY D 79 43.81 -15.36 48.77
C GLY D 79 45.08 -15.84 48.10
N SER D 80 44.97 -16.49 46.94
CA SER D 80 46.07 -17.25 46.27
C SER D 80 46.36 -16.78 44.83
N TYR D 81 45.49 -15.97 44.21
CA TYR D 81 45.55 -15.65 42.76
C TYR D 81 45.71 -14.14 42.61
N ASN D 82 46.58 -13.69 41.70
CA ASN D 82 46.78 -12.23 41.45
C ASN D 82 46.26 -11.86 40.06
N LEU D 83 45.65 -12.80 39.34
CA LEU D 83 44.91 -12.51 38.09
C LEU D 83 43.58 -13.25 38.12
N ILE D 84 42.48 -12.50 38.19
CA ILE D 84 41.14 -13.12 38.47
C ILE D 84 40.21 -12.73 37.32
N PHE D 85 39.66 -13.75 36.65
CA PHE D 85 38.72 -13.63 35.51
C PHE D 85 37.29 -13.83 36.02
N GLY D 86 36.49 -12.77 35.97
CA GLY D 86 35.03 -12.83 36.08
C GLY D 86 34.43 -13.21 34.74
N VAL D 87 34.02 -14.47 34.58
CA VAL D 87 33.57 -15.04 33.29
C VAL D 87 32.04 -14.91 33.22
N GLY D 88 31.57 -13.78 32.68
CA GLY D 88 30.14 -13.49 32.45
C GLY D 88 29.80 -12.08 32.90
N PHE D 89 28.90 -11.41 32.17
CA PHE D 89 28.42 -10.02 32.44
C PHE D 89 27.77 -9.90 33.83
N ALA D 90 27.27 -11.00 34.41
CA ALA D 90 26.56 -11.04 35.73
C ALA D 90 27.54 -10.71 36.87
N LEU D 91 28.83 -10.94 36.66
CA LEU D 91 29.91 -10.70 37.67
C LEU D 91 30.32 -9.22 37.71
N ASN D 92 29.77 -8.36 36.85
CA ASN D 92 30.21 -6.94 36.72
C ASN D 92 30.33 -6.27 38.09
N ASN D 93 29.26 -6.20 38.89
CA ASN D 93 29.21 -5.45 40.17
C ASN D 93 30.24 -6.03 41.14
N ALA D 94 30.21 -7.36 41.35
CA ALA D 94 31.11 -8.10 42.27
C ALA D 94 32.58 -7.93 41.89
N VAL D 95 32.92 -7.88 40.60
CA VAL D 95 34.31 -7.67 40.13
C VAL D 95 34.71 -6.22 40.41
N LYS D 96 33.80 -5.26 40.20
CA LYS D 96 34.04 -3.82 40.43
C LYS D 96 34.42 -3.59 41.90
N ASP D 97 33.73 -4.24 42.84
CA ASP D 97 33.94 -4.05 44.31
C ASP D 97 35.19 -4.82 44.78
N ALA D 98 35.49 -5.97 44.18
CA ALA D 98 36.70 -6.77 44.49
C ALA D 98 37.95 -6.01 44.02
N ALA D 99 37.90 -5.38 42.84
CA ALA D 99 39.02 -4.59 42.26
C ALA D 99 39.34 -3.38 43.14
N LYS D 100 38.33 -2.77 43.78
CA LYS D 100 38.49 -1.59 44.66
C LYS D 100 39.09 -2.01 46.02
N GLU D 101 38.72 -3.19 46.53
CA GLU D 101 39.26 -3.79 47.79
C GLU D 101 40.74 -4.18 47.60
N HIS D 102 41.10 -4.73 46.44
CA HIS D 102 42.44 -5.32 46.15
C HIS D 102 43.06 -4.62 44.94
N THR D 103 43.59 -3.42 45.12
CA THR D 103 44.16 -2.57 44.03
C THR D 103 45.50 -3.12 43.57
N ASP D 104 46.07 -4.08 44.31
CA ASP D 104 47.37 -4.75 44.02
C ASP D 104 47.14 -5.92 43.04
N LEU D 105 45.92 -6.45 42.95
CA LEU D 105 45.57 -7.61 42.09
C LEU D 105 44.97 -7.10 40.78
N ASN D 106 45.01 -7.94 39.74
CA ASN D 106 44.46 -7.63 38.40
C ASN D 106 43.20 -8.46 38.16
N TYR D 107 42.18 -7.84 37.58
CA TYR D 107 40.85 -8.46 37.32
C TYR D 107 40.49 -8.28 35.85
N VAL D 108 39.89 -9.32 35.29
CA VAL D 108 39.35 -9.30 33.90
C VAL D 108 37.86 -9.61 33.98
N LEU D 109 37.04 -8.73 33.40
CA LEU D 109 35.60 -9.00 33.20
C LEU D 109 35.39 -9.44 31.75
N ILE D 110 34.82 -10.62 31.59
CA ILE D 110 34.49 -11.14 30.25
C ILE D 110 33.01 -10.86 29.97
N ASP D 111 32.75 -10.23 28.83
CA ASP D 111 31.42 -9.86 28.25
C ASP D 111 30.86 -8.56 28.80
N ASP D 112 31.62 -7.81 29.60
CA ASP D 112 31.10 -6.51 30.08
C ASP D 112 32.23 -5.50 30.26
N VAL D 113 31.90 -4.23 30.30
CA VAL D 113 32.90 -3.14 30.52
C VAL D 113 32.77 -2.61 31.95
N ILE D 114 33.91 -2.48 32.64
CA ILE D 114 34.10 -1.65 33.86
C ILE D 114 35.03 -0.49 33.47
N LYS D 115 34.67 0.75 33.79
CA LYS D 115 35.43 1.96 33.38
C LYS D 115 36.13 2.54 34.62
N ASP D 116 37.26 3.22 34.39
CA ASP D 116 37.98 4.06 35.39
C ASP D 116 38.51 3.19 36.54
N GLN D 117 38.97 1.97 36.24
CA GLN D 117 39.59 1.04 37.22
C GLN D 117 40.85 0.44 36.59
N LYS D 118 42.03 0.92 37.02
CA LYS D 118 43.33 0.68 36.35
C LYS D 118 43.83 -0.75 36.61
N ASN D 119 43.21 -1.48 37.55
CA ASN D 119 43.50 -2.92 37.75
C ASN D 119 42.36 -3.80 37.17
N VAL D 120 41.57 -3.27 36.23
CA VAL D 120 40.50 -4.07 35.56
C VAL D 120 40.63 -3.92 34.05
N ALA D 121 40.73 -5.04 33.36
CA ALA D 121 40.55 -5.14 31.89
C ALA D 121 39.13 -5.65 31.61
N SER D 122 38.56 -5.17 30.52
CA SER D 122 37.21 -5.56 30.03
C SER D 122 37.37 -6.16 28.64
N VAL D 123 36.70 -7.29 28.42
CA VAL D 123 36.79 -8.05 27.15
C VAL D 123 35.37 -8.21 26.61
N THR D 124 35.18 -7.79 25.36
CA THR D 124 33.89 -7.95 24.65
C THR D 124 34.18 -8.68 23.34
N PHE D 125 33.16 -9.40 22.89
CA PHE D 125 33.15 -10.13 21.60
C PHE D 125 32.01 -9.59 20.75
N ALA D 126 32.25 -9.46 19.44
CA ALA D 126 31.22 -9.08 18.44
C ALA D 126 30.42 -10.33 18.09
N ASP D 127 29.62 -10.81 19.05
CA ASP D 127 28.81 -12.04 18.93
C ASP D 127 27.70 -11.81 17.90
N ASN D 128 27.33 -10.55 17.67
CA ASN D 128 26.40 -10.12 16.59
C ASN D 128 26.98 -10.60 15.25
N GLU D 129 28.30 -10.49 15.04
CA GLU D 129 28.97 -10.83 13.77
C GLU D 129 28.98 -12.34 13.55
N SER D 130 29.33 -13.12 14.58
CA SER D 130 29.30 -14.60 14.50
C SER D 130 27.83 -15.08 14.35
N GLY D 131 26.90 -14.46 15.08
CA GLY D 131 25.44 -14.74 15.01
C GLY D 131 24.89 -14.51 13.61
N TYR D 132 25.29 -13.42 12.95
CA TYR D 132 24.97 -13.12 11.53
C TYR D 132 25.35 -14.33 10.67
N LEU D 133 26.60 -14.77 10.77
CA LEU D 133 27.08 -15.91 9.97
C LEU D 133 26.23 -17.15 10.27
N ALA D 134 25.86 -17.39 11.55
CA ALA D 134 24.98 -18.53 11.93
C ALA D 134 23.61 -18.38 11.27
N GLY D 135 23.04 -17.17 11.26
CA GLY D 135 21.77 -16.85 10.57
C GLY D 135 21.82 -17.17 9.08
N VAL D 136 22.86 -16.70 8.38
CA VAL D 136 23.08 -16.98 6.93
C VAL D 136 23.03 -18.49 6.75
N ALA D 137 23.83 -19.23 7.52
CA ALA D 137 23.91 -20.71 7.46
C ALA D 137 22.52 -21.30 7.69
N ALA D 138 21.79 -20.84 8.70
CA ALA D 138 20.46 -21.37 9.07
C ALA D 138 19.51 -21.18 7.89
N ALA D 139 19.45 -19.95 7.37
CA ALA D 139 18.58 -19.53 6.24
C ALA D 139 18.83 -20.43 5.02
N LYS D 140 20.10 -20.80 4.77
CA LYS D 140 20.51 -21.58 3.57
C LYS D 140 20.31 -23.08 3.79
N THR D 141 19.78 -23.54 4.91
CA THR D 141 19.55 -25.01 5.08
C THR D 141 18.10 -25.29 5.50
N THR D 142 17.36 -24.33 6.04
CA THR D 142 16.00 -24.59 6.59
C THR D 142 15.08 -24.97 5.42
N LYS D 143 14.34 -26.07 5.56
CA LYS D 143 13.32 -26.52 4.57
C LYS D 143 11.93 -26.04 5.00
N THR D 144 11.65 -26.01 6.31
CA THR D 144 10.37 -25.53 6.91
C THR D 144 10.28 -24.00 6.86
N LYS D 145 11.37 -23.30 6.50
CA LYS D 145 11.45 -21.80 6.52
C LYS D 145 11.07 -21.29 7.92
N GLN D 146 11.38 -22.07 8.96
CA GLN D 146 11.16 -21.69 10.37
C GLN D 146 12.37 -22.12 11.21
N VAL D 147 12.92 -21.17 11.97
CA VAL D 147 14.13 -21.42 12.83
C VAL D 147 13.88 -20.86 14.24
N GLY D 148 14.57 -21.44 15.22
CA GLY D 148 14.44 -21.14 16.66
C GLY D 148 15.72 -20.54 17.23
N PHE D 149 15.55 -19.55 18.11
CA PHE D 149 16.62 -18.95 18.95
C PHE D 149 16.26 -19.13 20.42
N VAL D 150 17.06 -19.87 21.18
CA VAL D 150 16.88 -20.08 22.64
C VAL D 150 17.96 -19.27 23.39
N GLY D 151 17.59 -18.11 23.90
CA GLY D 151 18.49 -17.28 24.73
C GLY D 151 18.53 -17.83 26.14
N GLY D 152 19.56 -17.47 26.91
CA GLY D 152 19.64 -17.82 28.35
C GLY D 152 18.99 -16.73 29.18
N ILE D 153 19.61 -15.55 29.27
CA ILE D 153 19.12 -14.43 30.11
C ILE D 153 19.02 -13.17 29.26
N GLU D 154 17.85 -12.55 29.20
CA GLU D 154 17.63 -11.30 28.44
C GLU D 154 18.67 -10.29 28.91
N SER D 155 19.46 -9.75 27.99
CA SER D 155 20.66 -8.91 28.27
C SER D 155 21.20 -8.29 26.98
N GLU D 156 21.97 -7.21 27.12
CA GLU D 156 22.78 -6.57 26.03
C GLU D 156 23.59 -7.67 25.29
N VAL D 157 24.15 -8.62 26.04
CA VAL D 157 25.10 -9.65 25.51
C VAL D 157 24.32 -10.63 24.63
N ILE D 158 23.23 -11.19 25.13
CA ILE D 158 22.43 -12.18 24.34
C ILE D 158 21.69 -11.44 23.23
N SER D 159 21.33 -10.17 23.41
CA SER D 159 20.68 -9.31 22.38
C SER D 159 21.61 -9.10 21.18
N ARG D 160 22.92 -9.07 21.39
CA ARG D 160 23.91 -9.00 20.28
C ARG D 160 23.79 -10.25 19.42
N PHE D 161 23.80 -11.43 20.03
CA PHE D 161 23.68 -12.74 19.34
C PHE D 161 22.35 -12.78 18.57
N GLU D 162 21.26 -12.38 19.23
CA GLU D 162 19.86 -12.44 18.72
C GLU D 162 19.73 -11.48 17.52
N ALA D 163 20.13 -10.22 17.68
CA ALA D 163 20.06 -9.17 16.64
C ALA D 163 20.84 -9.65 15.41
N GLY D 164 22.07 -10.12 15.61
CA GLY D 164 22.93 -10.63 14.54
C GLY D 164 22.29 -11.82 13.86
N PHE D 165 21.76 -12.76 14.63
CA PHE D 165 21.16 -14.00 14.09
C PHE D 165 20.00 -13.61 13.15
N LYS D 166 19.11 -12.75 13.63
CA LYS D 166 17.92 -12.28 12.89
C LYS D 166 18.36 -11.60 11.60
N ALA D 167 19.31 -10.67 11.66
CA ALA D 167 19.81 -9.90 10.49
C ALA D 167 20.42 -10.86 9.46
N GLY D 168 21.09 -11.92 9.92
CA GLY D 168 21.72 -12.91 9.03
C GLY D 168 20.69 -13.74 8.29
N VAL D 169 19.62 -14.16 8.99
CA VAL D 169 18.51 -14.96 8.39
C VAL D 169 17.80 -14.08 7.34
N ALA D 170 17.51 -12.82 7.68
CA ALA D 170 16.81 -11.84 6.83
C ALA D 170 17.65 -11.46 5.60
N SER D 171 18.98 -11.41 5.72
CA SER D 171 19.90 -11.08 4.60
C SER D 171 19.74 -12.08 3.44
N VAL D 172 19.32 -13.32 3.73
CA VAL D 172 19.16 -14.46 2.76
C VAL D 172 17.70 -14.58 2.31
N ASP D 173 16.72 -14.42 3.23
CA ASP D 173 15.28 -14.64 2.96
C ASP D 173 14.44 -14.08 4.12
N PRO D 174 13.90 -12.84 4.00
CA PRO D 174 13.07 -12.26 5.06
C PRO D 174 11.75 -13.01 5.38
N SER D 175 11.30 -13.90 4.50
CA SER D 175 10.08 -14.75 4.68
C SER D 175 10.26 -15.71 5.87
N ILE D 176 11.51 -16.12 6.16
CA ILE D 176 11.83 -17.11 7.21
C ILE D 176 11.43 -16.52 8.56
N LYS D 177 10.63 -17.27 9.33
CA LYS D 177 10.16 -16.90 10.68
C LYS D 177 11.24 -17.32 11.68
N VAL D 178 11.61 -16.42 12.60
CA VAL D 178 12.57 -16.69 13.70
C VAL D 178 11.82 -16.63 15.03
N GLN D 179 11.61 -17.78 15.67
CA GLN D 179 10.93 -17.83 16.99
C GLN D 179 12.00 -17.64 18.08
N VAL D 180 11.84 -16.58 18.88
CA VAL D 180 12.77 -16.22 19.99
C VAL D 180 12.14 -16.53 21.35
N ASP D 181 12.80 -17.34 22.17
CA ASP D 181 12.39 -17.66 23.55
C ASP D 181 13.62 -17.62 24.46
N TYR D 182 13.43 -17.16 25.70
CA TYR D 182 14.50 -17.05 26.73
C TYR D 182 14.15 -17.96 27.91
N ALA D 183 15.13 -18.72 28.38
CA ALA D 183 15.01 -19.67 29.50
C ALA D 183 15.02 -18.92 30.83
N GLY D 184 15.60 -17.72 30.88
CA GLY D 184 15.87 -16.97 32.11
C GLY D 184 17.01 -17.57 32.95
N SER D 185 17.88 -18.40 32.37
CA SER D 185 19.02 -19.06 33.09
C SER D 185 20.04 -19.68 32.11
N PHE D 186 21.31 -19.69 32.51
CA PHE D 186 22.44 -20.33 31.79
C PHE D 186 22.71 -21.71 32.38
N GLY D 187 21.98 -22.16 33.41
CA GLY D 187 22.27 -23.45 34.05
C GLY D 187 21.04 -24.31 34.28
N ASP D 188 20.11 -24.34 33.31
CA ASP D 188 18.77 -25.00 33.44
C ASP D 188 18.45 -25.82 32.19
N ALA D 189 19.04 -27.02 32.07
CA ALA D 189 18.94 -27.93 30.90
C ALA D 189 17.49 -28.38 30.68
N ALA D 190 16.74 -28.64 31.75
CA ALA D 190 15.31 -29.07 31.71
C ALA D 190 14.49 -28.01 30.96
N LYS D 191 14.74 -26.73 31.22
CA LYS D 191 14.05 -25.59 30.57
C LYS D 191 14.48 -25.46 29.10
N GLY D 192 15.74 -25.75 28.79
CA GLY D 192 16.25 -25.75 27.40
C GLY D 192 15.54 -26.82 26.58
N LYS D 193 15.31 -27.98 27.20
CA LYS D 193 14.61 -29.15 26.58
C LYS D 193 13.16 -28.77 26.25
N THR D 194 12.42 -28.17 27.20
CA THR D 194 10.98 -27.84 26.99
C THR D 194 10.88 -26.74 25.92
N ILE D 195 11.76 -25.73 25.94
CA ILE D 195 11.70 -24.63 24.92
C ILE D 195 12.03 -25.19 23.54
N ALA D 196 12.98 -26.12 23.45
CA ALA D 196 13.42 -26.71 22.17
C ALA D 196 12.29 -27.60 21.63
N ALA D 197 11.70 -28.44 22.48
CA ALA D 197 10.53 -29.30 22.16
C ALA D 197 9.42 -28.44 21.53
N ALA D 198 9.09 -27.31 22.14
CA ALA D 198 8.03 -26.38 21.66
C ALA D 198 8.42 -25.73 20.32
N GLN D 199 9.66 -25.24 20.19
CA GLN D 199 10.13 -24.55 18.96
C GLN D 199 10.09 -25.54 17.78
N TYR D 200 10.55 -26.78 17.97
CA TYR D 200 10.56 -27.87 16.96
C TYR D 200 9.10 -28.30 16.64
N ALA D 201 8.28 -28.57 17.65
CA ALA D 201 6.85 -28.95 17.51
C ALA D 201 6.06 -27.87 16.74
N ALA D 202 6.38 -26.59 16.93
CA ALA D 202 5.81 -25.43 16.20
C ALA D 202 6.42 -25.32 14.79
N GLY D 203 7.33 -26.24 14.42
CA GLY D 203 7.78 -26.46 13.02
C GLY D 203 9.16 -25.87 12.69
N ALA D 204 9.95 -25.44 13.68
CA ALA D 204 11.36 -25.04 13.46
C ALA D 204 12.12 -26.31 13.07
N ASP D 205 13.02 -26.25 12.08
CA ASP D 205 13.92 -27.41 11.74
C ASP D 205 15.37 -27.10 12.19
N ILE D 206 15.62 -25.88 12.68
CA ILE D 206 16.96 -25.48 13.21
C ILE D 206 16.77 -24.64 14.48
N VAL D 207 17.49 -24.98 15.54
CA VAL D 207 17.55 -24.15 16.77
C VAL D 207 19.00 -23.74 17.07
N TYR D 208 19.21 -22.42 17.18
CA TYR D 208 20.42 -21.76 17.72
C TYR D 208 20.25 -21.57 19.23
N GLN D 209 21.01 -22.33 20.00
CA GLN D 209 20.97 -22.22 21.47
C GLN D 209 22.13 -21.34 21.94
N VAL D 210 21.80 -20.24 22.59
CA VAL D 210 22.76 -19.25 23.16
C VAL D 210 22.36 -19.09 24.62
N ALA D 211 22.62 -20.13 25.41
CA ALA D 211 22.19 -20.16 26.81
C ALA D 211 23.13 -21.01 27.66
N GLY D 212 24.39 -21.11 27.26
CA GLY D 212 25.40 -21.88 28.00
C GLY D 212 24.94 -23.31 28.19
N GLY D 213 25.00 -23.77 29.45
CA GLY D 213 24.66 -25.13 29.90
C GLY D 213 23.18 -25.46 29.74
N THR D 214 22.29 -24.45 29.77
CA THR D 214 20.86 -24.59 29.41
C THR D 214 20.74 -25.29 28.04
N GLY D 215 21.69 -25.02 27.14
CA GLY D 215 21.75 -25.61 25.79
C GLY D 215 21.81 -27.13 25.81
N ALA D 216 22.34 -27.76 26.87
CA ALA D 216 22.46 -29.23 26.97
C ALA D 216 21.07 -29.87 26.76
N GLY D 217 20.03 -29.16 27.18
CA GLY D 217 18.62 -29.56 26.96
C GLY D 217 18.25 -29.54 25.49
N VAL D 218 18.68 -28.51 24.76
CA VAL D 218 18.35 -28.37 23.32
C VAL D 218 18.99 -29.53 22.57
N PHE D 219 20.22 -29.90 22.91
CA PHE D 219 20.91 -31.08 22.31
C PHE D 219 20.15 -32.37 22.62
N ALA D 220 19.69 -32.52 23.88
CA ALA D 220 18.93 -33.68 24.40
C ALA D 220 17.62 -33.84 23.60
N GLU D 221 16.90 -32.74 23.38
CA GLU D 221 15.60 -32.75 22.66
C GLU D 221 15.85 -33.22 21.22
N ALA D 222 16.76 -32.54 20.49
CA ALA D 222 17.07 -32.82 19.07
C ALA D 222 17.57 -34.26 18.94
N LYS D 223 18.40 -34.74 19.86
CA LYS D 223 18.88 -36.15 19.83
C LYS D 223 17.69 -37.12 19.89
N SER D 224 16.78 -36.93 20.88
CA SER D 224 15.52 -37.71 21.07
C SER D 224 14.68 -37.71 19.78
N LEU D 225 14.32 -36.55 19.25
CA LEU D 225 13.56 -36.42 17.98
C LEU D 225 14.27 -37.24 16.88
N ASN D 226 15.59 -37.06 16.75
CA ASN D 226 16.35 -37.50 15.54
C ASN D 226 16.55 -39.03 15.61
N GLU D 227 16.67 -39.58 16.82
CA GLU D 227 16.83 -41.04 17.06
C GLU D 227 15.56 -41.80 16.64
N SER D 228 14.40 -41.13 16.64
CA SER D 228 13.07 -41.73 16.30
C SER D 228 12.64 -41.30 14.88
N ARG D 229 13.58 -40.88 14.02
CA ARG D 229 13.30 -40.48 12.61
C ARG D 229 14.38 -41.01 11.68
N PRO D 230 14.14 -41.07 10.35
CA PRO D 230 15.20 -41.32 9.38
C PRO D 230 16.20 -40.15 9.28
N GLU D 231 17.45 -40.47 8.95
CA GLU D 231 18.61 -39.54 8.91
C GLU D 231 18.26 -38.26 8.13
N ASN D 232 17.61 -38.40 6.96
CA ASN D 232 17.36 -37.30 5.98
C ASN D 232 16.26 -36.34 6.49
N GLU D 233 15.55 -36.70 7.57
CA GLU D 233 14.46 -35.86 8.17
C GLU D 233 14.90 -35.28 9.52
N LYS D 234 16.20 -35.29 9.83
CA LYS D 234 16.73 -34.78 11.14
C LYS D 234 16.41 -33.30 11.25
N VAL D 235 16.23 -32.82 12.49
CA VAL D 235 16.27 -31.37 12.84
C VAL D 235 17.68 -31.01 13.30
N TRP D 236 18.08 -29.74 13.12
CA TRP D 236 19.46 -29.24 13.38
C TRP D 236 19.51 -28.42 14.67
N VAL D 237 20.68 -28.45 15.33
CA VAL D 237 21.08 -27.49 16.39
C VAL D 237 22.29 -26.71 15.87
N ILE D 238 22.37 -25.43 16.23
CA ILE D 238 23.59 -24.60 15.99
C ILE D 238 24.33 -24.45 17.33
N GLY D 239 25.60 -24.83 17.33
CA GLY D 239 26.46 -24.75 18.53
C GLY D 239 26.77 -23.31 18.88
N VAL D 240 27.35 -23.12 20.07
CA VAL D 240 27.73 -21.76 20.56
C VAL D 240 29.00 -21.86 21.40
N ASP D 241 29.86 -20.84 21.28
CA ASP D 241 31.11 -20.60 22.05
C ASP D 241 32.21 -21.57 21.59
N ARG D 242 31.97 -22.87 21.67
CA ARG D 242 32.90 -23.94 21.22
C ARG D 242 32.32 -24.60 19.96
N ASP D 243 33.18 -25.27 19.18
CA ASP D 243 32.76 -26.23 18.13
C ASP D 243 32.09 -27.39 18.87
N GLN D 244 30.76 -27.49 18.83
CA GLN D 244 29.99 -28.50 19.61
C GLN D 244 29.63 -29.70 18.71
N GLU D 245 30.33 -29.91 17.60
CA GLU D 245 30.12 -31.05 16.67
C GLU D 245 29.99 -32.34 17.46
N ALA D 246 30.82 -32.56 18.49
CA ALA D 246 30.91 -33.85 19.19
C ALA D 246 29.60 -34.14 19.93
N GLU D 247 28.84 -33.12 20.31
CA GLU D 247 27.58 -33.27 21.09
C GLU D 247 26.44 -33.69 20.16
N GLY D 248 26.63 -33.61 18.85
CA GLY D 248 25.56 -33.82 17.86
C GLY D 248 25.50 -35.23 17.33
N LYS D 249 26.34 -36.13 17.84
CA LYS D 249 26.44 -37.53 17.34
C LYS D 249 25.20 -38.30 17.78
N TYR D 250 24.63 -39.07 16.86
CA TYR D 250 23.46 -39.95 17.11
C TYR D 250 23.37 -41.04 16.04
N THR D 251 22.49 -42.00 16.30
CA THR D 251 22.07 -43.07 15.36
C THR D 251 20.59 -42.85 15.04
N SER D 252 20.26 -42.75 13.75
CA SER D 252 18.88 -42.53 13.23
C SER D 252 18.02 -43.77 13.48
N LYS D 253 16.73 -43.69 13.15
CA LYS D 253 15.78 -44.84 13.24
C LYS D 253 16.25 -45.96 12.31
N ASP D 254 16.66 -45.58 11.08
CA ASP D 254 17.10 -46.51 10.00
C ASP D 254 18.60 -46.82 10.14
N GLY D 255 19.15 -46.81 11.37
CA GLY D 255 20.45 -47.41 11.74
C GLY D 255 21.68 -46.70 11.14
N LYS D 256 21.56 -45.45 10.69
CA LYS D 256 22.67 -44.63 10.13
C LYS D 256 23.25 -43.71 11.22
N GLU D 257 24.55 -43.87 11.51
CA GLU D 257 25.33 -42.97 12.40
C GLU D 257 25.45 -41.61 11.70
N SER D 258 25.13 -40.52 12.40
CA SER D 258 25.05 -39.16 11.80
C SER D 258 25.35 -38.09 12.86
N ASN D 259 25.07 -36.83 12.49
CA ASN D 259 25.36 -35.62 13.31
C ASN D 259 24.33 -34.53 12.99
N PHE D 260 23.70 -33.93 14.01
CA PHE D 260 22.65 -32.88 13.88
C PHE D 260 23.17 -31.49 14.25
N VAL D 261 24.46 -31.35 14.53
CA VAL D 261 25.06 -29.98 14.64
C VAL D 261 25.31 -29.45 13.21
N LEU D 262 24.64 -28.37 12.83
CA LEU D 262 24.79 -27.77 11.46
C LEU D 262 26.12 -27.02 11.41
N VAL D 263 26.36 -26.20 12.42
CA VAL D 263 27.36 -25.11 12.44
C VAL D 263 27.51 -24.69 13.92
N SER D 264 28.64 -24.12 14.36
CA SER D 264 28.80 -23.54 15.72
C SER D 264 29.37 -22.13 15.61
N THR D 265 28.82 -21.17 16.34
CA THR D 265 29.54 -19.89 16.54
C THR D 265 30.66 -20.14 17.55
N LEU D 266 31.84 -19.59 17.28
CA LEU D 266 33.04 -19.70 18.13
C LEU D 266 33.18 -18.36 18.85
N LYS D 267 33.59 -18.45 20.11
CA LYS D 267 33.95 -17.30 20.98
C LYS D 267 35.22 -17.70 21.74
N GLN D 268 36.35 -17.11 21.40
CA GLN D 268 37.67 -17.66 21.79
C GLN D 268 37.99 -17.17 23.21
N VAL D 269 37.20 -17.61 24.19
CA VAL D 269 37.31 -17.17 25.62
C VAL D 269 38.62 -17.75 26.19
N GLY D 270 38.87 -19.03 25.98
CA GLY D 270 40.11 -19.73 26.38
C GLY D 270 41.34 -18.98 25.90
N THR D 271 41.40 -18.66 24.62
CA THR D 271 42.53 -17.94 23.99
C THR D 271 42.75 -16.60 24.69
N THR D 272 41.68 -15.85 24.96
CA THR D 272 41.80 -14.56 25.69
C THR D 272 42.39 -14.80 27.09
N VAL D 273 41.91 -15.82 27.79
CA VAL D 273 42.36 -16.13 29.17
C VAL D 273 43.87 -16.38 29.10
N LYS D 274 44.32 -17.23 28.17
CA LYS D 274 45.74 -17.60 28.00
C LYS D 274 46.57 -16.37 27.59
N ASP D 275 46.08 -15.56 26.64
CA ASP D 275 46.83 -14.39 26.12
C ASP D 275 47.01 -13.36 27.25
N ILE D 276 45.96 -13.08 28.03
CA ILE D 276 46.02 -12.02 29.07
C ILE D 276 46.86 -12.52 30.25
N SER D 277 46.74 -13.79 30.61
CA SER D 277 47.55 -14.41 31.67
C SER D 277 49.04 -14.25 31.34
N ASN D 278 49.42 -14.52 30.10
CA ASN D 278 50.83 -14.39 29.63
C ASN D 278 51.21 -12.91 29.70
N LYS D 279 50.35 -11.99 29.26
CA LYS D 279 50.67 -10.55 29.29
C LYS D 279 50.90 -10.13 30.74
N ALA D 280 50.03 -10.56 31.67
CA ALA D 280 50.13 -10.26 33.11
C ALA D 280 51.51 -10.70 33.62
N GLU D 281 51.93 -11.92 33.28
CA GLU D 281 53.17 -12.53 33.82
C GLU D 281 54.37 -11.69 33.34
N ARG D 282 54.29 -11.11 32.14
CA ARG D 282 55.36 -10.31 31.48
C ARG D 282 55.32 -8.83 31.88
N GLY D 283 54.51 -8.46 32.88
CA GLY D 283 54.38 -7.07 33.38
C GLY D 283 53.62 -6.14 32.44
N GLU D 284 52.75 -6.66 31.55
CA GLU D 284 51.98 -5.85 30.55
C GLU D 284 50.47 -6.10 30.67
N PHE D 285 49.92 -6.26 31.88
CA PHE D 285 48.45 -6.38 32.08
C PHE D 285 47.77 -5.16 31.48
N PRO D 286 46.75 -5.33 30.58
CA PRO D 286 46.06 -4.19 29.95
C PRO D 286 44.96 -3.54 30.81
N GLY D 287 45.33 -3.12 32.03
CA GLY D 287 44.44 -2.45 33.00
C GLY D 287 43.81 -1.21 32.41
N GLY D 288 42.50 -1.03 32.67
CA GLY D 288 41.73 0.16 32.26
C GLY D 288 41.39 0.13 30.78
N GLN D 289 41.79 -0.91 30.06
CA GLN D 289 41.52 -1.03 28.60
C GLN D 289 40.27 -1.89 28.37
N VAL D 290 39.65 -1.67 27.22
CA VAL D 290 38.55 -2.50 26.65
C VAL D 290 39.17 -3.23 25.48
N ILE D 291 39.19 -4.56 25.53
CA ILE D 291 39.67 -5.40 24.40
C ILE D 291 38.45 -5.90 23.63
N VAL D 292 38.35 -5.50 22.36
CA VAL D 292 37.22 -5.90 21.45
C VAL D 292 37.75 -6.93 20.45
N TYR D 293 37.22 -8.14 20.57
CA TYR D 293 37.45 -9.25 19.61
C TYR D 293 36.26 -9.28 18.66
N SER D 294 36.55 -9.57 17.40
CA SER D 294 35.55 -9.54 16.31
C SER D 294 35.93 -10.59 15.28
N LEU D 295 35.20 -10.64 14.17
CA LEU D 295 35.50 -11.54 13.03
C LEU D 295 36.91 -11.25 12.49
N LYS D 296 37.33 -9.97 12.49
CA LYS D 296 38.60 -9.50 11.85
C LYS D 296 39.80 -10.23 12.48
N ASP D 297 39.86 -10.29 13.81
CA ASP D 297 40.99 -10.90 14.56
C ASP D 297 40.64 -12.35 14.95
N LYS D 298 39.51 -12.88 14.47
CA LYS D 298 39.08 -14.30 14.66
C LYS D 298 38.85 -14.61 16.14
N GLY D 299 38.54 -13.60 16.95
CA GLY D 299 38.03 -13.74 18.33
C GLY D 299 36.65 -14.40 18.32
N VAL D 300 35.83 -14.11 17.31
CA VAL D 300 34.59 -14.87 17.00
C VAL D 300 34.74 -15.44 15.60
N ASP D 301 34.02 -16.51 15.30
CA ASP D 301 34.05 -17.18 13.99
C ASP D 301 32.86 -18.15 13.89
N LEU D 302 32.77 -18.87 12.76
CA LEU D 302 31.79 -19.94 12.55
C LEU D 302 32.53 -21.20 12.13
N ALA D 303 32.27 -22.30 12.84
CA ALA D 303 32.74 -23.63 12.41
C ALA D 303 31.63 -24.11 11.46
N VAL D 304 31.97 -24.54 10.26
CA VAL D 304 31.00 -24.87 9.19
C VAL D 304 30.91 -26.39 9.01
N THR D 305 30.97 -27.11 10.13
CA THR D 305 31.03 -28.59 10.22
C THR D 305 30.07 -29.36 9.28
N ASN D 306 28.78 -29.08 9.27
CA ASN D 306 27.90 -29.96 8.45
C ASN D 306 27.07 -29.10 7.52
N LEU D 307 27.57 -27.93 7.20
CA LEU D 307 26.88 -26.99 6.28
C LEU D 307 27.08 -27.47 4.83
N SER D 308 26.04 -27.31 4.00
CA SER D 308 26.07 -27.52 2.53
C SER D 308 27.07 -26.55 1.89
N GLU D 309 27.55 -26.90 0.70
CA GLU D 309 28.50 -26.08 -0.12
C GLU D 309 27.86 -24.72 -0.45
N GLU D 310 26.57 -24.67 -0.78
CA GLU D 310 25.86 -23.40 -1.05
C GLU D 310 25.82 -22.57 0.24
N GLY D 311 25.61 -23.22 1.40
CA GLY D 311 25.71 -22.60 2.73
C GLY D 311 27.10 -22.01 2.98
N LYS D 312 28.16 -22.78 2.74
CA LYS D 312 29.56 -22.34 2.98
C LYS D 312 29.87 -21.09 2.14
N LYS D 313 29.41 -21.07 0.88
CA LYS D 313 29.65 -19.93 -0.06
C LYS D 313 28.97 -18.70 0.52
N ALA D 314 27.70 -18.81 0.92
CA ALA D 314 26.93 -17.67 1.50
C ALA D 314 27.60 -17.16 2.78
N VAL D 315 28.20 -18.06 3.59
CA VAL D 315 28.89 -17.66 4.85
C VAL D 315 30.17 -16.90 4.47
N GLU D 316 31.03 -17.49 3.64
CA GLU D 316 32.26 -16.85 3.12
C GLU D 316 31.94 -15.45 2.56
N ASP D 317 30.89 -15.33 1.75
CA ASP D 317 30.48 -14.04 1.11
C ASP D 317 30.09 -13.00 2.16
N ALA D 318 29.25 -13.40 3.13
CA ALA D 318 28.79 -12.55 4.25
C ALA D 318 30.00 -12.14 5.12
N LYS D 319 30.92 -13.07 5.37
CA LYS D 319 32.13 -12.78 6.20
C LYS D 319 32.91 -11.66 5.52
N ALA D 320 33.24 -11.83 4.23
CA ALA D 320 33.93 -10.81 3.39
C ALA D 320 33.21 -9.45 3.51
N LYS D 321 31.89 -9.43 3.44
CA LYS D 321 31.10 -8.15 3.45
C LYS D 321 31.17 -7.52 4.84
N ILE D 322 31.26 -8.31 5.91
CA ILE D 322 31.37 -7.79 7.31
C ILE D 322 32.75 -7.15 7.47
N LEU D 323 33.80 -7.81 6.99
CA LEU D 323 35.21 -7.36 7.15
C LEU D 323 35.45 -6.08 6.36
N ASP D 324 34.84 -5.97 5.16
CA ASP D 324 35.04 -4.82 4.23
C ASP D 324 34.22 -3.60 4.68
N GLY D 325 33.17 -3.80 5.49
CA GLY D 325 32.30 -2.72 5.99
C GLY D 325 31.01 -2.65 5.19
N SER D 326 30.94 -3.39 4.07
CA SER D 326 29.78 -3.47 3.14
C SER D 326 28.49 -3.76 3.91
N VAL D 327 28.50 -4.73 4.83
CA VAL D 327 27.36 -5.05 5.75
C VAL D 327 27.73 -4.61 7.17
N LYS D 328 26.87 -3.81 7.80
CA LYS D 328 27.01 -3.43 9.23
C LYS D 328 25.95 -4.20 10.03
N VAL D 329 26.40 -5.16 10.83
CA VAL D 329 25.53 -6.05 11.65
C VAL D 329 25.01 -5.21 12.82
N PRO D 330 23.68 -5.18 13.06
CA PRO D 330 23.14 -4.48 14.23
C PRO D 330 23.54 -5.21 15.52
N GLU D 331 23.44 -4.53 16.65
CA GLU D 331 23.82 -5.13 17.94
C GLU D 331 22.59 -5.16 18.85
N LYS D 332 21.68 -4.19 18.67
CA LYS D 332 20.47 -4.11 19.50
C LYS D 332 19.23 -4.15 18.61
#